data_7A6U
#
_entry.id   7A6U
#
_cell.length_a   1.00
_cell.length_b   1.00
_cell.length_c   1.00
_cell.angle_alpha   90.00
_cell.angle_beta   90.00
_cell.angle_gamma   90.00
#
_symmetry.space_group_name_H-M   'P 1'
#
loop_
_entity.id
_entity.type
_entity.pdbx_description
1 polymer 'Short transient receptor potential channel 6'
2 non-polymer 'UNKNOWN ATOM OR ION'
#
_entity_poly.entity_id   1
_entity_poly.type   'polypeptide(L)'
_entity_poly.pdbx_seq_one_letter_code
;MSQSPAFGPRRGSSPRGAAGAAARRNESQDYLLMDSELGEDGCPQAPLPCYGYYPCFRGSDNRLAHRRQTVLREKGRRLA
NRGPAYMFSDRSTSLSIEEERFLDAAEYGNIPVVRKMLEECHSLNVNCVDYMGQNALQLAVANEHLEITELLLKKENLSR
VGDALLLAISKGYVRIVEAILSHPAFAEGKRLATSPSQSELQQDDFYAYDEDGTRFSHDVTPIILAAHCQEYEIVHTLLR
KGARIERPHDYFCKCNDCNQKQKHDSFSHSRSRINAYKGLASPAYLSLSSEDPVMTALELSNELAVLANIEKEFKNDYKK
LSMQCKDFVVGLLDLCRNTEEVEAILNGDVETLQSGDHGRPNLSRLKLAIKYEVKKFVAHPNCQQQLLSIWYENLSGLRQ
QTMAVKFLVVLAVAIGLPFLALIYWFAPCSKMGKIMRGPFMKFVAHAASFTIFLGLLVMNAADRFEGTKLLPNETSTDNA
KQLFRMKTSCFSWMEMLIISWVIGMIWAECKEIWTQGPKEYLFELWNMLDFGMLAIFAASFIARFMAFWHASKAQSIIDA
NDTLKDLTKVTLGDNVKYYNLARIKWDPSDPQIISEGLYAIAVVLSFSRIAYILPANESFGPLQISLGRTVKDIFKFMVI
FIMVFVAFMIGMFNLYSYYIGAKQNEAFTTVEESFKTLFWAIFGLSEVKSVVINYNHKFIENIGYVLYGVYNVTMVIVLL
NMLIAMINSSFQEIEDDADVEWKFARAKLWFSYFEEGRTLPVPFNLVPSPKSLFYLLLKLKKWISELFQGHKKGFQEDAE
MNKINEEKKLGILGSHEDLSKLSLDKKQVGHNKQPSIRSSEDFHLNSFNNPPRQYQKIMKRLIKRYVLQAQIDKESDEVN
EGELKEIKQDISSLRYELLEEKSQNTEDLAELIRELGEKLSMEPNQEETNRAENLYFQSHHHHHHHHHHDYKDDDDK
;
_entity_poly.pdbx_strand_id   A,B,C,D
#
loop_
_chem_comp.id
_chem_comp.type
_chem_comp.name
_chem_comp.formula
UNX non-polymer 'UNKNOWN ATOM OR ION' ?
#
# COMPACT_ATOMS: atom_id res chain seq x y z
N TYR A 86 17.03 -36.26 -7.12
CA TYR A 86 15.85 -35.99 -7.94
C TYR A 86 15.47 -34.51 -7.85
N MET A 87 16.16 -33.81 -6.96
CA MET A 87 15.88 -32.40 -6.74
C MET A 87 16.38 -31.55 -7.91
N PHE A 88 15.67 -30.47 -8.19
CA PHE A 88 16.14 -29.43 -9.10
C PHE A 88 16.89 -28.40 -8.26
N SER A 89 18.18 -28.23 -8.56
CA SER A 89 18.99 -27.22 -7.93
C SER A 89 20.00 -26.69 -8.93
N ASP A 90 20.05 -25.37 -9.10
CA ASP A 90 20.98 -24.79 -10.05
C ASP A 90 22.40 -24.77 -9.50
N ARG A 91 22.59 -24.26 -8.29
CA ARG A 91 23.90 -24.23 -7.66
C ARG A 91 24.25 -25.64 -7.23
N SER A 92 25.08 -26.31 -8.03
CA SER A 92 25.46 -27.68 -7.74
C SER A 92 26.39 -27.75 -6.53
N THR A 93 27.23 -26.74 -6.36
CA THR A 93 28.08 -26.66 -5.19
C THR A 93 27.29 -26.07 -4.04
N SER A 94 27.38 -26.72 -2.87
CA SER A 94 26.76 -26.19 -1.67
C SER A 94 27.42 -24.88 -1.26
N LEU A 95 26.62 -23.98 -0.70
CA LEU A 95 27.03 -22.60 -0.49
C LEU A 95 27.68 -22.46 0.88
N SER A 96 28.81 -21.74 0.92
CA SER A 96 29.50 -21.50 2.17
C SER A 96 28.74 -20.49 3.02
N ILE A 97 29.14 -20.40 4.28
CA ILE A 97 28.46 -19.52 5.24
C ILE A 97 28.72 -18.06 4.91
N GLU A 98 29.92 -17.76 4.38
CA GLU A 98 30.22 -16.41 3.91
C GLU A 98 29.30 -16.02 2.77
N GLU A 99 29.17 -16.89 1.77
CA GLU A 99 28.30 -16.61 0.64
C GLU A 99 26.84 -16.58 1.06
N GLU A 100 26.47 -17.38 2.05
CA GLU A 100 25.10 -17.33 2.56
C GLU A 100 24.78 -16.00 3.24
N ARG A 101 25.63 -15.55 4.15
CA ARG A 101 25.40 -14.25 4.79
C ARG A 101 25.45 -13.11 3.79
N PHE A 102 26.36 -13.19 2.81
CA PHE A 102 26.45 -12.16 1.80
C PHE A 102 25.22 -12.15 0.90
N LEU A 103 24.66 -13.30 0.56
CA LEU A 103 23.53 -13.31 -0.35
C LEU A 103 22.23 -12.95 0.34
N ASP A 104 22.04 -13.36 1.60
CA ASP A 104 20.87 -12.86 2.34
C ASP A 104 20.98 -11.38 2.62
N ALA A 105 22.20 -10.88 2.86
CA ALA A 105 22.37 -9.45 3.07
C ALA A 105 22.15 -8.68 1.78
N ALA A 106 22.50 -9.27 0.64
CA ALA A 106 22.24 -8.59 -0.62
C ALA A 106 20.78 -8.71 -1.02
N GLU A 107 20.09 -9.73 -0.52
CA GLU A 107 18.67 -9.85 -0.82
C GLU A 107 17.86 -8.85 -0.01
N TYR A 108 18.20 -8.67 1.26
CA TYR A 108 17.41 -7.79 2.09
C TYR A 108 18.09 -6.46 2.39
N GLY A 109 19.00 -6.02 1.53
CA GLY A 109 19.53 -4.67 1.56
C GLY A 109 20.32 -4.29 2.79
N ASN A 110 20.93 -5.27 3.44
CA ASN A 110 21.70 -5.02 4.65
C ASN A 110 23.03 -4.41 4.25
N ILE A 111 23.02 -3.07 4.12
CA ILE A 111 24.18 -2.34 3.59
C ILE A 111 25.47 -2.53 4.38
N PRO A 112 25.52 -2.35 5.71
CA PRO A 112 26.85 -2.30 6.36
C PRO A 112 27.54 -3.65 6.46
N VAL A 113 26.80 -4.75 6.58
CA VAL A 113 27.47 -6.04 6.60
C VAL A 113 27.96 -6.39 5.21
N VAL A 114 27.33 -5.83 4.17
CA VAL A 114 27.87 -5.98 2.83
C VAL A 114 29.15 -5.18 2.66
N ARG A 115 29.23 -3.98 3.26
CA ARG A 115 30.49 -3.25 3.31
C ARG A 115 31.57 -4.04 4.04
N LYS A 116 31.22 -4.65 5.16
CA LYS A 116 32.15 -5.45 5.93
C LYS A 116 32.62 -6.68 5.16
N MET A 117 31.71 -7.35 4.45
CA MET A 117 32.10 -8.54 3.69
C MET A 117 32.89 -8.17 2.44
N LEU A 118 32.64 -6.98 1.88
CA LEU A 118 33.41 -6.55 0.73
C LEU A 118 34.79 -6.06 1.11
N GLU A 119 35.00 -5.66 2.37
CA GLU A 119 36.31 -5.19 2.80
C GLU A 119 37.15 -6.26 3.46
N GLU A 120 36.62 -6.96 4.47
CA GLU A 120 37.46 -7.78 5.32
C GLU A 120 37.68 -9.18 4.74
N CYS A 121 36.83 -9.59 3.80
CA CYS A 121 36.88 -10.96 3.30
C CYS A 121 37.46 -10.96 1.89
N HIS A 122 38.72 -11.37 1.76
CA HIS A 122 39.39 -11.44 0.46
C HIS A 122 39.25 -12.82 -0.18
N SER A 123 38.43 -13.69 0.39
CA SER A 123 38.13 -14.98 -0.20
C SER A 123 36.65 -15.05 -0.59
N LEU A 124 36.03 -13.90 -0.78
CA LEU A 124 34.60 -13.81 -1.05
C LEU A 124 34.40 -13.68 -2.56
N ASN A 125 33.97 -14.78 -3.18
CA ASN A 125 33.63 -14.75 -4.60
C ASN A 125 32.34 -13.98 -4.80
N VAL A 126 32.43 -12.76 -5.32
CA VAL A 126 31.25 -11.92 -5.52
C VAL A 126 30.39 -12.36 -6.69
N ASN A 127 30.83 -13.34 -7.46
CA ASN A 127 30.04 -13.94 -8.52
C ASN A 127 29.29 -15.17 -8.02
N CYS A 128 29.06 -15.27 -6.72
CA CYS A 128 28.29 -16.38 -6.18
C CYS A 128 26.84 -16.27 -6.60
N VAL A 129 26.16 -17.42 -6.61
CA VAL A 129 24.77 -17.45 -7.03
C VAL A 129 23.92 -18.03 -5.91
N ASP A 130 22.65 -17.67 -5.90
CA ASP A 130 21.69 -18.17 -4.93
C ASP A 130 21.21 -19.56 -5.32
N TYR A 131 20.12 -19.98 -4.67
CA TYR A 131 19.52 -21.26 -5.04
C TYR A 131 18.93 -21.23 -6.44
N MET A 132 18.44 -20.07 -6.88
CA MET A 132 17.96 -19.98 -8.25
C MET A 132 19.08 -19.85 -9.26
N GLY A 133 20.19 -19.22 -8.88
CA GLY A 133 21.27 -19.05 -9.83
C GLY A 133 21.56 -17.60 -10.16
N GLN A 134 21.06 -16.67 -9.37
CA GLN A 134 21.21 -15.25 -9.64
C GLN A 134 22.28 -14.64 -8.75
N ASN A 135 22.93 -13.61 -9.28
CA ASN A 135 24.06 -12.96 -8.65
C ASN A 135 23.58 -12.06 -7.53
N ALA A 136 24.53 -11.58 -6.73
CA ALA A 136 24.21 -10.61 -5.69
C ALA A 136 23.78 -9.28 -6.29
N LEU A 137 24.31 -8.94 -7.46
CA LEU A 137 23.85 -7.73 -8.13
C LEU A 137 22.42 -7.90 -8.62
N GLN A 138 22.07 -9.08 -9.11
CA GLN A 138 20.70 -9.31 -9.57
C GLN A 138 19.73 -9.33 -8.40
N LEU A 139 20.14 -9.93 -7.28
CA LEU A 139 19.28 -9.93 -6.10
C LEU A 139 19.16 -8.54 -5.51
N ALA A 140 20.20 -7.73 -5.64
CA ALA A 140 20.15 -6.37 -5.13
C ALA A 140 19.30 -5.48 -6.01
N VAL A 141 19.33 -5.70 -7.32
CA VAL A 141 18.53 -4.89 -8.23
C VAL A 141 17.06 -5.28 -8.14
N ALA A 142 16.78 -6.58 -7.95
CA ALA A 142 15.41 -7.07 -8.02
C ALA A 142 14.57 -6.59 -6.85
N ASN A 143 15.21 -6.16 -5.75
CA ASN A 143 14.47 -5.68 -4.59
C ASN A 143 14.59 -4.18 -4.39
N GLU A 144 15.17 -3.44 -5.36
CA GLU A 144 15.39 -2.00 -5.28
C GLU A 144 16.19 -1.60 -4.05
N HIS A 145 17.46 -1.98 -4.02
CA HIS A 145 18.38 -1.39 -3.07
C HIS A 145 19.44 -0.64 -3.87
N LEU A 146 19.39 0.68 -3.80
CA LEU A 146 20.26 1.50 -4.62
C LEU A 146 21.67 1.54 -4.07
N GLU A 147 21.80 1.62 -2.74
CA GLU A 147 23.10 1.82 -2.11
C GLU A 147 24.02 0.63 -2.30
N ILE A 148 23.50 -0.58 -2.14
CA ILE A 148 24.32 -1.77 -2.37
C ILE A 148 24.58 -1.95 -3.86
N THR A 149 23.73 -1.40 -4.73
CA THR A 149 24.00 -1.50 -6.16
C THR A 149 25.16 -0.59 -6.55
N GLU A 150 25.21 0.62 -5.99
CA GLU A 150 26.38 1.48 -6.16
C GLU A 150 27.63 0.83 -5.56
N LEU A 151 27.47 0.21 -4.39
CA LEU A 151 28.61 -0.40 -3.71
C LEU A 151 29.15 -1.59 -4.49
N LEU A 152 28.26 -2.37 -5.10
CA LEU A 152 28.71 -3.50 -5.90
C LEU A 152 29.31 -3.04 -7.21
N LEU A 153 28.81 -1.92 -7.75
CA LEU A 153 29.39 -1.39 -8.98
C LEU A 153 30.75 -0.75 -8.72
N LYS A 154 31.05 -0.43 -7.46
CA LYS A 154 32.42 -0.03 -7.12
C LYS A 154 33.41 -1.16 -7.35
N LYS A 155 32.97 -2.41 -7.20
CA LYS A 155 33.82 -3.55 -7.49
C LYS A 155 34.00 -3.72 -8.99
N GLU A 156 35.03 -4.49 -9.37
CA GLU A 156 35.40 -4.60 -10.78
C GLU A 156 35.38 -6.03 -11.31
N ASN A 157 35.28 -7.04 -10.44
CA ASN A 157 35.16 -8.41 -10.92
C ASN A 157 33.72 -8.81 -11.16
N LEU A 158 32.80 -7.85 -11.16
CA LEU A 158 31.38 -8.15 -11.24
C LEU A 158 31.00 -8.61 -12.63
N SER A 159 30.00 -9.48 -12.69
CA SER A 159 29.51 -10.01 -13.95
C SER A 159 27.99 -9.86 -13.99
N ARG A 160 27.44 -10.15 -15.17
CA ARG A 160 26.01 -10.09 -15.46
C ARG A 160 25.43 -8.71 -15.18
N VAL A 161 26.18 -7.68 -15.55
CA VAL A 161 25.73 -6.31 -15.32
C VAL A 161 24.64 -5.94 -16.30
N GLY A 162 24.74 -6.44 -17.53
CA GLY A 162 23.76 -6.11 -18.55
C GLY A 162 22.39 -6.69 -18.23
N ASP A 163 22.37 -7.87 -17.63
CA ASP A 163 21.07 -8.40 -17.23
C ASP A 163 20.54 -7.68 -16.01
N ALA A 164 21.42 -7.13 -15.17
CA ALA A 164 20.94 -6.28 -14.08
C ALA A 164 20.31 -5.01 -14.63
N LEU A 165 20.89 -4.45 -15.69
CA LEU A 165 20.29 -3.30 -16.36
C LEU A 165 18.95 -3.66 -16.98
N LEU A 166 18.88 -4.84 -17.60
CA LEU A 166 17.62 -5.28 -18.19
C LEU A 166 16.54 -5.52 -17.14
N LEU A 167 16.93 -6.06 -15.98
CA LEU A 167 15.94 -6.29 -14.92
C LEU A 167 15.48 -4.98 -14.31
N ALA A 168 16.40 -4.03 -14.13
CA ALA A 168 16.03 -2.74 -13.57
C ALA A 168 15.16 -1.94 -14.54
N ILE A 169 15.36 -2.14 -15.84
CA ILE A 169 14.46 -1.53 -16.81
C ILE A 169 13.10 -2.22 -16.78
N SER A 170 13.09 -3.55 -16.68
CA SER A 170 11.86 -4.32 -16.73
C SER A 170 10.97 -4.08 -15.53
N LYS A 171 11.54 -3.78 -14.37
CA LYS A 171 10.74 -3.39 -13.24
C LYS A 171 10.61 -1.89 -13.11
N GLY A 172 11.45 -1.13 -13.80
CA GLY A 172 11.32 0.31 -13.82
C GLY A 172 11.86 1.03 -12.61
N TYR A 173 13.09 0.70 -12.21
CA TYR A 173 13.75 1.41 -11.12
C TYR A 173 14.70 2.43 -11.75
N VAL A 174 14.35 3.70 -11.57
CA VAL A 174 14.98 4.76 -12.36
C VAL A 174 16.40 5.03 -11.87
N ARG A 175 16.57 5.20 -10.57
CA ARG A 175 17.90 5.51 -10.02
C ARG A 175 18.87 4.35 -10.17
N ILE A 176 18.37 3.12 -10.15
CA ILE A 176 19.24 1.97 -10.35
C ILE A 176 19.71 1.93 -11.80
N VAL A 177 18.86 2.34 -12.74
CA VAL A 177 19.25 2.40 -14.14
C VAL A 177 20.28 3.51 -14.34
N GLU A 178 20.04 4.68 -13.76
CA GLU A 178 20.98 5.78 -13.92
C GLU A 178 22.26 5.57 -13.12
N ALA A 179 22.28 4.63 -12.19
CA ALA A 179 23.52 4.23 -11.54
C ALA A 179 24.25 3.12 -12.26
N ILE A 180 23.51 2.21 -12.90
CA ILE A 180 24.14 1.14 -13.66
C ILE A 180 24.75 1.69 -14.94
N LEU A 181 24.15 2.73 -15.51
CA LEU A 181 24.69 3.28 -16.75
C LEU A 181 25.98 4.07 -16.53
N SER A 182 26.43 4.23 -15.29
CA SER A 182 27.74 4.78 -15.01
C SER A 182 28.83 3.71 -14.96
N HIS A 183 28.49 2.46 -15.20
CA HIS A 183 29.50 1.41 -15.25
C HIS A 183 30.33 1.55 -16.52
N PRO A 184 31.61 1.18 -16.51
CA PRO A 184 32.44 1.37 -17.72
C PRO A 184 32.05 0.52 -18.93
N ALA A 185 31.18 -0.47 -18.78
CA ALA A 185 30.75 -1.22 -19.95
C ALA A 185 29.76 -0.43 -20.79
N PHE A 186 29.10 0.55 -20.20
CA PHE A 186 28.16 1.44 -20.89
C PHE A 186 28.71 2.85 -20.98
N ALA A 187 30.02 3.01 -21.15
CA ALA A 187 30.64 4.33 -21.09
C ALA A 187 30.30 5.16 -22.33
N GLU A 188 30.58 4.63 -23.51
CA GLU A 188 30.27 5.37 -24.73
C GLU A 188 28.96 4.95 -25.36
N GLY A 189 28.15 4.15 -24.67
CA GLY A 189 26.95 3.58 -25.26
C GLY A 189 27.23 2.35 -26.08
N LYS A 190 28.33 1.66 -25.81
CA LYS A 190 28.80 0.58 -26.68
C LYS A 190 28.00 -0.70 -26.54
N ARG A 191 27.00 -0.74 -25.66
CA ARG A 191 26.23 -1.96 -25.49
C ARG A 191 24.73 -1.71 -25.39
N LEU A 192 24.27 -0.48 -25.62
CA LEU A 192 22.90 -0.14 -25.23
C LEU A 192 21.89 -0.61 -26.28
N ALA A 193 21.96 -0.06 -27.49
CA ALA A 193 21.15 -0.54 -28.60
C ALA A 193 22.05 -0.52 -29.83
N THR A 194 22.75 -1.61 -30.08
CA THR A 194 23.79 -1.64 -31.09
C THR A 194 23.55 -2.80 -32.04
N SER A 195 23.14 -2.48 -33.26
CA SER A 195 23.09 -3.44 -34.36
C SER A 195 24.42 -3.77 -35.03
N PRO A 196 25.44 -2.83 -35.20
CA PRO A 196 26.73 -3.28 -35.77
C PRO A 196 27.49 -4.27 -34.91
N SER A 197 27.26 -4.27 -33.60
CA SER A 197 27.74 -5.34 -32.73
C SER A 197 26.54 -6.25 -32.50
N GLN A 198 26.42 -7.28 -33.33
CA GLN A 198 25.22 -8.11 -33.39
C GLN A 198 25.03 -8.93 -32.12
N SER A 199 23.85 -8.80 -31.50
CA SER A 199 23.60 -9.49 -30.23
C SER A 199 23.13 -10.92 -30.47
N GLU A 200 22.32 -11.13 -31.52
CA GLU A 200 21.77 -12.46 -31.76
C GLU A 200 22.74 -13.33 -32.55
N LEU A 201 23.33 -12.79 -33.61
CA LEU A 201 24.25 -13.54 -34.45
C LEU A 201 25.57 -13.82 -33.74
N GLN A 202 26.23 -12.79 -33.24
CA GLN A 202 27.50 -12.94 -32.56
C GLN A 202 27.25 -13.22 -31.08
N GLN A 203 27.94 -14.23 -30.55
CA GLN A 203 27.83 -14.58 -29.14
C GLN A 203 28.55 -13.55 -28.28
N ASP A 204 27.92 -12.40 -28.08
CA ASP A 204 28.51 -11.32 -27.30
C ASP A 204 28.55 -11.69 -25.83
N ASP A 205 27.54 -12.45 -25.38
CA ASP A 205 27.42 -12.98 -24.03
C ASP A 205 27.42 -11.90 -22.96
N PHE A 206 26.89 -10.72 -23.29
CA PHE A 206 26.85 -9.66 -22.30
C PHE A 206 25.57 -9.71 -21.48
N TYR A 207 24.43 -9.56 -22.14
CA TYR A 207 23.14 -9.71 -21.49
C TYR A 207 22.89 -11.19 -21.28
N ALA A 208 23.23 -11.69 -20.10
CA ALA A 208 23.07 -13.11 -19.86
C ALA A 208 22.92 -13.36 -18.37
N TYR A 209 22.25 -14.45 -18.06
CA TYR A 209 22.18 -14.99 -16.71
C TYR A 209 22.24 -16.50 -16.81
N ASP A 210 22.83 -17.12 -15.79
CA ASP A 210 23.00 -18.58 -15.65
C ASP A 210 23.80 -19.20 -16.80
N GLU A 211 24.65 -18.38 -17.45
CA GLU A 211 25.58 -18.73 -18.55
C GLU A 211 24.95 -19.58 -19.67
N ASP A 212 23.63 -19.51 -19.84
CA ASP A 212 22.96 -20.41 -20.77
C ASP A 212 21.89 -19.71 -21.59
N GLY A 213 21.57 -18.45 -21.33
CA GLY A 213 20.49 -17.82 -22.05
C GLY A 213 20.16 -16.47 -21.45
N THR A 214 19.31 -15.75 -22.17
CA THR A 214 18.96 -14.39 -21.84
C THR A 214 17.66 -14.35 -21.07
N ARG A 215 17.44 -13.26 -20.34
CA ARG A 215 16.19 -13.11 -19.62
C ARG A 215 15.04 -12.74 -20.55
N PHE A 216 15.36 -12.36 -21.77
CA PHE A 216 14.37 -12.03 -22.80
C PHE A 216 14.89 -12.60 -24.11
N SER A 217 14.36 -12.13 -25.23
CA SER A 217 14.91 -12.56 -26.51
C SER A 217 16.28 -11.96 -26.74
N HIS A 218 16.99 -12.49 -27.73
CA HIS A 218 18.27 -11.92 -28.11
C HIS A 218 18.10 -10.57 -28.76
N ASP A 219 16.96 -10.37 -29.44
CA ASP A 219 16.71 -9.11 -30.12
C ASP A 219 16.35 -8.01 -29.14
N VAL A 220 15.97 -8.37 -27.91
CA VAL A 220 15.62 -7.37 -26.92
C VAL A 220 16.88 -6.64 -26.45
N THR A 221 16.91 -5.34 -26.65
CA THR A 221 17.98 -4.48 -26.18
C THR A 221 17.34 -3.58 -25.15
N PRO A 222 18.11 -2.87 -24.29
CA PRO A 222 17.52 -1.96 -23.30
C PRO A 222 16.45 -0.98 -23.74
N ILE A 223 16.62 -0.31 -24.88
CA ILE A 223 15.61 0.69 -25.23
C ILE A 223 14.36 0.02 -25.79
N ILE A 224 14.49 -1.18 -26.35
CA ILE A 224 13.32 -1.93 -26.77
C ILE A 224 12.50 -2.37 -25.56
N LEU A 225 13.16 -2.84 -24.50
CA LEU A 225 12.47 -3.20 -23.27
C LEU A 225 11.90 -1.98 -22.56
N ALA A 226 12.57 -0.85 -22.67
CA ALA A 226 12.05 0.38 -22.07
C ALA A 226 10.81 0.85 -22.81
N ALA A 227 10.77 0.64 -24.13
CA ALA A 227 9.56 0.97 -24.87
C ALA A 227 8.45 -0.04 -24.57
N HIS A 228 8.82 -1.29 -24.31
CA HIS A 228 7.82 -2.29 -23.96
C HIS A 228 7.19 -2.02 -22.61
N CYS A 229 7.98 -1.60 -21.64
CA CYS A 229 7.45 -1.31 -20.32
C CYS A 229 6.84 0.09 -20.22
N GLN A 230 7.09 0.93 -21.22
CA GLN A 230 6.50 2.27 -21.37
C GLN A 230 6.81 3.14 -20.16
N GLU A 231 8.09 3.29 -19.86
CA GLU A 231 8.51 4.18 -18.78
C GLU A 231 9.37 5.27 -19.40
N TYR A 232 8.98 6.52 -19.14
CA TYR A 232 9.38 7.63 -19.99
C TYR A 232 10.76 8.14 -19.62
N GLU A 233 11.08 8.15 -18.33
CA GLU A 233 12.36 8.67 -17.89
C GLU A 233 13.50 7.76 -18.34
N ILE A 234 13.25 6.45 -18.38
CA ILE A 234 14.28 5.52 -18.82
C ILE A 234 14.49 5.64 -20.32
N VAL A 235 13.40 5.86 -21.07
CA VAL A 235 13.49 6.04 -22.51
C VAL A 235 14.26 7.32 -22.82
N HIS A 236 14.02 8.37 -22.05
CA HIS A 236 14.73 9.63 -22.26
C HIS A 236 16.20 9.49 -21.90
N THR A 237 16.51 8.73 -20.86
CA THR A 237 17.90 8.53 -20.48
C THR A 237 18.65 7.71 -21.51
N LEU A 238 18.01 6.66 -22.04
CA LEU A 238 18.66 5.86 -23.05
C LEU A 238 18.74 6.58 -24.39
N LEU A 239 17.84 7.53 -24.64
CA LEU A 239 17.94 8.32 -25.86
C LEU A 239 19.03 9.36 -25.74
N ARG A 240 19.26 9.89 -24.54
CA ARG A 240 20.34 10.84 -24.35
C ARG A 240 21.69 10.16 -24.45
N LYS A 241 21.74 8.86 -24.27
CA LYS A 241 22.93 8.07 -24.54
C LYS A 241 23.13 7.79 -26.03
N GLY A 242 22.23 8.28 -26.88
CA GLY A 242 22.40 8.11 -28.31
C GLY A 242 22.06 6.74 -28.82
N ALA A 243 21.23 5.99 -28.09
CA ALA A 243 20.77 4.69 -28.53
C ALA A 243 19.36 4.82 -29.08
N ARG A 244 19.11 4.16 -30.21
CA ARG A 244 17.81 4.23 -30.86
C ARG A 244 17.42 2.83 -31.32
N ILE A 245 16.15 2.68 -31.69
CA ILE A 245 15.63 1.43 -32.22
C ILE A 245 15.74 1.49 -33.74
N GLU A 246 16.49 0.56 -34.31
CA GLU A 246 16.60 0.43 -35.76
C GLU A 246 15.37 -0.29 -36.26
N ARG A 247 14.76 0.27 -37.31
CA ARG A 247 13.60 -0.31 -37.97
C ARG A 247 13.97 -1.66 -38.57
N PRO A 248 13.12 -2.68 -38.46
CA PRO A 248 13.44 -3.97 -39.08
C PRO A 248 13.35 -3.87 -40.59
N HIS A 249 13.87 -4.91 -41.25
CA HIS A 249 13.95 -4.90 -42.70
C HIS A 249 12.57 -5.20 -43.30
N ASP A 250 12.55 -5.35 -44.62
CA ASP A 250 11.32 -5.66 -45.33
C ASP A 250 10.92 -7.11 -45.08
N TYR A 251 9.70 -7.47 -45.49
CA TYR A 251 9.21 -8.83 -45.29
C TYR A 251 9.96 -9.83 -46.16
N PHE A 252 10.55 -9.38 -47.27
CA PHE A 252 11.52 -10.15 -48.02
C PHE A 252 12.62 -9.18 -48.44
N CYS A 253 13.63 -9.04 -47.57
CA CYS A 253 14.69 -8.07 -47.83
C CYS A 253 15.74 -8.57 -48.80
N LYS A 254 15.95 -9.89 -48.83
CA LYS A 254 16.87 -10.65 -49.68
C LYS A 254 18.35 -10.34 -49.42
N CYS A 255 18.69 -9.52 -48.43
CA CYS A 255 20.08 -9.41 -48.03
C CYS A 255 20.46 -10.63 -47.21
N ASN A 256 21.75 -10.99 -47.28
CA ASN A 256 22.20 -12.28 -46.77
C ASN A 256 22.16 -12.34 -45.24
N ASP A 257 22.22 -11.18 -44.58
CA ASP A 257 22.05 -11.14 -43.14
C ASP A 257 20.63 -11.55 -42.73
N CYS A 258 19.63 -10.94 -43.38
CA CYS A 258 18.25 -11.27 -43.08
C CYS A 258 17.90 -12.69 -43.52
N ASN A 259 18.46 -13.14 -44.65
CA ASN A 259 18.22 -14.50 -45.11
C ASN A 259 18.86 -15.51 -44.16
N GLN A 260 20.04 -15.20 -43.62
CA GLN A 260 20.70 -16.10 -42.69
C GLN A 260 19.95 -16.16 -41.36
N LYS A 261 19.48 -15.00 -40.89
CA LYS A 261 18.71 -14.96 -39.65
C LYS A 261 17.35 -15.63 -39.83
N GLN A 262 16.82 -15.62 -41.05
CA GLN A 262 15.59 -16.35 -41.33
C GLN A 262 15.82 -17.85 -41.43
N LYS A 263 16.98 -18.24 -41.96
CA LYS A 263 17.26 -19.66 -42.17
C LYS A 263 17.65 -20.35 -40.87
N HIS A 264 18.30 -19.61 -39.96
CA HIS A 264 18.67 -20.20 -38.68
C HIS A 264 17.46 -20.48 -37.80
N ASP A 265 16.47 -19.59 -37.78
CA ASP A 265 15.27 -19.77 -36.98
C ASP A 265 14.14 -18.92 -37.53
N SER A 266 12.95 -19.51 -37.69
CA SER A 266 11.82 -18.77 -38.22
C SER A 266 11.02 -18.10 -37.11
N PHE A 267 10.70 -18.87 -36.05
CA PHE A 267 9.93 -18.35 -34.94
C PHE A 267 10.67 -17.26 -34.20
N SER A 268 11.99 -17.42 -34.02
CA SER A 268 12.82 -16.40 -33.39
C SER A 268 12.87 -15.14 -34.23
N HIS A 269 12.92 -15.28 -35.56
CA HIS A 269 12.96 -14.12 -36.43
C HIS A 269 11.65 -13.36 -36.41
N SER A 270 10.53 -14.08 -36.40
CA SER A 270 9.23 -13.42 -36.35
C SER A 270 9.01 -12.75 -34.99
N ARG A 271 9.50 -13.38 -33.92
CA ARG A 271 9.40 -12.76 -32.61
C ARG A 271 10.28 -11.52 -32.52
N SER A 272 11.43 -11.53 -33.18
CA SER A 272 12.29 -10.35 -33.22
C SER A 272 11.62 -9.21 -33.96
N ARG A 273 10.96 -9.53 -35.08
CA ARG A 273 10.26 -8.49 -35.85
C ARG A 273 9.11 -7.90 -35.05
N ILE A 274 8.31 -8.75 -34.39
CA ILE A 274 7.16 -8.22 -33.68
C ILE A 274 7.60 -7.48 -32.41
N ASN A 275 8.73 -7.88 -31.83
CA ASN A 275 9.22 -7.16 -30.65
C ASN A 275 9.77 -5.80 -31.02
N ALA A 276 10.47 -5.73 -32.16
CA ALA A 276 11.00 -4.44 -32.59
C ALA A 276 9.88 -3.52 -33.05
N TYR A 277 8.81 -4.08 -33.63
CA TYR A 277 7.71 -3.21 -34.04
C TYR A 277 6.87 -2.76 -32.85
N LYS A 278 6.77 -3.61 -31.83
CA LYS A 278 6.12 -3.19 -30.59
C LYS A 278 6.94 -2.12 -29.89
N GLY A 279 8.26 -2.20 -30.00
CA GLY A 279 9.10 -1.14 -29.48
C GLY A 279 8.96 0.15 -30.26
N LEU A 280 8.81 0.05 -31.58
CA LEU A 280 8.60 1.24 -32.40
C LEU A 280 7.25 1.89 -32.19
N ALA A 281 6.21 1.11 -31.88
CA ALA A 281 4.87 1.65 -31.77
C ALA A 281 4.50 2.11 -30.37
N SER A 282 5.44 2.12 -29.44
CA SER A 282 5.14 2.54 -28.08
C SER A 282 4.95 4.05 -28.05
N PRO A 283 4.06 4.57 -27.21
CA PRO A 283 3.90 6.03 -27.14
C PRO A 283 5.10 6.73 -26.55
N ALA A 284 5.91 6.02 -25.77
CA ALA A 284 7.12 6.61 -25.22
C ALA A 284 8.13 6.91 -26.30
N TYR A 285 8.39 5.93 -27.16
CA TYR A 285 9.40 6.11 -28.20
C TYR A 285 8.91 7.07 -29.27
N LEU A 286 7.62 7.02 -29.58
CA LEU A 286 7.05 7.97 -30.54
C LEU A 286 7.08 9.39 -29.99
N SER A 287 6.85 9.54 -28.69
CA SER A 287 6.78 10.87 -28.13
C SER A 287 8.17 11.45 -27.91
N LEU A 288 9.17 10.61 -27.70
CA LEU A 288 10.48 11.13 -27.34
C LEU A 288 11.53 11.00 -28.44
N SER A 289 11.25 10.31 -29.54
CA SER A 289 12.30 10.01 -30.49
C SER A 289 12.24 10.81 -31.78
N SER A 290 11.08 11.29 -32.18
CA SER A 290 10.96 11.95 -33.47
C SER A 290 10.75 13.45 -33.28
N GLU A 291 10.67 14.16 -34.41
CA GLU A 291 10.40 15.59 -34.38
C GLU A 291 8.98 15.92 -34.80
N ASP A 292 8.36 15.10 -35.64
CA ASP A 292 6.94 15.23 -35.97
C ASP A 292 6.27 13.91 -35.61
N PRO A 293 5.80 13.76 -34.36
CA PRO A 293 5.31 12.45 -33.91
C PRO A 293 4.01 12.02 -34.57
N VAL A 294 3.20 12.97 -35.04
CA VAL A 294 1.96 12.60 -35.71
C VAL A 294 2.25 11.95 -37.06
N MET A 295 3.24 12.47 -37.79
CA MET A 295 3.58 11.92 -39.09
C MET A 295 4.21 10.54 -38.97
N THR A 296 5.13 10.39 -38.00
CA THR A 296 5.77 9.10 -37.75
C THR A 296 4.76 8.08 -37.27
N ALA A 297 3.81 8.50 -36.43
CA ALA A 297 2.79 7.59 -35.93
C ALA A 297 1.87 7.12 -37.06
N LEU A 298 1.51 8.02 -37.97
CA LEU A 298 0.62 7.63 -39.06
C LEU A 298 1.33 6.72 -40.06
N GLU A 299 2.59 7.03 -40.38
CA GLU A 299 3.37 6.17 -41.27
C GLU A 299 3.57 4.79 -40.67
N LEU A 300 3.86 4.73 -39.37
CA LEU A 300 3.99 3.45 -38.70
C LEU A 300 2.68 2.69 -38.64
N SER A 301 1.55 3.38 -38.49
CA SER A 301 0.27 2.70 -38.45
C SER A 301 -0.07 2.08 -39.79
N ASN A 302 0.17 2.81 -40.89
CA ASN A 302 -0.06 2.25 -42.22
C ASN A 302 0.88 1.09 -42.52
N GLU A 303 2.15 1.22 -42.12
CA GLU A 303 3.12 0.16 -42.35
C GLU A 303 2.79 -1.07 -41.54
N LEU A 304 2.27 -0.89 -40.33
CA LEU A 304 1.88 -2.03 -39.52
C LEU A 304 0.60 -2.66 -40.03
N ALA A 305 -0.29 -1.88 -40.65
CA ALA A 305 -1.47 -2.50 -41.27
C ALA A 305 -1.09 -3.34 -42.48
N VAL A 306 -0.11 -2.87 -43.26
CA VAL A 306 0.37 -3.64 -44.41
C VAL A 306 1.06 -4.91 -43.96
N LEU A 307 1.90 -4.83 -42.92
CA LEU A 307 2.53 -6.05 -42.41
C LEU A 307 1.54 -6.92 -41.65
N ALA A 308 0.40 -6.36 -41.25
CA ALA A 308 -0.66 -7.18 -40.67
C ALA A 308 -1.33 -8.02 -41.72
N ASN A 309 -1.77 -7.40 -42.82
CA ASN A 309 -2.54 -8.17 -43.79
C ASN A 309 -1.65 -9.03 -44.67
N ILE A 310 -0.35 -8.72 -44.74
CA ILE A 310 0.54 -9.57 -45.52
C ILE A 310 0.97 -10.80 -44.73
N GLU A 311 1.49 -10.60 -43.51
CA GLU A 311 2.05 -11.69 -42.72
C GLU A 311 0.92 -12.46 -42.05
N LYS A 312 1.07 -13.79 -41.98
CA LYS A 312 0.03 -14.62 -41.41
C LYS A 312 0.29 -14.92 -39.94
N GLU A 313 1.55 -15.11 -39.57
CA GLU A 313 1.89 -15.29 -38.17
C GLU A 313 1.78 -13.96 -37.44
N PHE A 314 1.16 -14.01 -36.25
CA PHE A 314 0.85 -12.82 -35.44
C PHE A 314 0.03 -11.81 -36.22
N LYS A 315 -1.00 -12.30 -36.91
CA LYS A 315 -1.74 -11.48 -37.86
C LYS A 315 -2.60 -10.43 -37.16
N ASN A 316 -2.96 -10.68 -35.91
CA ASN A 316 -3.79 -9.73 -35.18
C ASN A 316 -2.99 -8.75 -34.36
N ASP A 317 -1.81 -9.13 -33.87
CA ASP A 317 -1.04 -8.24 -33.01
C ASP A 317 -0.46 -7.08 -33.80
N TYR A 318 -0.09 -7.33 -35.05
CA TYR A 318 0.34 -6.28 -35.98
C TYR A 318 -0.77 -5.28 -36.29
N LYS A 319 -2.03 -5.67 -36.11
CA LYS A 319 -3.13 -4.72 -36.15
C LYS A 319 -3.34 -4.00 -34.82
N LYS A 320 -3.05 -4.68 -33.70
CA LYS A 320 -3.18 -4.03 -32.39
C LYS A 320 -2.14 -2.93 -32.22
N LEU A 321 -0.96 -3.08 -32.82
CA LEU A 321 0.03 -2.02 -32.76
C LEU A 321 -0.40 -0.81 -33.58
N SER A 322 -1.01 -1.05 -34.74
CA SER A 322 -1.51 0.07 -35.53
C SER A 322 -2.68 0.74 -34.84
N MET A 323 -3.48 -0.05 -34.12
CA MET A 323 -4.55 0.53 -33.31
C MET A 323 -3.97 1.35 -32.15
N GLN A 324 -2.82 0.94 -31.63
CA GLN A 324 -2.14 1.74 -30.61
C GLN A 324 -1.61 3.05 -31.19
N CYS A 325 -1.15 3.03 -32.44
CA CYS A 325 -0.70 4.27 -33.07
C CYS A 325 -1.86 5.21 -33.33
N LYS A 326 -2.99 4.67 -33.78
CA LYS A 326 -4.19 5.49 -33.95
C LYS A 326 -4.68 6.02 -32.61
N ASP A 327 -4.59 5.22 -31.56
CA ASP A 327 -4.92 5.68 -30.22
C ASP A 327 -4.00 6.80 -29.77
N PHE A 328 -2.71 6.72 -30.13
CA PHE A 328 -1.76 7.76 -29.76
C PHE A 328 -2.08 9.09 -30.46
N VAL A 329 -2.41 9.03 -31.76
CA VAL A 329 -2.68 10.29 -32.45
C VAL A 329 -4.05 10.85 -32.04
N VAL A 330 -4.98 9.97 -31.65
CA VAL A 330 -6.26 10.45 -31.12
C VAL A 330 -6.08 11.08 -29.75
N GLY A 331 -5.19 10.52 -28.93
CA GLY A 331 -4.89 11.13 -27.64
C GLY A 331 -4.20 12.47 -27.78
N LEU A 332 -3.34 12.61 -28.78
CA LEU A 332 -2.78 13.92 -29.09
C LEU A 332 -3.85 14.91 -29.53
N LEU A 333 -4.83 14.44 -30.32
CA LEU A 333 -5.94 15.32 -30.69
C LEU A 333 -6.78 15.71 -29.49
N ASP A 334 -6.96 14.80 -28.55
CA ASP A 334 -7.84 15.05 -27.42
C ASP A 334 -7.18 15.97 -26.40
N LEU A 335 -5.86 15.97 -26.34
CA LEU A 335 -5.21 16.83 -25.35
C LEU A 335 -5.06 18.28 -25.80
N CYS A 336 -5.58 18.66 -26.97
CA CYS A 336 -5.47 20.04 -27.41
C CYS A 336 -6.44 20.93 -26.65
N ARG A 337 -6.00 22.13 -26.29
CA ARG A 337 -6.89 23.09 -25.67
C ARG A 337 -7.34 24.13 -26.69
N ASN A 338 -6.41 24.81 -27.31
CA ASN A 338 -6.72 25.87 -28.25
C ASN A 338 -7.15 25.30 -29.59
N THR A 339 -7.91 26.10 -30.33
CA THR A 339 -8.26 25.73 -31.70
C THR A 339 -7.04 25.78 -32.61
N GLU A 340 -6.05 26.61 -32.25
CA GLU A 340 -4.77 26.63 -32.96
C GLU A 340 -4.06 25.28 -32.85
N GLU A 341 -4.16 24.64 -31.67
CA GLU A 341 -3.53 23.33 -31.49
C GLU A 341 -4.24 22.26 -32.30
N VAL A 342 -5.57 22.33 -32.38
CA VAL A 342 -6.33 21.37 -33.18
C VAL A 342 -6.01 21.55 -34.66
N GLU A 343 -5.90 22.80 -35.10
CA GLU A 343 -5.58 23.07 -36.50
C GLU A 343 -4.14 22.69 -36.82
N ALA A 344 -3.25 22.80 -35.83
CA ALA A 344 -1.86 22.41 -36.02
C ALA A 344 -1.71 20.90 -36.12
N ILE A 345 -2.54 20.15 -35.40
CA ILE A 345 -2.51 18.71 -35.58
C ILE A 345 -3.15 18.32 -36.91
N LEU A 346 -4.33 18.86 -37.22
CA LEU A 346 -5.08 18.40 -38.38
C LEU A 346 -4.45 18.87 -39.68
N ASN A 347 -3.69 19.96 -39.64
CA ASN A 347 -2.94 20.37 -40.82
C ASN A 347 -1.57 19.71 -40.85
N GLY A 348 -0.76 19.94 -39.81
CA GLY A 348 0.60 19.50 -39.79
C GLY A 348 1.60 20.51 -40.28
N ASP A 349 1.15 21.59 -40.91
CA ASP A 349 2.03 22.63 -41.41
C ASP A 349 1.32 23.98 -41.43
N ARG A 853 9.59 26.41 -36.73
CA ARG A 853 8.92 27.69 -36.53
C ARG A 853 7.79 27.56 -35.52
N GLN A 854 6.59 27.98 -35.92
CA GLN A 854 5.43 27.93 -35.04
C GLN A 854 4.97 26.49 -34.80
N TYR A 855 5.01 25.67 -35.85
CA TYR A 855 4.59 24.28 -35.74
C TYR A 855 5.52 23.49 -34.83
N GLN A 856 6.81 23.81 -34.88
CA GLN A 856 7.78 23.15 -34.00
C GLN A 856 7.52 23.48 -32.55
N LYS A 857 7.18 24.75 -32.27
CA LYS A 857 6.90 25.16 -30.89
C LYS A 857 5.61 24.53 -30.38
N ILE A 858 4.58 24.48 -31.22
CA ILE A 858 3.30 23.94 -30.76
C ILE A 858 3.38 22.42 -30.61
N MET A 859 4.23 21.76 -31.40
CA MET A 859 4.41 20.33 -31.22
C MET A 859 5.25 20.03 -29.99
N LYS A 860 6.24 20.86 -29.70
CA LYS A 860 7.00 20.70 -28.48
C LYS A 860 6.18 21.01 -27.24
N ARG A 861 5.13 21.81 -27.37
CA ARG A 861 4.22 21.99 -26.24
C ARG A 861 3.30 20.79 -26.08
N LEU A 862 2.74 20.29 -27.18
CA LEU A 862 1.78 19.20 -27.10
C LEU A 862 2.43 17.89 -26.67
N ILE A 863 3.69 17.68 -27.05
CA ILE A 863 4.39 16.45 -26.66
C ILE A 863 4.62 16.44 -25.16
N LYS A 864 4.96 17.60 -24.59
CA LYS A 864 5.13 17.72 -23.15
C LYS A 864 3.81 17.52 -22.41
N ARG A 865 2.74 18.08 -22.96
CA ARG A 865 1.41 17.90 -22.36
C ARG A 865 0.99 16.44 -22.36
N TYR A 866 1.23 15.74 -23.47
CA TYR A 866 0.86 14.33 -23.55
C TYR A 866 1.72 13.48 -22.63
N VAL A 867 3.00 13.83 -22.48
CA VAL A 867 3.88 13.08 -21.60
C VAL A 867 3.43 13.21 -20.15
N LEU A 868 3.09 14.43 -19.73
CA LEU A 868 2.62 14.61 -18.35
C LEU A 868 1.26 13.96 -18.13
N GLN A 869 0.38 13.98 -19.14
CA GLN A 869 -0.91 13.33 -18.99
C GLN A 869 -0.77 11.82 -18.89
N ALA A 870 0.11 11.23 -19.69
CA ALA A 870 0.32 9.79 -19.61
C ALA A 870 1.04 9.40 -18.34
N GLN A 871 1.86 10.30 -17.79
CA GLN A 871 2.49 10.02 -16.51
C GLN A 871 1.48 10.01 -15.38
N ILE A 872 0.51 10.93 -15.42
CA ILE A 872 -0.57 10.92 -14.43
C ILE A 872 -1.43 9.66 -14.59
N ASP A 873 -1.76 9.30 -15.83
CA ASP A 873 -2.62 8.13 -16.02
C ASP A 873 -1.87 6.82 -15.77
N LYS A 874 -0.54 6.83 -15.78
CA LYS A 874 0.20 5.69 -15.28
C LYS A 874 0.23 5.69 -13.77
N GLU A 875 0.21 6.88 -13.15
CA GLU A 875 0.12 6.98 -11.71
C GLU A 875 -1.30 6.81 -11.19
N SER A 876 -2.27 6.56 -12.06
CA SER A 876 -3.65 6.32 -11.64
C SER A 876 -4.09 4.89 -11.91
N ASP A 877 -3.16 3.97 -12.05
CA ASP A 877 -3.49 2.56 -12.19
C ASP A 877 -3.54 1.91 -10.82
N GLU A 878 -4.21 0.76 -10.74
CA GLU A 878 -4.31 0.04 -9.48
C GLU A 878 -2.96 -0.54 -9.07
N VAL A 879 -2.88 -0.94 -7.83
CA VAL A 879 -1.61 -1.27 -7.21
C VAL A 879 -1.40 -2.77 -7.21
N ASN A 880 -0.24 -3.20 -7.69
CA ASN A 880 0.18 -4.59 -7.67
C ASN A 880 1.05 -4.86 -6.46
N GLU A 881 1.42 -6.14 -6.30
CA GLU A 881 2.10 -6.57 -5.09
C GLU A 881 3.55 -6.11 -5.05
N GLY A 882 4.16 -5.93 -6.22
CA GLY A 882 5.58 -5.64 -6.29
C GLY A 882 5.97 -4.31 -5.71
N GLU A 883 5.05 -3.33 -5.76
CA GLU A 883 5.33 -2.04 -5.16
C GLU A 883 5.37 -2.13 -3.64
N LEU A 884 4.46 -2.91 -3.04
CA LEU A 884 4.52 -3.12 -1.60
C LEU A 884 5.73 -3.93 -1.21
N LYS A 885 6.16 -4.85 -2.08
CA LYS A 885 7.42 -5.56 -1.83
C LYS A 885 8.60 -4.60 -1.81
N GLU A 886 8.61 -3.63 -2.73
CA GLU A 886 9.66 -2.61 -2.75
C GLU A 886 9.63 -1.77 -1.48
N ILE A 887 8.44 -1.42 -1.00
CA ILE A 887 8.33 -0.58 0.19
C ILE A 887 8.79 -1.33 1.42
N LYS A 888 8.42 -2.61 1.53
CA LYS A 888 8.86 -3.39 2.68
C LYS A 888 10.36 -3.63 2.67
N GLN A 889 10.94 -3.83 1.48
CA GLN A 889 12.39 -3.97 1.42
C GLN A 889 13.12 -2.68 1.72
N ASP A 890 12.59 -1.53 1.31
CA ASP A 890 13.23 -0.26 1.67
C ASP A 890 13.11 0.01 3.17
N ILE A 891 12.01 -0.43 3.78
CA ILE A 891 11.85 -0.27 5.22
C ILE A 891 12.86 -1.13 5.97
N SER A 892 13.06 -2.37 5.51
CA SER A 892 14.04 -3.23 6.16
C SER A 892 15.47 -2.72 5.97
N SER A 893 15.75 -2.13 4.80
CA SER A 893 17.06 -1.54 4.57
C SER A 893 17.30 -0.36 5.49
N LEU A 894 16.28 0.48 5.68
CA LEU A 894 16.36 1.59 6.62
C LEU A 894 16.60 1.10 8.04
N ARG A 895 15.94 0.01 8.43
CA ARG A 895 16.11 -0.55 9.76
C ARG A 895 17.53 -1.02 9.99
N TYR A 896 18.10 -1.74 9.02
CA TYR A 896 19.45 -2.24 9.16
C TYR A 896 20.46 -1.11 9.23
N GLU A 897 20.29 -0.09 8.37
CA GLU A 897 21.22 1.03 8.35
C GLU A 897 21.20 1.82 9.66
N LEU A 898 19.99 2.11 10.18
CA LEU A 898 19.91 2.92 11.39
C LEU A 898 20.39 2.16 12.62
N LEU A 899 20.05 0.88 12.72
CA LEU A 899 20.46 0.08 13.87
C LEU A 899 21.96 -0.09 13.94
N GLU A 900 22.58 -0.46 12.81
CA GLU A 900 24.03 -0.60 12.83
C GLU A 900 24.72 0.74 12.99
N GLU A 901 24.13 1.82 12.46
CA GLU A 901 24.79 3.11 12.54
C GLU A 901 24.82 3.61 13.97
N LYS A 902 23.73 3.44 14.72
CA LYS A 902 23.74 3.85 16.12
C LYS A 902 24.59 2.91 16.97
N SER A 903 24.69 1.63 16.59
CA SER A 903 25.54 0.71 17.34
C SER A 903 27.02 1.04 17.16
N GLN A 904 27.44 1.26 15.91
CA GLN A 904 28.82 1.66 15.65
C GLN A 904 29.10 3.04 16.22
N ASN A 905 28.07 3.89 16.28
CA ASN A 905 28.16 5.19 16.93
C ASN A 905 28.51 5.06 18.40
N THR A 906 27.75 4.24 19.14
CA THR A 906 27.98 4.16 20.58
C THR A 906 29.29 3.43 20.88
N GLU A 907 29.72 2.52 19.99
CA GLU A 907 31.01 1.86 20.22
C GLU A 907 32.17 2.81 19.98
N ASP A 908 32.13 3.55 18.86
CA ASP A 908 33.20 4.50 18.51
C ASP A 908 33.28 5.64 19.52
N LEU A 909 32.14 6.00 20.12
CA LEU A 909 32.15 7.07 21.10
C LEU A 909 32.57 6.58 22.48
N ALA A 910 32.04 5.42 22.91
CA ALA A 910 32.34 4.89 24.23
C ALA A 910 33.79 4.45 24.33
N GLU A 911 34.44 4.12 23.20
CA GLU A 911 35.88 3.92 23.22
C GLU A 911 36.61 5.18 23.63
N LEU A 912 36.22 6.31 23.05
CA LEU A 912 36.94 7.56 23.31
C LEU A 912 36.63 8.12 24.69
N ILE A 913 35.47 7.80 25.26
CA ILE A 913 35.25 8.16 26.67
C ILE A 913 35.87 7.13 27.61
N ARG A 914 36.07 5.88 27.17
CA ARG A 914 36.80 4.90 27.96
C ARG A 914 38.26 5.27 28.10
N GLU A 915 38.85 5.86 27.05
CA GLU A 915 40.22 6.35 27.12
C GLU A 915 40.35 7.43 28.19
N LEU A 916 39.33 8.28 28.32
CA LEU A 916 39.26 9.24 29.40
C LEU A 916 39.18 8.56 30.76
N GLY A 917 38.18 7.70 30.94
CA GLY A 917 37.90 7.04 32.20
C GLY A 917 39.03 6.19 32.73
N GLU A 918 39.86 5.68 31.82
CA GLU A 918 41.12 5.04 32.19
C GLU A 918 42.22 6.07 32.42
N LYS A 919 42.18 7.18 31.70
CA LYS A 919 43.29 8.13 31.78
C LYS A 919 43.21 9.02 33.01
N LEU A 920 42.01 9.48 33.37
CA LEU A 920 41.88 10.41 34.47
C LEU A 920 41.91 9.68 35.81
N TYR B 86 17.97 14.70 -33.52
CA TYR B 86 16.62 14.20 -33.74
C TYR B 86 15.91 13.98 -32.41
N MET B 87 16.67 14.12 -31.33
CA MET B 87 16.15 13.89 -30.00
C MET B 87 15.22 15.03 -29.58
N PHE B 88 14.21 14.70 -28.79
CA PHE B 88 13.39 15.68 -28.10
C PHE B 88 14.03 15.93 -26.74
N SER B 89 14.44 17.18 -26.50
CA SER B 89 14.98 17.59 -25.21
C SER B 89 14.57 19.03 -24.95
N ASP B 90 13.97 19.27 -23.80
CA ASP B 90 13.55 20.63 -23.48
C ASP B 90 14.73 21.50 -23.05
N ARG B 91 15.53 21.03 -22.10
CA ARG B 91 16.70 21.75 -21.65
C ARG B 91 17.76 21.68 -22.73
N SER B 92 17.87 22.75 -23.52
CA SER B 92 18.83 22.77 -24.61
C SER B 92 20.26 22.86 -24.10
N THR B 93 20.46 23.55 -22.99
CA THR B 93 21.76 23.60 -22.35
C THR B 93 21.96 22.36 -21.50
N SER B 94 23.13 21.72 -21.67
CA SER B 94 23.48 20.58 -20.83
C SER B 94 23.63 21.02 -19.37
N LEU B 95 23.27 20.13 -18.46
CA LEU B 95 23.12 20.47 -17.06
C LEU B 95 24.43 20.26 -16.33
N SER B 96 24.81 21.23 -15.49
CA SER B 96 26.03 21.12 -14.71
C SER B 96 25.85 20.11 -13.58
N ILE B 97 26.98 19.74 -12.97
CA ILE B 97 26.98 18.73 -11.93
C ILE B 97 26.31 19.26 -10.66
N GLU B 98 26.45 20.56 -10.41
CA GLU B 98 25.76 21.20 -9.29
C GLU B 98 24.25 21.12 -9.48
N GLU B 99 23.78 21.49 -10.68
CA GLU B 99 22.35 21.44 -10.95
C GLU B 99 21.84 20.00 -11.00
N GLU B 100 22.69 19.06 -11.42
CA GLU B 100 22.30 17.65 -11.38
C GLU B 100 22.12 17.14 -9.97
N ARG B 101 23.09 17.37 -9.08
CA ARG B 101 22.94 16.93 -7.70
C ARG B 101 21.80 17.63 -7.01
N PHE B 102 21.59 18.92 -7.30
CA PHE B 102 20.48 19.66 -6.72
C PHE B 102 19.14 19.15 -7.21
N LEU B 103 19.03 18.77 -8.49
CA LEU B 103 17.73 18.35 -8.99
C LEU B 103 17.40 16.92 -8.60
N ASP B 104 18.39 16.02 -8.54
CA ASP B 104 18.10 14.70 -7.99
C ASP B 104 17.81 14.76 -6.50
N ALA B 105 18.47 15.67 -5.78
CA ALA B 105 18.16 15.83 -4.37
C ALA B 105 16.78 16.44 -4.16
N ALA B 106 16.35 17.30 -5.07
CA ALA B 106 15.02 17.86 -4.95
C ALA B 106 13.96 16.87 -5.42
N GLU B 107 14.35 15.93 -6.28
CA GLU B 107 13.40 14.92 -6.70
C GLU B 107 13.17 13.89 -5.62
N TYR B 108 14.23 13.47 -4.93
CA TYR B 108 14.09 12.43 -3.93
C TYR B 108 14.16 12.94 -2.50
N GLY B 109 13.86 14.22 -2.27
CA GLY B 109 13.64 14.76 -0.95
C GLY B 109 14.84 14.76 -0.04
N ASN B 110 16.03 14.81 -0.60
CA ASN B 110 17.26 14.79 0.19
C ASN B 110 17.45 16.18 0.79
N ILE B 111 16.84 16.36 1.97
CA ILE B 111 16.79 17.68 2.62
C ILE B 111 18.18 18.28 2.92
N PRO B 112 19.11 17.59 3.59
CA PRO B 112 20.30 18.32 4.06
C PRO B 112 21.27 18.71 2.98
N VAL B 113 21.38 17.94 1.90
CA VAL B 113 22.26 18.37 0.82
C VAL B 113 21.62 19.52 0.05
N VAL B 114 20.29 19.64 0.10
CA VAL B 114 19.64 20.81 -0.45
C VAL B 114 19.91 22.03 0.42
N ARG B 115 19.95 21.86 1.74
CA ARG B 115 20.39 22.95 2.62
C ARG B 115 21.82 23.37 2.32
N LYS B 116 22.70 22.38 2.12
CA LYS B 116 24.10 22.66 1.80
C LYS B 116 24.25 23.36 0.46
N MET B 117 23.49 22.95 -0.55
CA MET B 117 23.58 23.58 -1.85
C MET B 117 22.94 24.96 -1.85
N LEU B 118 21.94 25.18 -1.01
CA LEU B 118 21.34 26.50 -0.92
C LEU B 118 22.20 27.47 -0.13
N GLU B 119 23.08 26.97 0.73
CA GLU B 119 23.93 27.86 1.51
C GLU B 119 25.31 28.09 0.89
N GLU B 120 26.03 27.01 0.55
CA GLU B 120 27.44 27.16 0.23
C GLU B 120 27.66 27.54 -1.24
N CYS B 121 26.66 27.33 -2.08
CA CYS B 121 26.84 27.53 -3.52
C CYS B 121 26.10 28.79 -3.95
N HIS B 122 26.85 29.87 -4.18
CA HIS B 122 26.29 31.13 -4.63
C HIS B 122 26.26 31.25 -6.15
N SER B 123 26.58 30.19 -6.87
CA SER B 123 26.47 30.15 -8.31
C SER B 123 25.40 29.14 -8.74
N LEU B 124 24.47 28.83 -7.84
CA LEU B 124 23.46 27.82 -8.07
C LEU B 124 22.18 28.51 -8.53
N ASN B 125 21.90 28.40 -9.83
CA ASN B 125 20.65 28.92 -10.38
C ASN B 125 19.49 28.03 -9.94
N VAL B 126 18.69 28.51 -8.99
CA VAL B 126 17.58 27.72 -8.47
C VAL B 126 16.40 27.63 -9.42
N ASN B 127 16.45 28.34 -10.54
CA ASN B 127 15.46 28.21 -11.60
C ASN B 127 15.88 27.21 -12.66
N CYS B 128 16.78 26.29 -12.31
CA CYS B 128 17.19 25.25 -13.24
C CYS B 128 16.04 24.30 -13.52
N VAL B 129 16.09 23.64 -14.67
CA VAL B 129 15.03 22.73 -15.06
C VAL B 129 15.64 21.35 -15.31
N ASP B 130 14.80 20.34 -15.16
CA ASP B 130 15.20 18.96 -15.40
C ASP B 130 15.17 18.65 -16.89
N TYR B 131 15.22 17.35 -17.21
CA TYR B 131 15.11 16.94 -18.61
C TYR B 131 13.74 17.25 -19.18
N MET B 132 12.70 17.19 -18.36
CA MET B 132 11.38 17.56 -18.83
C MET B 132 11.19 19.07 -18.92
N GLY B 133 11.83 19.83 -18.04
CA GLY B 133 11.66 21.27 -18.06
C GLY B 133 11.02 21.82 -16.82
N GLN B 134 10.97 21.04 -15.76
CA GLN B 134 10.31 21.46 -14.53
C GLN B 134 11.32 21.89 -13.48
N ASN B 135 10.88 22.82 -12.64
CA ASN B 135 11.72 23.46 -11.63
C ASN B 135 11.93 22.52 -10.47
N ALA B 136 12.87 22.90 -9.60
CA ALA B 136 13.10 22.14 -8.37
C ALA B 136 11.90 22.24 -7.43
N LEU B 137 11.19 23.36 -7.47
CA LEU B 137 9.97 23.46 -6.67
C LEU B 137 8.89 22.55 -7.21
N GLN B 138 8.79 22.42 -8.53
CA GLN B 138 7.80 21.53 -9.12
C GLN B 138 8.14 20.08 -8.85
N LEU B 139 9.42 19.73 -8.92
CA LEU B 139 9.83 18.36 -8.63
C LEU B 139 9.66 18.06 -7.15
N ALA B 140 9.83 19.07 -6.30
CA ALA B 140 9.66 18.86 -4.86
C ALA B 140 8.19 18.74 -4.49
N VAL B 141 7.33 19.46 -5.19
CA VAL B 141 5.90 19.40 -4.89
C VAL B 141 5.32 18.09 -5.43
N ALA B 142 5.80 17.64 -6.59
CA ALA B 142 5.19 16.50 -7.27
C ALA B 142 5.42 15.19 -6.52
N ASN B 143 6.42 15.15 -5.63
CA ASN B 143 6.69 13.94 -4.87
C ASN B 143 6.33 14.06 -3.40
N GLU B 144 5.65 15.14 -3.01
CA GLU B 144 5.27 15.42 -1.62
C GLU B 144 6.47 15.43 -0.68
N HIS B 145 7.33 16.43 -0.83
CA HIS B 145 8.31 16.70 0.20
C HIS B 145 8.00 18.08 0.75
N LEU B 146 7.52 18.12 1.98
CA LEU B 146 7.06 19.37 2.57
C LEU B 146 8.24 20.23 3.02
N GLU B 147 9.26 19.60 3.59
CA GLU B 147 10.37 20.34 4.19
C GLU B 147 11.19 21.10 3.17
N ILE B 148 11.49 20.48 2.04
CA ILE B 148 12.22 21.17 1.00
C ILE B 148 11.33 22.20 0.32
N THR B 149 10.01 22.03 0.38
CA THR B 149 9.12 23.05 -0.19
C THR B 149 9.12 24.31 0.66
N GLU B 150 9.09 24.14 1.99
CA GLU B 150 9.28 25.29 2.88
C GLU B 150 10.65 25.92 2.70
N LEU B 151 11.68 25.08 2.53
CA LEU B 151 13.04 25.58 2.39
C LEU B 151 13.22 26.35 1.08
N LEU B 152 12.59 25.89 0.01
CA LEU B 152 12.66 26.60 -1.26
C LEU B 152 11.84 27.88 -1.21
N LEU B 153 10.74 27.86 -0.46
CA LEU B 153 9.94 29.08 -0.34
C LEU B 153 10.62 30.12 0.54
N LYS B 154 11.60 29.68 1.35
CA LYS B 154 12.45 30.65 2.03
C LYS B 154 13.25 31.50 1.06
N LYS B 155 13.61 30.94 -0.09
CA LYS B 155 14.30 31.71 -1.13
C LYS B 155 13.33 32.67 -1.80
N GLU B 156 13.91 33.66 -2.49
CA GLU B 156 13.12 34.74 -3.06
C GLU B 156 13.27 34.89 -4.57
N ASN B 157 14.24 34.25 -5.19
CA ASN B 157 14.35 34.29 -6.65
C ASN B 157 13.52 33.20 -7.32
N LEU B 158 12.66 32.52 -6.56
CA LEU B 158 11.94 31.37 -7.08
C LEU B 158 10.88 31.79 -8.07
N SER B 159 10.62 30.93 -9.04
CA SER B 159 9.61 31.17 -10.05
C SER B 159 8.70 29.96 -10.16
N ARG B 160 7.64 30.14 -10.94
CA ARG B 160 6.61 29.13 -11.20
C ARG B 160 5.97 28.62 -9.93
N VAL B 161 5.70 29.53 -8.99
CA VAL B 161 5.11 29.16 -7.72
C VAL B 161 3.64 28.84 -7.90
N GLY B 162 2.98 29.57 -8.79
CA GLY B 162 1.56 29.36 -9.01
C GLY B 162 1.26 28.01 -9.63
N ASP B 163 2.16 27.54 -10.50
CA ASP B 163 1.95 26.20 -11.03
C ASP B 163 2.29 25.15 -10.00
N ALA B 164 3.18 25.46 -9.06
CA ALA B 164 3.40 24.53 -7.95
C ALA B 164 2.16 24.43 -7.08
N LEU B 165 1.46 25.55 -6.88
CA LEU B 165 0.21 25.53 -6.14
C LEU B 165 -0.85 24.74 -6.90
N LEU B 166 -0.90 24.92 -8.22
CA LEU B 166 -1.85 24.17 -9.04
C LEU B 166 -1.56 22.68 -9.02
N LEU B 167 -0.29 22.29 -9.04
CA LEU B 167 0.06 20.88 -9.01
C LEU B 167 -0.26 20.27 -7.64
N ALA B 168 0.01 21.02 -6.57
CA ALA B 168 -0.27 20.51 -5.24
C ALA B 168 -1.76 20.42 -4.98
N ILE B 169 -2.55 21.28 -5.62
CA ILE B 169 -4.00 21.13 -5.55
C ILE B 169 -4.45 19.93 -6.37
N SER B 170 -3.87 19.75 -7.56
CA SER B 170 -4.29 18.70 -8.46
C SER B 170 -3.97 17.31 -7.93
N LYS B 171 -2.91 17.17 -7.15
CA LYS B 171 -2.65 15.90 -6.50
C LYS B 171 -3.22 15.86 -5.09
N GLY B 172 -3.55 17.00 -4.52
CA GLY B 172 -4.21 17.04 -3.23
C GLY B 172 -3.28 16.88 -2.04
N TYR B 173 -2.18 17.63 -2.02
CA TYR B 173 -1.28 17.64 -0.86
C TYR B 173 -1.64 18.86 -0.02
N VAL B 174 -2.17 18.59 1.18
CA VAL B 174 -2.82 19.65 1.95
C VAL B 174 -1.79 20.56 2.58
N ARG B 175 -0.78 20.00 3.24
CA ARG B 175 0.22 20.81 3.92
C ARG B 175 1.09 21.58 2.95
N ILE B 176 1.31 21.05 1.75
CA ILE B 176 2.06 21.78 0.74
C ILE B 176 1.27 22.97 0.24
N VAL B 177 -0.06 22.84 0.16
CA VAL B 177 -0.90 23.95 -0.24
C VAL B 177 -0.92 25.02 0.84
N GLU B 178 -1.08 24.59 2.10
CA GLU B 178 -1.09 25.56 3.19
C GLU B 178 0.27 26.14 3.49
N ALA B 179 1.34 25.56 2.96
CA ALA B 179 2.66 26.19 3.03
C ALA B 179 2.95 27.08 1.84
N ILE B 180 2.42 26.75 0.66
CA ILE B 180 2.60 27.59 -0.51
C ILE B 180 1.79 28.86 -0.39
N LEU B 181 0.62 28.79 0.27
CA LEU B 181 -0.22 29.96 0.42
C LEU B 181 0.35 30.98 1.41
N SER B 182 1.46 30.68 2.07
CA SER B 182 2.17 31.65 2.88
C SER B 182 3.22 32.41 2.08
N HIS B 183 3.33 32.16 0.78
CA HIS B 183 4.25 32.92 -0.05
C HIS B 183 3.70 34.33 -0.26
N PRO B 184 4.55 35.34 -0.42
CA PRO B 184 4.04 36.72 -0.56
C PRO B 184 3.26 37.01 -1.83
N ALA B 185 3.26 36.12 -2.82
CA ALA B 185 2.45 36.35 -4.00
C ALA B 185 0.98 36.07 -3.73
N PHE B 186 0.69 35.27 -2.71
CA PHE B 186 -0.68 34.98 -2.28
C PHE B 186 -1.00 35.61 -0.94
N ALA B 187 -0.47 36.80 -0.66
CA ALA B 187 -0.59 37.39 0.66
C ALA B 187 -2.02 37.88 0.93
N GLU B 188 -2.54 38.72 0.05
CA GLU B 188 -3.90 39.22 0.23
C GLU B 188 -4.93 38.44 -0.58
N GLY B 189 -4.54 37.32 -1.18
CA GLY B 189 -5.42 36.62 -2.09
C GLY B 189 -5.41 37.19 -3.49
N LYS B 190 -4.34 37.89 -3.87
CA LYS B 190 -4.31 38.66 -5.10
C LYS B 190 -4.16 37.80 -6.35
N ARG B 191 -4.04 36.49 -6.21
CA ARG B 191 -3.85 35.64 -7.37
C ARG B 191 -4.70 34.39 -7.34
N LEU B 192 -5.59 34.24 -6.36
CA LEU B 192 -6.19 32.93 -6.11
C LEU B 192 -7.33 32.64 -7.07
N ALA B 193 -8.40 33.42 -7.00
CA ALA B 193 -9.49 33.33 -7.97
C ALA B 193 -9.93 34.76 -8.26
N THR B 194 -9.31 35.37 -9.26
CA THR B 194 -9.47 36.80 -9.50
C THR B 194 -9.87 37.02 -10.95
N SER B 195 -11.12 37.41 -11.16
CA SER B 195 -11.60 37.88 -12.45
C SER B 195 -11.24 39.34 -12.80
N PRO B 196 -11.17 40.35 -11.85
CA PRO B 196 -10.72 41.69 -12.28
C PRO B 196 -9.28 41.75 -12.76
N SER B 197 -8.43 40.83 -12.32
CA SER B 197 -7.12 40.64 -12.92
C SER B 197 -7.25 39.44 -13.84
N GLN B 198 -7.53 39.70 -15.11
CA GLN B 198 -7.91 38.68 -16.07
C GLN B 198 -6.75 37.74 -16.39
N SER B 199 -6.99 36.43 -16.22
CA SER B 199 -5.92 35.46 -16.43
C SER B 199 -5.81 35.07 -17.89
N GLU B 200 -6.95 34.97 -18.59
CA GLU B 200 -6.92 34.53 -19.98
C GLU B 200 -6.64 35.70 -20.93
N LEU B 201 -7.31 36.82 -20.73
CA LEU B 201 -7.15 37.99 -21.59
C LEU B 201 -5.80 38.66 -21.40
N GLN B 202 -5.46 39.01 -20.17
CA GLN B 202 -4.20 39.66 -19.86
C GLN B 202 -3.12 38.61 -19.62
N GLN B 203 -1.96 38.79 -20.25
CA GLN B 203 -0.84 37.87 -20.08
C GLN B 203 -0.20 38.08 -18.71
N ASP B 204 -0.85 37.55 -17.67
CA ASP B 204 -0.36 37.69 -16.30
C ASP B 204 0.90 36.87 -16.09
N ASP B 205 0.98 35.72 -16.78
CA ASP B 205 2.13 34.82 -16.79
C ASP B 205 2.49 34.32 -15.41
N PHE B 206 1.51 34.17 -14.52
CA PHE B 206 1.83 33.68 -13.19
C PHE B 206 1.75 32.17 -13.12
N TYR B 207 0.58 31.61 -13.40
CA TYR B 207 0.41 30.17 -13.48
C TYR B 207 1.00 29.72 -14.81
N ALA B 208 2.25 29.29 -14.79
CA ALA B 208 2.90 28.89 -16.03
C ALA B 208 4.02 27.92 -15.73
N TYR B 209 4.30 27.09 -16.72
CA TYR B 209 5.47 26.23 -16.73
C TYR B 209 6.01 26.19 -18.15
N ASP B 210 7.33 26.06 -18.26
CA ASP B 210 8.08 25.99 -19.52
C ASP B 210 7.92 27.24 -20.38
N GLU B 211 7.57 28.38 -19.76
CA GLU B 211 7.40 29.72 -20.35
C GLU B 211 6.56 29.75 -21.63
N ASP B 212 5.68 28.76 -21.81
CA ASP B 212 4.97 28.65 -23.08
C ASP B 212 3.50 28.29 -22.91
N GLY B 213 3.04 28.00 -21.70
CA GLY B 213 1.67 27.56 -21.54
C GLY B 213 1.41 27.08 -20.13
N THR B 214 0.14 26.85 -19.86
CA THR B 214 -0.33 26.51 -18.53
C THR B 214 -0.49 25.00 -18.41
N ARG B 215 -0.49 24.51 -17.18
CA ARG B 215 -0.68 23.09 -16.96
C ARG B 215 -2.14 22.69 -17.13
N PHE B 216 -3.04 23.66 -17.17
CA PHE B 216 -4.45 23.47 -17.39
C PHE B 216 -4.93 24.57 -18.33
N SER B 217 -6.24 24.80 -18.38
CA SER B 217 -6.72 25.93 -19.17
C SER B 217 -6.38 27.24 -18.50
N HIS B 218 -6.52 28.33 -19.24
CA HIS B 218 -6.32 29.65 -18.67
C HIS B 218 -7.42 30.00 -17.69
N ASP B 219 -8.62 29.47 -17.93
CA ASP B 219 -9.76 29.75 -17.05
C ASP B 219 -9.65 29.00 -15.73
N VAL B 220 -8.79 27.97 -15.67
CA VAL B 220 -8.64 27.22 -14.43
C VAL B 220 -7.88 28.06 -13.42
N THR B 221 -8.51 28.31 -12.28
CA THR B 221 -7.92 29.02 -11.18
C THR B 221 -7.84 27.98 -10.06
N PRO B 222 -7.06 28.21 -8.98
CA PRO B 222 -6.99 27.25 -7.87
C PRO B 222 -8.28 26.70 -7.29
N ILE B 223 -9.29 27.53 -7.06
CA ILE B 223 -10.49 26.99 -6.42
C ILE B 223 -11.33 26.21 -7.43
N ILE B 224 -11.22 26.52 -8.71
CA ILE B 224 -11.87 25.72 -9.73
C ILE B 224 -11.25 24.33 -9.82
N LEU B 225 -9.93 24.26 -9.76
CA LEU B 225 -9.25 22.97 -9.74
C LEU B 225 -9.49 22.21 -8.46
N ALA B 226 -9.65 22.92 -7.34
CA ALA B 226 -9.97 22.25 -6.08
C ALA B 226 -11.37 21.69 -6.10
N ALA B 227 -12.29 22.38 -6.78
CA ALA B 227 -13.63 21.83 -6.93
C ALA B 227 -13.62 20.66 -7.90
N HIS B 228 -12.74 20.71 -8.90
CA HIS B 228 -12.65 19.59 -9.85
C HIS B 228 -12.10 18.35 -9.20
N CYS B 229 -11.10 18.49 -8.34
CA CYS B 229 -10.53 17.33 -7.67
C CYS B 229 -11.31 16.91 -6.44
N GLN B 230 -12.26 17.75 -6.00
CA GLN B 230 -13.19 17.47 -4.91
C GLN B 230 -12.47 17.13 -3.61
N GLU B 231 -11.60 18.03 -3.17
CA GLU B 231 -10.91 17.85 -1.90
C GLU B 231 -11.32 19.00 -1.00
N TYR B 232 -11.83 18.64 0.18
CA TYR B 232 -12.67 19.56 0.94
C TYR B 232 -11.83 20.53 1.75
N GLU B 233 -10.69 20.07 2.29
CA GLU B 233 -9.87 20.93 3.12
C GLU B 233 -9.24 22.04 2.29
N ILE B 234 -8.90 21.73 1.04
CA ILE B 234 -8.30 22.75 0.16
C ILE B 234 -9.35 23.76 -0.25
N VAL B 235 -10.58 23.30 -0.48
CA VAL B 235 -11.68 24.21 -0.82
C VAL B 235 -11.98 25.13 0.35
N HIS B 236 -11.94 24.59 1.57
CA HIS B 236 -12.20 25.42 2.74
C HIS B 236 -11.07 26.42 2.97
N THR B 237 -9.84 26.01 2.70
CA THR B 237 -8.72 26.94 2.86
C THR B 237 -8.76 28.06 1.84
N LEU B 238 -9.10 27.72 0.59
CA LEU B 238 -9.18 28.76 -0.43
C LEU B 238 -10.42 29.63 -0.25
N LEU B 239 -11.46 29.12 0.40
CA LEU B 239 -12.62 29.95 0.70
C LEU B 239 -12.33 30.88 1.85
N ARG B 240 -11.52 30.44 2.81
CA ARG B 240 -11.15 31.31 3.92
C ARG B 240 -10.23 32.42 3.47
N LYS B 241 -9.56 32.25 2.34
CA LYS B 241 -8.81 33.31 1.70
C LYS B 241 -9.70 34.27 0.92
N GLY B 242 -11.01 34.06 0.93
CA GLY B 242 -11.93 34.98 0.28
C GLY B 242 -11.96 34.86 -1.23
N ALA B 243 -11.58 33.71 -1.76
CA ALA B 243 -11.66 33.45 -3.20
C ALA B 243 -12.89 32.61 -3.48
N ARG B 244 -13.62 32.97 -4.54
CA ARG B 244 -14.83 32.27 -4.91
C ARG B 244 -14.86 32.07 -6.41
N ILE B 245 -15.76 31.22 -6.87
CA ILE B 245 -15.96 30.98 -8.30
C ILE B 245 -17.06 31.92 -8.78
N GLU B 246 -16.71 32.78 -9.74
CA GLU B 246 -17.68 33.67 -10.36
C GLU B 246 -18.45 32.88 -11.40
N ARG B 247 -19.77 33.01 -11.36
CA ARG B 247 -20.68 32.36 -12.31
C ARG B 247 -20.40 32.88 -13.71
N PRO B 248 -20.39 32.03 -14.73
CA PRO B 248 -20.18 32.52 -16.09
C PRO B 248 -21.39 33.31 -16.58
N HIS B 249 -21.20 34.01 -17.69
CA HIS B 249 -22.24 34.87 -18.20
C HIS B 249 -23.32 34.05 -18.90
N ASP B 250 -24.26 34.77 -19.52
CA ASP B 250 -25.34 34.12 -20.26
C ASP B 250 -24.82 33.51 -21.56
N TYR B 251 -25.65 32.71 -22.21
CA TYR B 251 -25.25 32.08 -23.47
C TYR B 251 -25.10 33.09 -24.59
N PHE B 252 -25.77 34.23 -24.49
CA PHE B 252 -25.51 35.38 -25.34
C PHE B 252 -25.58 36.61 -24.43
N CYS B 253 -24.45 36.97 -23.83
CA CYS B 253 -24.44 38.07 -22.88
C CYS B 253 -24.39 39.43 -23.55
N LYS B 254 -23.79 39.51 -24.74
CA LYS B 254 -23.62 40.68 -25.60
C LYS B 254 -22.74 41.78 -25.02
N CYS B 255 -22.14 41.57 -23.85
CA CYS B 255 -21.12 42.51 -23.39
C CYS B 255 -19.83 42.26 -24.14
N ASN B 256 -19.04 43.32 -24.32
CA ASN B 256 -17.92 43.29 -25.25
C ASN B 256 -16.79 42.40 -24.75
N ASP B 257 -16.70 42.18 -23.44
CA ASP B 257 -15.72 41.24 -22.90
C ASP B 257 -16.05 39.81 -23.34
N CYS B 258 -17.31 39.40 -23.16
CA CYS B 258 -17.72 38.05 -23.57
C CYS B 258 -17.69 37.89 -25.08
N ASN B 259 -18.05 38.95 -25.82
CA ASN B 259 -18.00 38.88 -27.28
C ASN B 259 -16.56 38.79 -27.77
N GLN B 260 -15.63 39.49 -27.10
CA GLN B 260 -14.23 39.43 -27.49
C GLN B 260 -13.63 38.07 -27.16
N LYS B 261 -13.98 37.52 -25.99
CA LYS B 261 -13.49 36.19 -25.62
C LYS B 261 -14.11 35.12 -26.50
N GLN B 262 -15.31 35.36 -27.03
CA GLN B 262 -15.92 34.44 -27.97
C GLN B 262 -15.28 34.55 -29.36
N LYS B 263 -14.89 35.77 -29.75
CA LYS B 263 -14.35 35.99 -31.08
C LYS B 263 -12.91 35.52 -31.18
N HIS B 264 -12.16 35.60 -30.08
CA HIS B 264 -10.78 35.15 -30.09
C HIS B 264 -10.67 33.64 -30.21
N ASP B 265 -11.55 32.89 -29.52
CA ASP B 265 -11.54 31.43 -29.58
C ASP B 265 -12.89 30.88 -29.16
N SER B 266 -13.43 29.94 -29.94
CA SER B 266 -14.73 29.38 -29.62
C SER B 266 -14.60 28.15 -28.72
N PHE B 267 -13.70 27.24 -29.08
CA PHE B 267 -13.49 26.02 -28.30
C PHE B 267 -12.95 26.32 -26.92
N SER B 268 -12.04 27.28 -26.82
CA SER B 268 -11.51 27.70 -25.52
C SER B 268 -12.60 28.34 -24.66
N HIS B 269 -13.50 29.11 -25.28
CA HIS B 269 -14.57 29.74 -24.52
C HIS B 269 -15.56 28.71 -24.02
N SER B 270 -15.89 27.72 -24.83
CA SER B 270 -16.81 26.67 -24.41
C SER B 270 -16.18 25.80 -23.33
N ARG B 271 -14.88 25.54 -23.43
CA ARG B 271 -14.19 24.79 -22.40
C ARG B 271 -14.12 25.56 -21.09
N SER B 272 -13.98 26.89 -21.18
CA SER B 272 -14.00 27.72 -19.98
C SER B 272 -15.35 27.68 -19.31
N ARG B 273 -16.42 27.74 -20.11
CA ARG B 273 -17.77 27.69 -19.54
C ARG B 273 -18.03 26.34 -18.87
N ILE B 274 -17.66 25.25 -19.52
CA ILE B 274 -17.97 23.94 -18.96
C ILE B 274 -17.07 23.67 -17.75
N ASN B 275 -15.86 24.23 -17.72
CA ASN B 275 -14.98 24.04 -16.58
C ASN B 275 -15.49 24.82 -15.38
N ALA B 276 -15.98 26.05 -15.61
CA ALA B 276 -16.51 26.84 -14.52
C ALA B 276 -17.82 26.25 -14.00
N TYR B 277 -18.61 25.65 -14.88
CA TYR B 277 -19.85 25.06 -14.39
C TYR B 277 -19.59 23.74 -13.68
N LYS B 278 -18.57 23.00 -14.10
CA LYS B 278 -18.16 21.82 -13.35
C LYS B 278 -17.60 22.19 -11.99
N GLY B 279 -16.94 23.34 -11.91
CA GLY B 279 -16.50 23.83 -10.62
C GLY B 279 -17.65 24.27 -9.74
N LEU B 280 -18.68 24.87 -10.35
CA LEU B 280 -19.85 25.27 -9.57
C LEU B 280 -20.70 24.10 -9.11
N ALA B 281 -20.73 23.00 -9.86
CA ALA B 281 -21.59 21.88 -9.52
C ALA B 281 -20.93 20.84 -8.65
N SER B 282 -19.73 21.09 -8.16
CA SER B 282 -19.05 20.12 -7.32
C SER B 282 -19.70 20.08 -5.95
N PRO B 283 -19.76 18.93 -5.29
CA PRO B 283 -20.36 18.88 -3.95
C PRO B 283 -19.54 19.62 -2.91
N ALA B 284 -18.24 19.77 -3.15
CA ALA B 284 -17.40 20.51 -2.23
C ALA B 284 -17.77 21.99 -2.21
N TYR B 285 -17.88 22.59 -3.39
CA TYR B 285 -18.18 24.02 -3.45
C TYR B 285 -19.60 24.30 -3.03
N LEU B 286 -20.53 23.40 -3.38
CA LEU B 286 -21.91 23.57 -2.95
C LEU B 286 -22.04 23.41 -1.44
N SER B 287 -21.25 22.50 -0.86
CA SER B 287 -21.39 22.26 0.57
C SER B 287 -20.69 23.33 1.38
N LEU B 288 -19.66 23.96 0.83
CA LEU B 288 -18.88 24.89 1.63
C LEU B 288 -19.07 26.35 1.27
N SER B 289 -19.78 26.67 0.19
CA SER B 289 -19.79 28.04 -0.28
C SER B 289 -21.09 28.79 -0.03
N SER B 290 -22.21 28.10 0.09
CA SER B 290 -23.50 28.78 0.22
C SER B 290 -24.04 28.64 1.64
N GLU B 291 -25.20 29.27 1.85
CA GLU B 291 -25.88 29.16 3.13
C GLU B 291 -27.09 28.24 3.08
N ASP B 292 -27.74 28.13 1.92
CA ASP B 292 -28.80 27.15 1.72
C ASP B 292 -28.39 26.29 0.53
N PRO B 293 -27.67 25.19 0.79
CA PRO B 293 -27.10 24.41 -0.32
C PRO B 293 -28.13 23.68 -1.15
N VAL B 294 -29.28 23.35 -0.57
CA VAL B 294 -30.32 22.68 -1.34
C VAL B 294 -30.92 23.61 -2.39
N MET B 295 -31.13 24.88 -2.04
CA MET B 295 -31.70 25.84 -2.97
C MET B 295 -30.72 26.16 -4.09
N THR B 296 -29.45 26.37 -3.74
CA THR B 296 -28.42 26.64 -4.74
C THR B 296 -28.22 25.44 -5.65
N ALA B 297 -28.28 24.23 -5.09
CA ALA B 297 -28.11 23.03 -5.91
C ALA B 297 -29.27 22.86 -6.88
N LEU B 298 -30.49 23.15 -6.44
CA LEU B 298 -31.63 23.00 -7.34
C LEU B 298 -31.65 24.05 -8.43
N GLU B 299 -31.30 25.30 -8.08
CA GLU B 299 -31.22 26.36 -9.08
C GLU B 299 -30.13 26.06 -10.10
N LEU B 300 -28.99 25.57 -9.63
CA LEU B 300 -27.93 25.19 -10.54
C LEU B 300 -28.30 24.00 -11.40
N SER B 301 -29.07 23.05 -10.88
CA SER B 301 -29.48 21.91 -11.69
C SER B 301 -30.43 22.33 -12.81
N ASN B 302 -31.38 23.22 -12.50
CA ASN B 302 -32.29 23.71 -13.53
C ASN B 302 -31.55 24.56 -14.57
N GLU B 303 -30.61 25.38 -14.11
CA GLU B 303 -29.84 26.22 -15.03
C GLU B 303 -28.95 25.38 -15.92
N LEU B 304 -28.41 24.29 -15.38
CA LEU B 304 -27.57 23.42 -16.19
C LEU B 304 -28.41 22.58 -17.14
N ALA B 305 -29.65 22.28 -16.80
CA ALA B 305 -30.51 21.59 -17.76
C ALA B 305 -30.89 22.52 -18.91
N VAL B 306 -31.12 23.79 -18.62
CA VAL B 306 -31.42 24.76 -19.68
C VAL B 306 -30.21 24.96 -20.59
N LEU B 307 -29.02 25.08 -20.00
CA LEU B 307 -27.83 25.20 -20.84
C LEU B 307 -27.46 23.89 -21.51
N ALA B 308 -28.00 22.77 -21.03
CA ALA B 308 -27.83 21.51 -21.71
C ALA B 308 -28.66 21.46 -22.98
N ASN B 309 -29.96 21.76 -22.87
CA ASN B 309 -30.82 21.61 -24.04
C ASN B 309 -30.63 22.75 -25.04
N ILE B 310 -30.09 23.89 -24.58
CA ILE B 310 -29.86 24.98 -25.52
C ILE B 310 -28.57 24.78 -26.29
N GLU B 311 -27.46 24.56 -25.58
CA GLU B 311 -26.13 24.48 -26.21
C GLU B 311 -25.96 23.11 -26.84
N LYS B 312 -25.33 23.07 -28.01
CA LYS B 312 -25.15 21.80 -28.72
C LYS B 312 -23.80 21.18 -28.41
N GLU B 313 -22.75 21.99 -28.27
CA GLU B 313 -21.46 21.47 -27.87
C GLU B 313 -21.49 21.09 -26.40
N PHE B 314 -20.92 19.91 -26.09
CA PHE B 314 -20.95 19.31 -24.75
C PHE B 314 -22.37 19.16 -24.23
N LYS B 315 -23.26 18.64 -25.09
CA LYS B 315 -24.69 18.66 -24.79
C LYS B 315 -25.03 17.65 -23.71
N ASN B 316 -24.20 16.62 -23.52
CA ASN B 316 -24.47 15.62 -22.51
C ASN B 316 -23.81 15.91 -21.18
N ASP B 317 -22.66 16.57 -21.18
CA ASP B 317 -21.93 16.81 -19.93
C ASP B 317 -22.66 17.83 -19.07
N TYR B 318 -23.28 18.82 -19.71
CA TYR B 318 -24.14 19.78 -19.02
C TYR B 318 -25.36 19.13 -18.39
N LYS B 319 -25.77 17.96 -18.86
CA LYS B 319 -26.77 17.16 -18.16
C LYS B 319 -26.18 16.31 -17.05
N LYS B 320 -24.92 15.86 -17.21
CA LYS B 320 -24.27 15.09 -16.17
C LYS B 320 -24.00 15.94 -14.93
N LEU B 321 -23.74 17.23 -15.12
CA LEU B 321 -23.56 18.11 -13.97
C LEU B 321 -24.86 18.33 -13.23
N SER B 322 -25.97 18.45 -13.96
CA SER B 322 -27.27 18.58 -13.31
C SER B 322 -27.65 17.29 -12.61
N MET B 323 -27.24 16.16 -13.18
CA MET B 323 -27.44 14.87 -12.52
C MET B 323 -26.59 14.79 -11.25
N GLN B 324 -25.41 15.40 -11.26
CA GLN B 324 -24.60 15.46 -10.05
C GLN B 324 -25.24 16.34 -8.99
N CYS B 325 -25.91 17.42 -9.40
CA CYS B 325 -26.61 18.26 -8.43
C CYS B 325 -27.80 17.53 -7.82
N LYS B 326 -28.55 16.80 -8.65
CA LYS B 326 -29.64 15.98 -8.13
C LYS B 326 -29.13 14.87 -7.23
N ASP B 327 -27.98 14.29 -7.56
CA ASP B 327 -27.33 13.31 -6.70
C ASP B 327 -26.92 13.91 -5.38
N PHE B 328 -26.47 15.17 -5.39
CA PHE B 328 -26.08 15.84 -4.15
C PHE B 328 -27.28 16.08 -3.25
N VAL B 329 -28.40 16.54 -3.81
CA VAL B 329 -29.54 16.82 -2.96
C VAL B 329 -30.20 15.51 -2.50
N VAL B 330 -30.09 14.44 -3.29
CA VAL B 330 -30.58 13.15 -2.86
C VAL B 330 -29.70 12.58 -1.74
N GLY B 331 -28.39 12.80 -1.83
CA GLY B 331 -27.50 12.38 -0.75
C GLY B 331 -27.73 13.15 0.54
N LEU B 332 -28.08 14.44 0.42
CA LEU B 332 -28.49 15.18 1.60
C LEU B 332 -29.79 14.63 2.18
N LEU B 333 -30.74 14.23 1.33
CA LEU B 333 -31.96 13.60 1.82
C LEU B 333 -31.67 12.27 2.51
N ASP B 334 -30.72 11.52 1.98
CA ASP B 334 -30.45 10.18 2.50
C ASP B 334 -29.69 10.24 3.81
N LEU B 335 -28.92 11.29 4.03
CA LEU B 335 -28.17 11.35 5.28
C LEU B 335 -28.98 11.85 6.47
N CYS B 336 -30.28 12.11 6.31
CA CYS B 336 -31.07 12.58 7.44
C CYS B 336 -31.39 11.43 8.38
N ARG B 337 -31.33 11.71 9.68
CA ARG B 337 -31.74 10.71 10.67
C ARG B 337 -33.14 10.99 11.18
N ASN B 338 -33.35 12.19 11.72
CA ASN B 338 -34.62 12.54 12.31
C ASN B 338 -35.63 12.89 11.22
N THR B 339 -36.91 12.75 11.56
CA THR B 339 -37.98 13.19 10.67
C THR B 339 -38.01 14.71 10.58
N GLU B 340 -37.53 15.40 11.61
CA GLU B 340 -37.36 16.85 11.55
C GLU B 340 -36.36 17.25 10.47
N GLU B 341 -35.30 16.46 10.29
CA GLU B 341 -34.32 16.76 9.26
C GLU B 341 -34.90 16.54 7.86
N VAL B 342 -35.71 15.49 7.70
CA VAL B 342 -36.34 15.22 6.42
C VAL B 342 -37.34 16.33 6.09
N GLU B 343 -38.09 16.78 7.09
CA GLU B 343 -39.06 17.85 6.87
C GLU B 343 -38.36 19.18 6.63
N ALA B 344 -37.18 19.37 7.22
CA ALA B 344 -36.42 20.58 6.99
C ALA B 344 -35.83 20.62 5.59
N ILE B 345 -35.46 19.47 5.05
CA ILE B 345 -35.02 19.47 3.65
C ILE B 345 -36.21 19.65 2.72
N LEU B 346 -37.28 18.89 2.93
CA LEU B 346 -38.39 18.89 1.97
C LEU B 346 -39.20 20.18 2.01
N ASN B 347 -39.17 20.88 3.15
CA ASN B 347 -39.79 22.20 3.20
C ASN B 347 -38.80 23.28 2.79
N GLY B 348 -37.68 23.38 3.50
CA GLY B 348 -36.75 24.46 3.29
C GLY B 348 -36.97 25.65 4.19
N ASP B 349 -38.10 25.72 4.89
CA ASP B 349 -38.38 26.82 5.79
C ASP B 349 -39.31 26.37 6.91
N ARG B 853 -32.23 30.78 12.10
CA ARG B 853 -32.93 30.23 13.26
C ARG B 853 -32.75 28.72 13.32
N GLN B 854 -33.88 28.00 13.38
CA GLN B 854 -33.82 26.54 13.50
C GLN B 854 -33.35 25.90 12.20
N TYR B 855 -33.80 26.44 11.07
CA TYR B 855 -33.40 25.90 9.77
C TYR B 855 -31.92 26.11 9.51
N GLN B 856 -31.36 27.22 9.97
CA GLN B 856 -29.93 27.48 9.83
C GLN B 856 -29.12 26.47 10.64
N LYS B 857 -29.58 26.15 11.85
CA LYS B 857 -28.88 25.19 12.69
C LYS B 857 -28.95 23.78 12.11
N ILE B 858 -30.12 23.39 11.60
CA ILE B 858 -30.27 22.03 11.09
C ILE B 858 -29.53 21.88 9.75
N MET B 859 -29.41 22.96 9.00
CA MET B 859 -28.62 22.87 7.77
C MET B 859 -27.13 22.85 8.06
N LYS B 860 -26.70 23.59 9.09
CA LYS B 860 -25.30 23.53 9.50
C LYS B 860 -24.95 22.17 10.12
N ARG B 861 -25.93 21.45 10.65
CA ARG B 861 -25.66 20.09 11.09
C ARG B 861 -25.58 19.13 9.91
N LEU B 862 -26.52 19.24 8.96
CA LEU B 862 -26.55 18.30 7.85
C LEU B 862 -25.39 18.48 6.90
N ILE B 863 -24.89 19.71 6.76
CA ILE B 863 -23.76 19.97 5.88
C ILE B 863 -22.51 19.32 6.44
N LYS B 864 -22.34 19.37 7.77
CA LYS B 864 -21.21 18.73 8.43
C LYS B 864 -21.32 17.21 8.33
N ARG B 865 -22.53 16.68 8.48
CA ARG B 865 -22.73 15.24 8.34
C ARG B 865 -22.41 14.76 6.94
N TYR B 866 -22.83 15.52 5.92
CA TYR B 866 -22.55 15.13 4.55
C TYR B 866 -21.06 15.24 4.22
N VAL B 867 -20.40 16.25 4.79
CA VAL B 867 -18.97 16.41 4.55
C VAL B 867 -18.19 15.24 5.14
N LEU B 868 -18.53 14.83 6.36
CA LEU B 868 -17.83 13.70 6.97
C LEU B 868 -18.15 12.39 6.25
N GLN B 869 -19.39 12.24 5.77
CA GLN B 869 -19.74 11.02 5.03
C GLN B 869 -19.01 10.95 3.70
N ALA B 870 -18.90 12.08 3.00
CA ALA B 870 -18.16 12.07 1.73
C ALA B 870 -16.67 11.92 1.95
N GLN B 871 -16.17 12.37 3.10
CA GLN B 871 -14.76 12.15 3.41
C GLN B 871 -14.48 10.67 3.66
N ILE B 872 -15.39 9.98 4.35
CA ILE B 872 -15.24 8.54 4.53
C ILE B 872 -15.34 7.81 3.19
N ASP B 873 -16.30 8.18 2.36
CA ASP B 873 -16.46 7.50 1.08
C ASP B 873 -15.37 7.85 0.09
N LYS B 874 -14.65 8.96 0.29
CA LYS B 874 -13.43 9.18 -0.47
C LYS B 874 -12.29 8.35 0.10
N GLU B 875 -12.30 8.11 1.41
CA GLU B 875 -11.31 7.23 2.02
C GLU B 875 -11.63 5.75 1.84
N SER B 876 -12.72 5.42 1.15
CA SER B 876 -13.06 4.03 0.89
C SER B 876 -12.97 3.68 -0.60
N ASP B 877 -12.20 4.44 -1.37
CA ASP B 877 -11.95 4.12 -2.76
C ASP B 877 -10.70 3.25 -2.85
N GLU B 878 -10.56 2.57 -3.98
CA GLU B 878 -9.41 1.71 -4.20
C GLU B 878 -8.15 2.53 -4.38
N VAL B 879 -7.02 1.88 -4.28
CA VAL B 879 -5.74 2.55 -4.16
C VAL B 879 -5.04 2.58 -5.51
N ASN B 880 -4.60 3.77 -5.91
CA ASN B 880 -3.83 3.97 -7.12
C ASN B 880 -2.34 4.00 -6.80
N GLU B 881 -1.53 4.10 -7.85
CA GLU B 881 -0.09 3.94 -7.71
C GLU B 881 0.56 5.15 -7.07
N GLY B 882 -0.06 6.33 -7.23
CA GLY B 882 0.56 7.56 -6.78
C GLY B 882 0.69 7.67 -5.28
N GLU B 883 -0.22 7.03 -4.55
CA GLU B 883 -0.13 7.05 -3.10
C GLU B 883 1.06 6.23 -2.61
N LEU B 884 1.30 5.07 -3.24
CA LEU B 884 2.49 4.30 -2.90
C LEU B 884 3.77 5.01 -3.33
N LYS B 885 3.71 5.76 -4.43
CA LYS B 885 4.84 6.59 -4.81
C LYS B 885 5.13 7.64 -3.74
N GLU B 886 4.08 8.26 -3.18
CA GLU B 886 4.25 9.22 -2.09
C GLU B 886 4.86 8.57 -0.86
N ILE B 887 4.42 7.34 -0.55
CA ILE B 887 4.92 6.67 0.65
C ILE B 887 6.39 6.29 0.48
N LYS B 888 6.77 5.81 -0.70
CA LYS B 888 8.16 5.45 -0.94
C LYS B 888 9.06 6.69 -0.94
N GLN B 889 8.57 7.80 -1.47
CA GLN B 889 9.36 9.01 -1.42
C GLN B 889 9.50 9.56 0.00
N ASP B 890 8.45 9.47 0.82
CA ASP B 890 8.58 9.90 2.21
C ASP B 890 9.53 9.00 2.99
N ILE B 891 9.55 7.71 2.65
CA ILE B 891 10.49 6.78 3.29
C ILE B 891 11.92 7.13 2.94
N SER B 892 12.16 7.44 1.66
CA SER B 892 13.51 7.80 1.24
C SER B 892 13.96 9.12 1.85
N SER B 893 13.01 10.07 2.01
CA SER B 893 13.33 11.33 2.67
C SER B 893 13.69 11.12 4.13
N LEU B 894 12.95 10.24 4.80
CA LEU B 894 13.28 9.89 6.18
C LEU B 894 14.65 9.24 6.29
N ARG B 895 14.99 8.38 5.33
CA ARG B 895 16.29 7.73 5.33
C ARG B 895 17.42 8.73 5.21
N TYR B 896 17.27 9.67 4.27
CA TYR B 896 18.32 10.68 4.06
C TYR B 896 18.49 11.57 5.27
N GLU B 897 17.37 11.99 5.87
CA GLU B 897 17.43 12.87 7.03
C GLU B 897 18.08 12.19 8.22
N LEU B 898 17.71 10.94 8.51
CA LEU B 898 18.24 10.27 9.68
C LEU B 898 19.71 9.91 9.51
N LEU B 899 20.10 9.46 8.31
CA LEU B 899 21.48 9.07 8.06
C LEU B 899 22.42 10.26 8.15
N GLU B 900 22.06 11.37 7.49
CA GLU B 900 22.92 12.54 7.59
C GLU B 900 22.90 13.14 8.98
N GLU B 901 21.78 13.05 9.69
CA GLU B 901 21.69 13.67 11.00
C GLU B 901 22.58 12.93 11.99
N LYS B 902 22.61 11.60 11.94
CA LYS B 902 23.49 10.88 12.83
C LYS B 902 24.96 11.00 12.41
N SER B 903 25.22 11.18 11.11
CA SER B 903 26.60 11.37 10.66
C SER B 903 27.14 12.73 11.12
N GLN B 904 26.37 13.80 10.93
CA GLN B 904 26.76 15.12 11.40
C GLN B 904 26.81 15.16 12.92
N ASN B 905 25.96 14.35 13.57
CA ASN B 905 25.99 14.17 15.02
C ASN B 905 27.34 13.63 15.49
N THR B 906 27.78 12.51 14.90
CA THR B 906 29.01 11.90 15.38
C THR B 906 30.23 12.74 15.02
N GLU B 907 30.17 13.51 13.92
CA GLU B 907 31.28 14.37 13.59
C GLU B 907 31.37 15.56 14.55
N ASP B 908 30.24 16.22 14.81
CA ASP B 908 30.20 17.37 15.71
C ASP B 908 30.54 16.98 17.13
N LEU B 909 30.24 15.75 17.52
CA LEU B 909 30.55 15.30 18.87
C LEU B 909 32.00 14.83 18.98
N ALA B 910 32.47 14.06 18.00
CA ALA B 910 33.83 13.52 18.04
C ALA B 910 34.86 14.61 17.88
N GLU B 911 34.51 15.74 17.27
CA GLU B 911 35.39 16.91 17.29
C GLU B 911 35.60 17.40 18.73
N LEU B 912 34.52 17.50 19.50
CA LEU B 912 34.63 18.06 20.83
C LEU B 912 35.28 17.08 21.81
N ILE B 913 35.18 15.78 21.56
CA ILE B 913 35.98 14.84 22.35
C ILE B 913 37.42 14.73 21.84
N ARG B 914 37.67 15.03 20.58
CA ARG B 914 39.04 15.10 20.08
C ARG B 914 39.80 16.27 20.68
N GLU B 915 39.11 17.38 20.91
CA GLU B 915 39.72 18.52 21.61
C GLU B 915 40.18 18.14 23.01
N LEU B 916 39.39 17.29 23.68
CA LEU B 916 39.78 16.71 24.96
C LEU B 916 41.01 15.83 24.82
N GLY B 917 40.93 14.82 23.94
CA GLY B 917 41.97 13.83 23.76
C GLY B 917 43.31 14.39 23.34
N GLU B 918 43.28 15.54 22.66
CA GLU B 918 44.49 16.31 22.39
C GLU B 918 44.87 17.18 23.58
N LYS B 919 43.88 17.66 24.34
CA LYS B 919 44.18 18.61 25.40
C LYS B 919 44.71 17.93 26.66
N LEU B 920 44.15 16.79 27.03
CA LEU B 920 44.54 16.15 28.28
C LEU B 920 45.82 15.35 28.10
N TYR C 86 -20.91 34.74 3.92
CA TYR C 86 -21.62 33.70 3.18
C TYR C 86 -20.93 32.35 3.36
N MET C 87 -19.76 32.39 3.99
CA MET C 87 -18.96 31.19 4.19
C MET C 87 -19.60 30.30 5.25
N PHE C 88 -19.43 28.99 5.08
CA PHE C 88 -19.74 28.02 6.12
C PHE C 88 -18.48 27.80 6.94
N SER C 89 -18.55 28.12 8.23
CA SER C 89 -17.46 27.88 9.16
C SER C 89 -18.04 27.53 10.52
N ASP C 90 -17.60 26.41 11.08
CA ASP C 90 -18.10 26.00 12.38
C ASP C 90 -17.48 26.81 13.51
N ARG C 91 -16.15 26.90 13.52
CA ARG C 91 -15.45 27.68 14.53
C ARG C 91 -15.66 29.16 14.23
N SER C 92 -16.59 29.78 14.95
CA SER C 92 -16.90 31.19 14.71
C SER C 92 -15.76 32.08 15.19
N THR C 93 -15.09 31.69 16.26
CA THR C 93 -13.93 32.42 16.73
C THR C 93 -12.70 31.99 15.93
N SER C 94 -11.95 32.99 15.45
CA SER C 94 -10.70 32.71 14.76
C SER C 94 -9.69 32.07 15.72
N LEU C 95 -8.87 31.18 15.19
CA LEU C 95 -8.04 30.30 15.98
C LEU C 95 -6.69 30.97 16.25
N SER C 96 -6.24 30.88 17.50
CA SER C 96 -4.95 31.44 17.86
C SER C 96 -3.82 30.59 17.33
N ILE C 97 -2.61 31.14 17.37
CA ILE C 97 -1.44 30.46 16.82
C ILE C 97 -1.07 29.26 17.67
N GLU C 98 -1.30 29.35 18.99
CA GLU C 98 -1.09 28.21 19.88
C GLU C 98 -2.03 27.06 19.51
N GLU C 99 -3.32 27.37 19.34
CA GLU C 99 -4.28 26.35 18.97
C GLU C 99 -4.03 25.82 17.57
N GLU C 100 -3.53 26.68 16.68
CA GLU C 100 -3.18 26.21 15.34
C GLU C 100 -2.02 25.22 15.35
N ARG C 101 -0.92 25.55 16.04
CA ARG C 101 0.20 24.62 16.11
C ARG C 101 -0.19 23.35 16.85
N PHE C 102 -1.01 23.46 17.89
CA PHE C 102 -1.46 22.28 18.61
C PHE C 102 -2.37 21.40 17.77
N LEU C 103 -3.23 21.99 16.94
CA LEU C 103 -4.15 21.16 16.17
C LEU C 103 -3.50 20.55 14.96
N ASP C 104 -2.56 21.25 14.30
CA ASP C 104 -1.81 20.60 13.23
C ASP C 104 -0.88 19.52 13.79
N ALA C 105 -0.34 19.74 14.99
CA ALA C 105 0.49 18.71 15.61
C ALA C 105 -0.34 17.52 16.04
N ALA C 106 -1.59 17.75 16.44
CA ALA C 106 -2.44 16.62 16.80
C ALA C 106 -2.98 15.94 15.56
N GLU C 107 -3.05 16.65 14.44
CA GLU C 107 -3.49 16.02 13.22
C GLU C 107 -2.42 15.13 12.63
N TYR C 108 -1.17 15.57 12.65
CA TYR C 108 -0.10 14.81 12.04
C TYR C 108 0.81 14.12 13.04
N GLY C 109 0.32 13.86 14.25
CA GLY C 109 0.99 12.98 15.21
C GLY C 109 2.32 13.47 15.72
N ASN C 110 2.53 14.78 15.73
CA ASN C 110 3.80 15.35 16.18
C ASN C 110 3.83 15.29 17.70
N ILE C 111 4.30 14.14 18.20
CA ILE C 111 4.26 13.85 19.65
C ILE C 111 5.00 14.87 20.52
N PRO C 112 6.27 15.21 20.27
CA PRO C 112 6.99 16.00 21.29
C PRO C 112 6.56 17.45 21.39
N VAL C 113 6.11 18.06 20.31
CA VAL C 113 5.62 19.43 20.44
C VAL C 113 4.26 19.43 21.12
N VAL C 114 3.53 18.32 21.04
CA VAL C 114 2.31 18.19 21.83
C VAL C 114 2.64 18.04 23.32
N ARG C 115 3.71 17.32 23.65
CA ARG C 115 4.19 17.28 25.03
C ARG C 115 4.58 18.67 25.52
N LYS C 116 5.30 19.42 24.67
CA LYS C 116 5.72 20.77 25.01
C LYS C 116 4.52 21.71 25.19
N MET C 117 3.52 21.61 24.33
CA MET C 117 2.36 22.48 24.45
C MET C 117 1.48 22.07 25.63
N LEU C 118 1.47 20.79 25.98
CA LEU C 118 0.71 20.37 27.15
C LEU C 118 1.39 20.71 28.46
N GLU C 119 2.71 20.92 28.43
CA GLU C 119 3.41 21.26 29.67
C GLU C 119 3.62 22.77 29.85
N GLU C 120 4.16 23.45 28.85
CA GLU C 120 4.64 24.81 29.08
C GLU C 120 3.52 25.84 28.92
N CYS C 121 2.42 25.47 28.26
CA CYS C 121 1.37 26.43 27.96
C CYS C 121 0.16 26.18 28.85
N HIS C 122 -0.01 27.02 29.87
CA HIS C 122 -1.13 26.92 30.78
C HIS C 122 -2.32 27.76 30.35
N SER C 123 -2.28 28.32 29.14
CA SER C 123 -3.41 29.04 28.56
C SER C 123 -3.92 28.31 27.33
N LEU C 124 -3.64 27.01 27.23
CA LEU C 124 -3.97 26.21 26.06
C LEU C 124 -5.28 25.47 26.34
N ASN C 125 -6.36 25.96 25.73
CA ASN C 125 -7.64 25.29 25.82
C ASN C 125 -7.61 24.01 25.00
N VAL C 126 -7.52 22.85 25.66
CA VAL C 126 -7.43 21.57 24.96
C VAL C 126 -8.75 21.14 24.35
N ASN C 127 -9.83 21.85 24.61
CA ASN C 127 -11.12 21.62 23.96
C ASN C 127 -11.30 22.47 22.71
N CYS C 128 -10.20 22.93 22.12
CA CYS C 128 -10.26 23.70 20.89
C CYS C 128 -10.73 22.83 19.75
N VAL C 129 -11.31 23.45 18.73
CA VAL C 129 -11.83 22.72 17.59
C VAL C 129 -11.16 23.22 16.33
N ASP C 130 -11.12 22.37 15.31
CA ASP C 130 -10.54 22.71 14.02
C ASP C 130 -11.55 23.49 13.19
N TYR C 131 -11.27 23.60 11.89
CA TYR C 131 -12.21 24.25 10.99
C TYR C 131 -13.50 23.46 10.87
N MET C 132 -13.43 22.14 10.95
CA MET C 132 -14.65 21.35 10.93
C MET C 132 -15.40 21.39 12.25
N GLY C 133 -14.69 21.48 13.36
CA GLY C 133 -15.34 21.48 14.65
C GLY C 133 -14.98 20.31 15.52
N GLN C 134 -13.91 19.60 15.19
CA GLN C 134 -13.52 18.41 15.92
C GLN C 134 -12.36 18.69 16.85
N ASN C 135 -12.32 17.95 17.95
CA ASN C 135 -11.37 18.14 19.02
C ASN C 135 -10.01 17.59 18.62
N ALA C 136 -8.99 17.89 19.42
CA ALA C 136 -7.67 17.33 19.20
C ALA C 136 -7.66 15.83 19.46
N LEU C 137 -8.51 15.36 20.36
CA LEU C 137 -8.62 13.92 20.58
C LEU C 137 -9.26 13.24 19.38
N GLN C 138 -10.25 13.90 18.76
CA GLN C 138 -10.89 13.33 17.58
C GLN C 138 -9.95 13.33 16.39
N LEU C 139 -9.16 14.40 16.25
CA LEU C 139 -8.19 14.45 15.16
C LEU C 139 -7.06 13.46 15.38
N ALA C 140 -6.73 13.20 16.65
CA ALA C 140 -5.68 12.26 16.95
C ALA C 140 -6.14 10.82 16.76
N VAL C 141 -7.42 10.55 17.05
CA VAL C 141 -7.94 9.21 16.87
C VAL C 141 -8.17 8.92 15.40
N ALA C 142 -8.60 9.93 14.64
CA ALA C 142 -9.00 9.70 13.25
C ALA C 142 -7.82 9.35 12.35
N ASN C 143 -6.59 9.68 12.78
CA ASN C 143 -5.41 9.37 11.99
C ASN C 143 -4.57 8.26 12.58
N GLU C 144 -5.05 7.57 13.62
CA GLU C 144 -4.33 6.50 14.32
C GLU C 144 -2.98 6.98 14.85
N HIS C 145 -3.01 7.86 15.84
CA HIS C 145 -1.80 8.12 16.62
C HIS C 145 -2.10 7.68 18.04
N LEU C 146 -1.46 6.59 18.45
CA LEU C 146 -1.75 6.01 19.75
C LEU C 146 -1.10 6.80 20.87
N GLU C 147 0.13 7.27 20.66
CA GLU C 147 0.90 7.91 21.72
C GLU C 147 0.29 9.22 22.17
N ILE C 148 -0.15 10.05 21.22
CA ILE C 148 -0.80 11.30 21.59
C ILE C 148 -2.18 11.03 22.16
N THR C 149 -2.80 9.89 21.84
CA THR C 149 -4.09 9.57 22.43
C THR C 149 -3.93 9.21 23.90
N GLU C 150 -2.90 8.42 24.23
CA GLU C 150 -2.57 8.18 25.62
C GLU C 150 -2.20 9.47 26.34
N LEU C 151 -1.45 10.34 25.67
CA LEU C 151 -1.00 11.59 26.28
C LEU C 151 -2.17 12.53 26.54
N LEU C 152 -3.14 12.56 25.63
CA LEU C 152 -4.31 13.40 25.83
C LEU C 152 -5.22 12.80 26.89
N LEU C 153 -5.26 11.47 27.00
CA LEU C 153 -6.06 10.85 28.04
C LEU C 153 -5.44 11.01 29.41
N LYS C 154 -4.14 11.34 29.46
CA LYS C 154 -3.53 11.74 30.72
C LYS C 154 -4.14 13.02 31.26
N LYS C 155 -4.59 13.91 30.38
CA LYS C 155 -5.28 15.12 30.81
C LYS C 155 -6.67 14.79 31.32
N GLU C 156 -7.26 15.74 32.05
CA GLU C 156 -8.53 15.50 32.73
C GLU C 156 -9.64 16.48 32.34
N ASN C 157 -9.31 17.57 31.66
CA ASN C 157 -10.36 18.47 31.18
C ASN C 157 -10.89 18.08 29.81
N LEU C 158 -10.54 16.88 29.34
CA LEU C 158 -10.88 16.47 28.00
C LEU C 158 -12.36 16.18 27.85
N SER C 159 -12.89 16.45 26.67
CA SER C 159 -14.29 16.20 26.37
C SER C 159 -14.40 15.40 25.09
N ARG C 160 -15.64 14.97 24.81
CA ARG C 160 -15.99 14.18 23.63
C ARG C 160 -15.20 12.89 23.53
N VAL C 161 -15.00 12.24 24.67
CA VAL C 161 -14.23 11.01 24.72
C VAL C 161 -15.05 9.86 24.13
N GLY C 162 -16.35 9.88 24.38
CA GLY C 162 -17.20 8.81 23.89
C GLY C 162 -17.31 8.79 22.38
N ASP C 163 -17.30 9.97 21.76
CA ASP C 163 -17.29 9.98 20.31
C ASP C 163 -15.93 9.58 19.77
N ALA C 164 -14.86 9.82 20.53
CA ALA C 164 -13.56 9.31 20.12
C ALA C 164 -13.55 7.79 20.16
N LEU C 165 -14.21 7.20 21.16
CA LEU C 165 -14.34 5.75 21.22
C LEU C 165 -15.18 5.23 20.06
N LEU C 166 -16.25 5.95 19.73
CA LEU C 166 -17.10 5.55 18.61
C LEU C 166 -16.36 5.65 17.29
N LEU C 167 -15.54 6.67 17.11
CA LEU C 167 -14.78 6.82 15.88
C LEU C 167 -13.70 5.75 15.77
N ALA C 168 -13.04 5.44 16.89
CA ALA C 168 -12.00 4.41 16.88
C ALA C 168 -12.59 3.02 16.64
N ILE C 169 -13.82 2.81 17.09
CA ILE C 169 -14.50 1.56 16.77
C ILE C 169 -14.91 1.54 15.31
N SER C 170 -15.40 2.67 14.79
CA SER C 170 -15.90 2.73 13.44
C SER C 170 -14.81 2.58 12.39
N LYS C 171 -13.59 3.00 12.70
CA LYS C 171 -12.47 2.74 11.81
C LYS C 171 -11.72 1.49 12.20
N GLY C 172 -11.91 0.99 13.42
CA GLY C 172 -11.32 -0.27 13.82
C GLY C 172 -9.87 -0.18 14.25
N TYR C 173 -9.54 0.78 15.11
CA TYR C 173 -8.19 0.88 15.67
C TYR C 173 -8.22 0.22 17.05
N VAL C 174 -7.52 -0.90 17.15
CA VAL C 174 -7.70 -1.77 18.31
C VAL C 174 -7.02 -1.20 19.54
N ARG C 175 -5.76 -0.79 19.40
CA ARG C 175 -5.03 -0.27 20.55
C ARG C 175 -5.57 1.06 21.03
N ILE C 176 -6.14 1.86 20.15
CA ILE C 176 -6.76 3.12 20.56
C ILE C 176 -8.03 2.84 21.36
N VAL C 177 -8.75 1.78 20.99
CA VAL C 177 -9.94 1.41 21.75
C VAL C 177 -9.54 0.88 23.13
N GLU C 178 -8.53 0.02 23.18
CA GLU C 178 -8.11 -0.53 24.46
C GLU C 178 -7.36 0.49 25.30
N ALA C 179 -6.95 1.61 24.74
CA ALA C 179 -6.42 2.71 25.52
C ALA C 179 -7.49 3.69 25.96
N ILE C 180 -8.53 3.88 25.15
CA ILE C 180 -9.63 4.76 25.52
C ILE C 180 -10.46 4.13 26.61
N LEU C 181 -10.58 2.80 26.61
CA LEU C 181 -11.38 2.13 27.63
C LEU C 181 -10.72 2.13 29.00
N SER C 182 -9.50 2.66 29.12
CA SER C 182 -8.89 2.88 30.42
C SER C 182 -9.20 4.26 30.99
N HIS C 183 -10.01 5.05 30.31
CA HIS C 183 -10.42 6.34 30.84
C HIS C 183 -11.42 6.12 31.97
N PRO C 184 -11.47 7.01 32.97
CA PRO C 184 -12.38 6.79 34.11
C PRO C 184 -13.86 6.87 33.80
N ALA C 185 -14.25 7.35 32.61
CA ALA C 185 -15.67 7.37 32.27
C ALA C 185 -16.16 5.98 31.90
N PHE C 186 -15.25 5.09 31.50
CA PHE C 186 -15.57 3.70 31.18
C PHE C 186 -14.98 2.74 32.20
N ALA C 187 -14.94 3.14 33.48
CA ALA C 187 -14.25 2.34 34.48
C ALA C 187 -15.01 1.06 34.82
N GLU C 188 -16.28 1.20 35.20
CA GLU C 188 -17.08 0.02 35.52
C GLU C 188 -17.94 -0.45 34.36
N GLY C 189 -17.75 0.10 33.16
CA GLY C 189 -18.65 -0.17 32.06
C GLY C 189 -19.90 0.67 32.08
N LYS C 190 -19.86 1.82 32.73
CA LYS C 190 -21.06 2.60 33.00
C LYS C 190 -21.57 3.35 31.79
N ARG C 191 -20.91 3.25 30.65
CA ARG C 191 -21.35 3.99 29.47
C ARG C 191 -21.30 3.15 28.20
N LEU C 192 -21.00 1.85 28.29
CA LEU C 192 -20.64 1.11 27.08
C LEU C 192 -21.88 0.68 26.30
N ALA C 193 -22.70 -0.17 26.89
CA ALA C 193 -23.99 -0.54 26.29
C ALA C 193 -24.98 -0.61 27.44
N THR C 194 -25.63 0.51 27.72
CA THR C 194 -26.44 0.64 28.92
C THR C 194 -27.82 1.14 28.54
N SER C 195 -28.81 0.26 28.63
CA SER C 195 -30.22 0.63 28.52
C SER C 195 -30.84 1.25 29.79
N PRO C 196 -30.47 0.86 31.09
CA PRO C 196 -31.08 1.59 32.22
C PRO C 196 -30.67 3.06 32.32
N SER C 197 -29.52 3.43 31.76
CA SER C 197 -29.17 4.83 31.56
C SER C 197 -29.48 5.12 30.10
N GLN C 198 -30.68 5.63 29.84
CA GLN C 198 -31.21 5.76 28.49
C GLN C 198 -30.45 6.81 27.68
N SER C 199 -29.95 6.40 26.51
CA SER C 199 -29.15 7.31 25.69
C SER C 199 -30.04 8.19 24.81
N GLU C 200 -31.14 7.64 24.30
CA GLU C 200 -31.99 8.40 23.39
C GLU C 200 -32.99 9.26 24.16
N LEU C 201 -33.64 8.69 25.17
CA LEU C 201 -34.64 9.41 25.95
C LEU C 201 -34.02 10.49 26.84
N GLN C 202 -33.04 10.10 27.66
CA GLN C 202 -32.38 11.03 28.56
C GLN C 202 -31.21 11.68 27.83
N GLN C 203 -31.11 13.01 27.95
CA GLN C 203 -30.03 13.75 27.33
C GLN C 203 -28.74 13.54 28.11
N ASP C 204 -28.11 12.38 27.92
CA ASP C 204 -26.89 12.04 28.62
C ASP C 204 -25.73 12.88 28.12
N ASP C 205 -25.76 13.23 26.83
CA ASP C 205 -24.79 14.10 26.16
C ASP C 205 -23.36 13.59 26.27
N PHE C 206 -23.19 12.27 26.31
CA PHE C 206 -21.84 11.74 26.39
C PHE C 206 -21.25 11.51 25.00
N TYR C 207 -21.87 10.65 24.22
CA TYR C 207 -21.48 10.43 22.84
C TYR C 207 -21.97 11.61 22.02
N ALA C 208 -21.11 12.61 21.82
CA ALA C 208 -21.54 13.79 21.10
C ALA C 208 -20.33 14.47 20.48
N TYR C 209 -20.59 15.18 19.40
CA TYR C 209 -19.63 16.07 18.78
C TYR C 209 -20.38 17.29 18.32
N ASP C 210 -19.69 18.44 18.35
CA ASP C 210 -20.19 19.76 17.93
C ASP C 210 -21.40 20.21 18.74
N GLU C 211 -21.56 19.69 19.97
CA GLU C 211 -22.61 19.99 20.96
C GLU C 211 -24.03 20.01 20.40
N ASP C 212 -24.28 19.30 19.29
CA ASP C 212 -25.57 19.42 18.63
C ASP C 212 -26.10 18.07 18.14
N GLY C 213 -25.33 16.99 18.23
CA GLY C 213 -25.80 15.73 17.70
C GLY C 213 -24.70 14.69 17.72
N THR C 214 -25.10 13.47 17.42
CA THR C 214 -24.24 12.31 17.52
C THR C 214 -23.66 11.98 16.16
N ARG C 215 -22.54 11.25 16.16
CA ARG C 215 -21.95 10.83 14.90
C ARG C 215 -22.73 9.70 14.26
N PHE C 216 -23.61 9.07 15.01
CA PHE C 216 -24.48 8.00 14.53
C PHE C 216 -25.86 8.23 15.13
N SER C 217 -26.69 7.20 15.14
CA SER C 217 -27.98 7.35 15.81
C SER C 217 -27.79 7.37 17.32
N HIS C 218 -28.85 7.76 18.03
CA HIS C 218 -28.81 7.73 19.48
C HIS C 218 -28.82 6.30 19.99
N ASP C 219 -29.45 5.39 19.23
CA ASP C 219 -29.52 4.00 19.65
C ASP C 219 -28.19 3.29 19.46
N VAL C 220 -27.29 3.86 18.66
CA VAL C 220 -25.99 3.24 18.44
C VAL C 220 -25.15 3.37 19.70
N THR C 221 -24.74 2.24 20.24
CA THR C 221 -23.86 2.17 21.39
C THR C 221 -22.59 1.52 20.86
N PRO C 222 -21.44 1.58 21.58
CA PRO C 222 -20.20 0.94 21.10
C PRO C 222 -20.28 -0.51 20.62
N ILE C 223 -20.97 -1.40 21.31
CA ILE C 223 -20.94 -2.78 20.87
C ILE C 223 -21.85 -2.99 19.67
N ILE C 224 -22.87 -2.14 19.50
CA ILE C 224 -23.68 -2.19 18.30
C ILE C 224 -22.87 -1.76 17.09
N LEU C 225 -22.07 -0.70 17.24
CA LEU C 225 -21.20 -0.27 16.15
C LEU C 225 -20.09 -1.26 15.89
N ALA C 226 -19.62 -1.94 16.92
CA ALA C 226 -18.58 -2.96 16.73
C ALA C 226 -19.16 -4.17 15.99
N ALA C 227 -20.43 -4.48 16.24
CA ALA C 227 -21.06 -5.55 15.48
C ALA C 227 -21.33 -5.11 14.05
N HIS C 228 -21.61 -3.82 13.86
CA HIS C 228 -21.84 -3.31 12.51
C HIS C 228 -20.58 -3.33 11.67
N CYS C 229 -19.45 -2.97 12.27
CA CYS C 229 -18.19 -2.98 11.54
C CYS C 229 -17.54 -4.35 11.48
N GLN C 230 -18.04 -5.30 12.28
CA GLN C 230 -17.63 -6.70 12.28
C GLN C 230 -16.14 -6.86 12.53
N GLU C 231 -15.70 -6.30 13.65
CA GLU C 231 -14.30 -6.46 14.06
C GLU C 231 -14.29 -7.20 15.38
N TYR C 232 -13.55 -8.31 15.41
CA TYR C 232 -13.79 -9.35 16.40
C TYR C 232 -13.11 -9.03 17.72
N GLU C 233 -11.91 -8.43 17.65
CA GLU C 233 -11.16 -8.13 18.87
C GLU C 233 -11.87 -7.05 19.68
N ILE C 234 -12.50 -6.10 19.01
CA ILE C 234 -13.22 -5.04 19.70
C ILE C 234 -14.48 -5.58 20.33
N VAL C 235 -15.15 -6.51 19.63
CA VAL C 235 -16.35 -7.15 20.18
C VAL C 235 -15.99 -7.97 21.41
N HIS C 236 -14.86 -8.66 21.37
CA HIS C 236 -14.44 -9.46 22.52
C HIS C 236 -14.04 -8.57 23.69
N THR C 237 -13.41 -7.42 23.40
CA THR C 237 -13.03 -6.51 24.47
C THR C 237 -14.25 -5.88 25.12
N LEU C 238 -15.23 -5.48 24.32
CA LEU C 238 -16.44 -4.91 24.88
C LEU C 238 -17.31 -5.95 25.57
N LEU C 239 -17.20 -7.21 25.17
CA LEU C 239 -17.93 -8.26 25.87
C LEU C 239 -17.27 -8.58 27.20
N ARG C 240 -15.94 -8.49 27.26
CA ARG C 240 -15.25 -8.72 28.52
C ARG C 240 -15.51 -7.61 29.51
N LYS C 241 -15.92 -6.44 29.04
CA LYS C 241 -16.40 -5.37 29.90
C LYS C 241 -17.83 -5.59 30.37
N GLY C 242 -18.46 -6.69 29.97
CA GLY C 242 -19.79 -7.00 30.45
C GLY C 242 -20.89 -6.20 29.79
N ALA C 243 -20.64 -5.69 28.59
CA ALA C 243 -21.65 -4.98 27.82
C ALA C 243 -22.21 -5.91 26.76
N ARG C 244 -23.54 -5.88 26.60
CA ARG C 244 -24.20 -6.74 25.64
C ARG C 244 -25.26 -5.93 24.91
N ILE C 245 -25.78 -6.51 23.82
CA ILE C 245 -26.85 -5.90 23.05
C ILE C 245 -28.17 -6.44 23.57
N GLU C 246 -29.03 -5.56 24.06
CA GLU C 246 -30.36 -5.93 24.52
C GLU C 246 -31.25 -6.06 23.30
N ARG C 247 -32.00 -7.15 23.23
CA ARG C 247 -32.95 -7.43 22.17
C ARG C 247 -34.05 -6.37 22.17
N PRO C 248 -34.46 -5.87 21.01
CA PRO C 248 -35.56 -4.90 21.00
C PRO C 248 -36.88 -5.55 21.37
N HIS C 249 -37.87 -4.71 21.64
CA HIS C 249 -39.15 -5.20 22.09
C HIS C 249 -39.95 -5.78 20.92
N ASP C 250 -41.20 -6.14 21.21
CA ASP C 250 -42.08 -6.68 20.20
C ASP C 250 -42.54 -5.58 19.23
N TYR C 251 -43.17 -5.97 18.13
CA TYR C 251 -43.63 -4.99 17.15
C TYR C 251 -44.79 -4.16 17.69
N PHE C 252 -45.52 -4.66 18.68
CA PHE C 252 -46.45 -3.88 19.47
C PHE C 252 -46.29 -4.33 20.93
N CYS C 253 -45.37 -3.70 21.64
CA CYS C 253 -45.07 -4.12 23.00
C CYS C 253 -46.06 -3.59 24.01
N LYS C 254 -46.64 -2.42 23.74
CA LYS C 254 -47.65 -1.70 24.53
C LYS C 254 -47.15 -1.20 25.87
N CYS C 255 -45.87 -1.38 26.22
CA CYS C 255 -45.34 -0.71 27.38
C CYS C 255 -45.10 0.76 27.07
N ASN C 256 -45.21 1.60 28.11
CA ASN C 256 -45.27 3.04 27.90
C ASN C 256 -43.95 3.62 27.43
N ASP C 257 -42.83 2.93 27.72
CA ASP C 257 -41.54 3.35 27.19
C ASP C 257 -41.50 3.20 25.68
N CYS C 258 -41.90 2.03 25.18
CA CYS C 258 -41.90 1.80 23.74
C CYS C 258 -42.96 2.65 23.04
N ASN C 259 -44.11 2.86 23.68
CA ASN C 259 -45.14 3.72 23.11
C ASN C 259 -44.68 5.17 23.05
N GLN C 260 -43.95 5.62 24.07
CA GLN C 260 -43.46 6.99 24.08
C GLN C 260 -42.36 7.18 23.04
N LYS C 261 -41.48 6.19 22.90
CA LYS C 261 -40.42 6.27 21.89
C LYS C 261 -41.00 6.15 20.49
N GLN C 262 -42.14 5.48 20.35
CA GLN C 262 -42.82 5.42 19.06
C GLN C 262 -43.55 6.73 18.76
N LYS C 263 -44.09 7.37 19.79
CA LYS C 263 -44.88 8.58 19.59
C LYS C 263 -43.98 9.79 19.34
N HIS C 264 -42.79 9.79 19.93
CA HIS C 264 -41.87 10.90 19.71
C HIS C 264 -41.31 10.93 18.29
N ASP C 265 -41.00 9.76 17.73
CA ASP C 265 -40.48 9.66 16.37
C ASP C 265 -40.69 8.26 15.81
N SER C 266 -41.20 8.17 14.59
CA SER C 266 -41.46 6.88 13.98
C SER C 266 -40.25 6.37 13.21
N PHE C 267 -39.68 7.24 12.37
CA PHE C 267 -38.52 6.87 11.57
C PHE C 267 -37.30 6.57 12.43
N SER C 268 -37.10 7.35 13.48
CA SER C 268 -36.00 7.09 14.42
C SER C 268 -36.20 5.78 15.16
N HIS C 269 -37.45 5.45 15.51
CA HIS C 269 -37.70 4.19 16.20
C HIS C 269 -37.47 3.00 15.29
N SER C 270 -37.89 3.10 14.03
CA SER C 270 -37.67 2.01 13.10
C SER C 270 -36.19 1.85 12.78
N ARG C 271 -35.46 2.96 12.70
CA ARG C 271 -34.02 2.88 12.48
C ARG C 271 -33.32 2.28 13.68
N SER C 272 -33.81 2.56 14.89
CA SER C 272 -33.23 1.96 16.08
C SER C 272 -33.46 0.46 16.10
N ARG C 273 -34.66 0.03 15.71
CA ARG C 273 -34.96 -1.40 15.65
C ARG C 273 -34.10 -2.12 14.63
N ILE C 274 -33.95 -1.54 13.43
CA ILE C 274 -33.19 -2.23 12.40
C ILE C 274 -31.69 -2.19 12.72
N ASN C 275 -31.24 -1.15 13.43
CA ASN C 275 -29.83 -1.09 13.80
C ASN C 275 -29.51 -2.09 14.89
N ALA C 276 -30.42 -2.26 15.85
CA ALA C 276 -30.21 -3.24 16.90
C ALA C 276 -30.31 -4.67 16.35
N TYR C 277 -31.16 -4.88 15.36
CA TYR C 277 -31.25 -6.23 14.80
C TYR C 277 -30.07 -6.53 13.90
N LYS C 278 -29.55 -5.52 13.21
CA LYS C 278 -28.31 -5.70 12.46
C LYS C 278 -27.14 -5.98 13.38
N GLY C 279 -27.15 -5.36 14.57
CA GLY C 279 -26.14 -5.68 15.56
C GLY C 279 -26.28 -7.08 16.10
N LEU C 280 -27.52 -7.54 16.29
CA LEU C 280 -27.74 -8.90 16.76
C LEU C 280 -27.40 -9.96 15.73
N ALA C 281 -27.56 -9.66 14.44
CA ALA C 281 -27.35 -10.66 13.40
C ALA C 281 -25.93 -10.69 12.86
N SER C 282 -25.01 -9.95 13.45
CA SER C 282 -23.64 -9.95 12.96
C SER C 282 -22.96 -11.26 13.34
N PRO C 283 -22.06 -11.78 12.50
CA PRO C 283 -21.37 -13.02 12.85
C PRO C 283 -20.43 -12.86 14.04
N ALA C 284 -19.96 -11.64 14.28
CA ALA C 284 -19.10 -11.40 15.43
C ALA C 284 -19.86 -11.58 16.74
N TYR C 285 -21.03 -10.96 16.85
CA TYR C 285 -21.78 -11.04 18.09
C TYR C 285 -22.36 -12.43 18.29
N LEU C 286 -22.78 -13.08 17.21
CA LEU C 286 -23.27 -14.45 17.30
C LEU C 286 -22.16 -15.41 17.69
N SER C 287 -20.95 -15.17 17.19
CA SER C 287 -19.87 -16.10 17.46
C SER C 287 -19.29 -15.88 18.85
N LEU C 288 -19.38 -14.67 19.38
CA LEU C 288 -18.70 -14.39 20.63
C LEU C 288 -19.64 -14.22 21.82
N SER C 289 -20.95 -14.16 21.61
CA SER C 289 -21.84 -13.80 22.70
C SER C 289 -22.65 -14.94 23.29
N SER C 290 -22.90 -16.00 22.54
CA SER C 290 -23.77 -17.06 23.01
C SER C 290 -22.96 -18.32 23.33
N GLU C 291 -23.67 -19.33 23.81
CA GLU C 291 -23.04 -20.62 24.08
C GLU C 291 -23.39 -21.68 23.04
N ASP C 292 -24.56 -21.58 22.42
CA ASP C 292 -24.92 -22.42 21.28
C ASP C 292 -25.25 -21.50 20.11
N PRO C 293 -24.25 -21.15 19.30
CA PRO C 293 -24.47 -20.12 18.27
C PRO C 293 -25.37 -20.57 17.14
N VAL C 294 -25.44 -21.88 16.88
CA VAL C 294 -26.31 -22.37 15.83
C VAL C 294 -27.78 -22.18 16.22
N MET C 295 -28.12 -22.44 17.48
CA MET C 295 -29.49 -22.31 17.94
C MET C 295 -29.93 -20.85 17.97
N THR C 296 -29.04 -19.98 18.47
CA THR C 296 -29.33 -18.55 18.51
C THR C 296 -29.44 -17.97 17.11
N ALA C 297 -28.60 -18.44 16.19
CA ALA C 297 -28.64 -17.97 14.81
C ALA C 297 -29.93 -18.39 14.13
N LEU C 298 -30.40 -19.62 14.38
CA LEU C 298 -31.62 -20.08 13.73
C LEU C 298 -32.85 -19.38 14.31
N GLU C 299 -32.88 -19.19 15.64
CA GLU C 299 -33.99 -18.46 16.26
C GLU C 299 -34.04 -17.02 15.78
N LEU C 300 -32.88 -16.37 15.66
CA LEU C 300 -32.83 -15.02 15.15
C LEU C 300 -33.23 -14.96 13.68
N SER C 301 -32.90 -15.97 12.88
CA SER C 301 -33.28 -15.96 11.48
C SER C 301 -34.79 -16.09 11.32
N ASN C 302 -35.42 -16.97 12.10
CA ASN C 302 -36.88 -17.10 12.05
C ASN C 302 -37.57 -15.83 12.54
N GLU C 303 -37.03 -15.24 13.61
CA GLU C 303 -37.62 -14.02 14.17
C GLU C 303 -37.47 -12.85 13.20
N LEU C 304 -36.36 -12.80 12.48
CA LEU C 304 -36.17 -11.74 11.51
C LEU C 304 -37.02 -11.97 10.27
N ALA C 305 -37.32 -13.22 9.93
CA ALA C 305 -38.24 -13.46 8.82
C ALA C 305 -39.67 -13.04 9.18
N VAL C 306 -40.06 -13.28 10.44
CA VAL C 306 -41.39 -12.84 10.90
C VAL C 306 -41.48 -11.33 10.93
N LEU C 307 -40.44 -10.66 11.42
CA LEU C 307 -40.47 -9.19 11.41
C LEU C 307 -40.26 -8.64 10.01
N ALA C 308 -39.76 -9.46 9.08
CA ALA C 308 -39.69 -9.04 7.69
C ALA C 308 -41.07 -9.03 7.06
N ASN C 309 -41.81 -10.12 7.20
CA ASN C 309 -43.09 -10.19 6.50
C ASN C 309 -44.18 -9.39 7.22
N ILE C 310 -43.99 -9.11 8.50
CA ILE C 310 -44.97 -8.29 9.21
C ILE C 310 -44.76 -6.80 8.93
N GLU C 311 -43.55 -6.30 9.14
CA GLU C 311 -43.26 -4.88 9.04
C GLU C 311 -43.11 -4.49 7.57
N LYS C 312 -43.62 -3.32 7.20
CA LYS C 312 -43.58 -2.89 5.82
C LYS C 312 -42.36 -2.00 5.55
N GLU C 313 -42.00 -1.15 6.50
CA GLU C 313 -40.80 -0.35 6.36
C GLU C 313 -39.57 -1.24 6.54
N PHE C 314 -38.59 -1.04 5.66
CA PHE C 314 -37.36 -1.85 5.58
C PHE C 314 -37.69 -3.33 5.43
N LYS C 315 -38.63 -3.63 4.52
CA LYS C 315 -39.19 -4.98 4.41
C LYS C 315 -38.18 -5.96 3.83
N ASN C 316 -37.20 -5.46 3.09
CA ASN C 316 -36.21 -6.35 2.49
C ASN C 316 -34.96 -6.52 3.34
N ASP C 317 -34.59 -5.50 4.12
CA ASP C 317 -33.35 -5.58 4.90
C ASP C 317 -33.49 -6.58 6.04
N TYR C 318 -34.69 -6.65 6.63
CA TYR C 318 -35.02 -7.65 7.64
C TYR C 318 -34.95 -9.07 7.09
N LYS C 319 -35.08 -9.25 5.78
CA LYS C 319 -34.80 -10.53 5.14
C LYS C 319 -33.32 -10.73 4.86
N LYS C 320 -32.59 -9.66 4.58
CA LYS C 320 -31.16 -9.77 4.34
C LYS C 320 -30.41 -10.16 5.61
N LEU C 321 -30.91 -9.73 6.77
CA LEU C 321 -30.29 -10.13 8.02
C LEU C 321 -30.54 -11.61 8.31
N SER C 322 -31.73 -12.11 7.98
CA SER C 322 -32.01 -13.53 8.16
C SER C 322 -31.20 -14.35 7.16
N MET C 323 -30.96 -13.79 5.97
CA MET C 323 -30.09 -14.45 5.01
C MET C 323 -28.65 -14.46 5.51
N GLN C 324 -28.25 -13.42 6.24
CA GLN C 324 -26.93 -13.42 6.86
C GLN C 324 -26.81 -14.46 7.96
N CYS C 325 -27.90 -14.69 8.71
CA CYS C 325 -27.88 -15.73 9.73
C CYS C 325 -27.80 -17.12 9.11
N LYS C 326 -28.55 -17.34 8.02
CA LYS C 326 -28.45 -18.60 7.29
C LYS C 326 -27.06 -18.78 6.69
N ASP C 327 -26.46 -17.70 6.20
CA ASP C 327 -25.09 -17.73 5.70
C ASP C 327 -24.11 -18.08 6.80
N PHE C 328 -24.35 -17.59 8.02
CA PHE C 328 -23.47 -17.90 9.15
C PHE C 328 -23.55 -19.37 9.52
N VAL C 329 -24.76 -19.94 9.57
CA VAL C 329 -24.85 -21.34 9.97
C VAL C 329 -24.37 -22.26 8.83
N VAL C 330 -24.48 -21.81 7.58
CA VAL C 330 -23.93 -22.57 6.47
C VAL C 330 -22.41 -22.51 6.49
N GLY C 331 -21.84 -21.36 6.86
CA GLY C 331 -20.40 -21.28 6.99
C GLY C 331 -19.85 -22.13 8.14
N LEU C 332 -20.62 -22.22 9.23
CA LEU C 332 -20.26 -23.16 10.28
C LEU C 332 -20.32 -24.60 9.80
N LEU C 333 -21.32 -24.94 8.97
CA LEU C 333 -21.38 -26.28 8.39
C LEU C 333 -20.20 -26.55 7.47
N ASP C 334 -19.78 -25.53 6.72
CA ASP C 334 -18.74 -25.73 5.73
C ASP C 334 -17.36 -25.82 6.36
N LEU C 335 -17.19 -25.21 7.53
CA LEU C 335 -15.87 -25.28 8.14
C LEU C 335 -15.62 -26.57 8.92
N CYS C 336 -16.54 -27.53 8.91
CA CYS C 336 -16.30 -28.77 9.63
C CYS C 336 -15.35 -29.66 8.87
N ARG C 337 -14.45 -30.32 9.61
CA ARG C 337 -13.55 -31.30 9.00
C ARG C 337 -14.04 -32.71 9.23
N ASN C 338 -14.21 -33.08 10.50
CA ASN C 338 -14.61 -34.43 10.85
C ASN C 338 -16.10 -34.62 10.62
N THR C 339 -16.49 -35.89 10.43
CA THR C 339 -17.90 -36.23 10.36
C THR C 339 -18.57 -36.07 11.71
N GLU C 340 -17.80 -36.19 12.79
CA GLU C 340 -18.31 -35.88 14.12
C GLU C 340 -18.73 -34.42 14.25
N GLU C 341 -17.97 -33.51 13.62
CA GLU C 341 -18.33 -32.09 13.65
C GLU C 341 -19.60 -31.81 12.86
N VAL C 342 -19.76 -32.49 11.72
CA VAL C 342 -20.96 -32.33 10.91
C VAL C 342 -22.17 -32.86 11.66
N GLU C 343 -22.01 -34.00 12.32
CA GLU C 343 -23.11 -34.58 13.09
C GLU C 343 -23.43 -33.75 14.32
N ALA C 344 -22.41 -33.09 14.89
CA ALA C 344 -22.63 -32.23 16.03
C ALA C 344 -23.37 -30.96 15.65
N ILE C 345 -23.13 -30.45 14.44
CA ILE C 345 -23.93 -29.32 14.00
C ILE C 345 -25.35 -29.76 13.65
N LEU C 346 -25.49 -30.83 12.87
CA LEU C 346 -26.81 -31.20 12.36
C LEU C 346 -27.70 -31.78 13.43
N ASN C 347 -27.11 -32.34 14.50
CA ASN C 347 -27.91 -32.75 15.64
C ASN C 347 -28.10 -31.62 16.63
N GLY C 348 -27.00 -31.08 17.15
CA GLY C 348 -27.04 -30.10 18.21
C GLY C 348 -26.95 -30.68 19.60
N ASP C 349 -27.08 -31.99 19.75
CA ASP C 349 -26.99 -32.63 21.05
C ASP C 349 -26.48 -34.06 20.90
N ARG C 853 -20.44 -30.72 27.90
CA ARG C 853 -19.76 -32.00 27.71
C ARG C 853 -19.03 -32.02 26.37
N GLN C 854 -19.32 -33.04 25.56
CA GLN C 854 -18.65 -33.20 24.27
C GLN C 854 -19.11 -32.14 23.28
N TYR C 855 -20.41 -31.82 23.29
CA TYR C 855 -20.95 -30.83 22.39
C TYR C 855 -20.42 -29.43 22.70
N GLN C 856 -20.19 -29.14 23.98
CA GLN C 856 -19.61 -27.86 24.37
C GLN C 856 -18.19 -27.73 23.85
N LYS C 857 -17.42 -28.81 23.94
CA LYS C 857 -16.03 -28.78 23.46
C LYS C 857 -15.97 -28.65 21.94
N ILE C 858 -16.84 -29.36 21.23
CA ILE C 858 -16.78 -29.31 19.77
C ILE C 858 -17.31 -27.98 19.25
N MET C 859 -18.21 -27.35 19.99
CA MET C 859 -18.68 -26.03 19.58
C MET C 859 -17.63 -24.97 19.89
N LYS C 860 -16.92 -25.11 21.00
CA LYS C 860 -15.82 -24.20 21.29
C LYS C 860 -14.66 -24.38 20.34
N ARG C 861 -14.53 -25.55 19.71
CA ARG C 861 -13.52 -25.69 18.67
C ARG C 861 -13.99 -25.04 17.37
N LEU C 862 -15.24 -25.28 16.99
CA LEU C 862 -15.73 -24.77 15.71
C LEU C 862 -15.88 -23.26 15.71
N ILE C 863 -16.18 -22.66 16.87
CA ILE C 863 -16.32 -21.22 16.93
C ILE C 863 -14.96 -20.56 16.73
N LYS C 864 -13.90 -21.15 17.29
CA LYS C 864 -12.55 -20.65 17.10
C LYS C 864 -12.10 -20.81 15.67
N ARG C 865 -12.45 -21.94 15.04
CA ARG C 865 -12.11 -22.17 13.64
C ARG C 865 -12.80 -21.15 12.73
N TYR C 866 -14.07 -20.86 13.00
CA TYR C 866 -14.79 -19.90 12.19
C TYR C 866 -14.27 -18.49 12.39
N VAL C 867 -13.87 -18.16 13.62
CA VAL C 867 -13.33 -16.84 13.90
C VAL C 867 -12.02 -16.63 13.15
N LEU C 868 -11.14 -17.62 13.16
CA LEU C 868 -9.87 -17.49 12.44
C LEU C 868 -10.08 -17.47 10.94
N GLN C 869 -11.05 -18.23 10.44
CA GLN C 869 -11.33 -18.23 9.01
C GLN C 869 -11.89 -16.88 8.55
N ALA C 870 -12.79 -16.30 9.35
CA ALA C 870 -13.33 -15.00 8.99
C ALA C 870 -12.29 -13.89 9.16
N GLN C 871 -11.33 -14.08 10.06
CA GLN C 871 -10.25 -13.11 10.18
C GLN C 871 -9.35 -13.14 8.96
N ILE C 872 -9.06 -14.34 8.44
CA ILE C 872 -8.28 -14.44 7.20
C ILE C 872 -9.06 -13.84 6.03
N ASP C 873 -10.36 -14.14 5.93
CA ASP C 873 -11.13 -13.62 4.81
C ASP C 873 -11.41 -12.13 4.93
N LYS C 874 -11.30 -11.56 6.13
CA LYS C 874 -11.28 -10.11 6.24
C LYS C 874 -9.92 -9.56 5.86
N GLU C 875 -8.85 -10.32 6.10
CA GLU C 875 -7.52 -9.93 5.66
C GLU C 875 -7.27 -10.22 4.19
N SER C 876 -8.25 -10.76 3.47
CA SER C 876 -8.10 -11.02 2.05
C SER C 876 -9.01 -10.14 1.21
N ASP C 877 -9.46 -9.02 1.74
CA ASP C 877 -10.24 -8.05 0.98
C ASP C 877 -9.30 -7.05 0.33
N GLU C 878 -9.80 -6.37 -0.71
CA GLU C 878 -9.00 -5.38 -1.40
C GLU C 878 -8.77 -4.15 -0.51
N VAL C 879 -7.82 -3.34 -0.91
CA VAL C 879 -7.29 -2.29 -0.07
C VAL C 879 -7.94 -0.96 -0.43
N ASN C 880 -8.45 -0.27 0.59
CA ASN C 880 -9.01 1.07 0.45
C ASN C 880 -7.97 2.11 0.80
N GLU C 881 -8.35 3.38 0.64
CA GLU C 881 -7.39 4.47 0.75
C GLU C 881 -7.03 4.76 2.21
N GLY C 882 -7.93 4.44 3.13
CA GLY C 882 -7.75 4.82 4.52
C GLY C 882 -6.59 4.09 5.19
N GLU C 883 -6.29 2.87 4.74
CA GLU C 883 -5.16 2.14 5.29
C GLU C 883 -3.85 2.78 4.88
N LEU C 884 -3.74 3.24 3.63
CA LEU C 884 -2.54 3.96 3.22
C LEU C 884 -2.43 5.30 3.90
N LYS C 885 -3.58 5.93 4.19
CA LYS C 885 -3.56 7.16 4.99
C LYS C 885 -3.00 6.89 6.38
N GLU C 886 -3.40 5.77 6.99
CA GLU C 886 -2.86 5.38 8.30
C GLU C 886 -1.37 5.15 8.23
N ILE C 887 -0.90 4.51 7.16
CA ILE C 887 0.52 4.18 7.05
C ILE C 887 1.35 5.46 6.86
N LYS C 888 0.85 6.39 6.04
CA LYS C 888 1.58 7.64 5.83
C LYS C 888 1.59 8.49 7.10
N GLN C 889 0.50 8.48 7.86
CA GLN C 889 0.51 9.21 9.12
C GLN C 889 1.42 8.58 10.16
N ASP C 890 1.50 7.25 10.22
CA ASP C 890 2.44 6.62 11.14
C ASP C 890 3.88 6.88 10.73
N ILE C 891 4.14 6.99 9.42
CA ILE C 891 5.48 7.30 8.94
C ILE C 891 5.87 8.72 9.34
N SER C 892 4.94 9.66 9.20
CA SER C 892 5.22 11.04 9.58
C SER C 892 5.41 11.18 11.08
N SER C 893 4.65 10.40 11.87
CA SER C 893 4.83 10.40 13.32
C SER C 893 6.19 9.87 13.71
N LEU C 894 6.63 8.80 13.04
CA LEU C 894 7.97 8.26 13.26
C LEU C 894 9.05 9.29 12.92
N ARG C 895 8.84 10.02 11.83
CA ARG C 895 9.81 11.05 11.41
C ARG C 895 9.95 12.13 12.46
N TYR C 896 8.81 12.62 12.97
CA TYR C 896 8.83 13.69 13.96
C TYR C 896 9.50 13.23 15.25
N GLU C 897 9.16 12.02 15.70
CA GLU C 897 9.73 11.48 16.94
C GLU C 897 11.23 11.30 16.84
N LEU C 898 11.72 10.72 15.74
CA LEU C 898 13.14 10.45 15.63
C LEU C 898 13.95 11.72 15.45
N LEU C 899 13.44 12.68 14.64
CA LEU C 899 14.17 13.92 14.42
C LEU C 899 14.28 14.75 15.68
N GLU C 900 13.17 14.92 16.41
CA GLU C 900 13.26 15.68 17.65
C GLU C 900 14.06 14.93 18.70
N GLU C 901 14.01 13.61 18.71
CA GLU C 901 14.71 12.85 19.74
C GLU C 901 16.21 12.98 19.56
N LYS C 902 16.69 12.91 18.33
CA LYS C 902 18.13 13.08 18.11
C LYS C 902 18.56 14.53 18.29
N SER C 903 17.67 15.49 18.02
CA SER C 903 18.00 16.90 18.24
C SER C 903 18.13 17.21 19.73
N GLN C 904 17.15 16.77 20.53
CA GLN C 904 17.21 16.95 21.98
C GLN C 904 18.36 16.14 22.57
N ASN C 905 18.69 15.00 21.94
CA ASN C 905 19.85 14.22 22.31
C ASN C 905 21.15 15.01 22.17
N THR C 906 21.38 15.61 21.00
CA THR C 906 22.64 16.30 20.80
C THR C 906 22.71 17.58 21.62
N GLU C 907 21.57 18.20 21.92
CA GLU C 907 21.60 19.40 22.76
C GLU C 907 21.90 19.03 24.22
N ASP C 908 21.22 18.02 24.75
CA ASP C 908 21.43 17.58 26.13
C ASP C 908 22.83 17.04 26.34
N LEU C 909 23.42 16.46 25.29
CA LEU C 909 24.77 15.92 25.43
C LEU C 909 25.83 17.02 25.25
N ALA C 910 25.64 17.88 24.25
CA ALA C 910 26.62 18.93 23.97
C ALA C 910 26.65 19.97 25.07
N GLU C 911 25.57 20.12 25.82
CA GLU C 911 25.63 20.92 27.04
C GLU C 911 26.62 20.36 28.05
N LEU C 912 26.56 19.05 28.26
CA LEU C 912 27.41 18.43 29.28
C LEU C 912 28.86 18.33 28.84
N ILE C 913 29.12 18.29 27.54
CA ILE C 913 30.51 18.41 27.07
C ILE C 913 30.96 19.88 27.00
N ARG C 914 30.03 20.83 26.85
CA ARG C 914 30.38 22.24 26.93
C ARG C 914 30.80 22.62 28.34
N GLU C 915 30.17 22.02 29.35
CA GLU C 915 30.59 22.24 30.74
C GLU C 915 32.03 21.79 30.97
N LEU C 916 32.42 20.70 30.32
CA LEU C 916 33.81 20.27 30.31
C LEU C 916 34.71 21.28 29.63
N GLY C 917 34.40 21.61 28.37
CA GLY C 917 35.21 22.48 27.54
C GLY C 917 35.41 23.87 28.10
N GLU C 918 34.46 24.33 28.91
CA GLU C 918 34.62 25.54 29.70
C GLU C 918 35.37 25.27 30.99
N LYS C 919 35.21 24.08 31.56
CA LYS C 919 35.81 23.81 32.86
C LYS C 919 37.30 23.49 32.78
N LEU C 920 37.70 22.71 31.78
CA LEU C 920 39.09 22.29 31.71
C LEU C 920 39.97 23.38 31.10
N TYR D 86 -21.80 -16.38 30.41
CA TYR D 86 -22.33 -16.66 29.08
C TYR D 86 -21.32 -16.31 28.01
N MET D 87 -20.22 -15.70 28.45
CA MET D 87 -19.18 -15.25 27.54
C MET D 87 -18.38 -16.44 27.01
N PHE D 88 -17.92 -16.33 25.78
CA PHE D 88 -16.94 -17.24 25.21
C PHE D 88 -15.56 -16.68 25.50
N SER D 89 -14.76 -17.42 26.26
CA SER D 89 -13.38 -17.06 26.54
C SER D 89 -12.55 -18.33 26.63
N ASP D 90 -11.46 -18.37 25.86
CA ASP D 90 -10.61 -19.56 25.89
C ASP D 90 -9.74 -19.60 27.13
N ARG D 91 -9.04 -18.51 27.43
CA ARG D 91 -8.19 -18.42 28.61
C ARG D 91 -9.11 -18.29 29.83
N SER D 92 -9.32 -19.41 30.52
CA SER D 92 -10.20 -19.40 31.69
C SER D 92 -9.57 -18.65 32.85
N THR D 93 -8.26 -18.73 32.98
CA THR D 93 -7.54 -17.97 33.99
C THR D 93 -7.32 -16.55 33.49
N SER D 94 -7.65 -15.57 34.34
CA SER D 94 -7.38 -14.18 34.02
C SER D 94 -5.87 -13.94 33.93
N LEU D 95 -5.48 -13.04 33.04
CA LEU D 95 -4.09 -12.87 32.66
C LEU D 95 -3.42 -11.85 33.56
N SER D 96 -2.21 -12.19 34.01
CA SER D 96 -1.45 -11.27 34.84
C SER D 96 -0.91 -10.11 34.02
N ILE D 97 -0.42 -9.09 34.72
CA ILE D 97 0.06 -7.88 34.08
C ILE D 97 1.36 -8.15 33.34
N GLU D 98 2.18 -9.06 33.86
CA GLU D 98 3.39 -9.48 33.17
C GLU D 98 3.06 -10.15 31.85
N GLU D 99 2.11 -11.10 31.88
CA GLU D 99 1.71 -11.78 30.66
C GLU D 99 0.98 -10.85 29.71
N GLU D 100 0.27 -9.85 30.24
CA GLU D 100 -0.36 -8.86 29.37
C GLU D 100 0.66 -7.99 28.63
N ARG D 101 1.64 -7.44 29.36
CA ARG D 101 2.66 -6.64 28.69
C ARG D 101 3.49 -7.48 27.74
N PHE D 102 3.78 -8.73 28.10
CA PHE D 102 4.53 -9.61 27.21
C PHE D 102 3.74 -9.96 25.96
N LEU D 103 2.43 -10.16 26.07
CA LEU D 103 1.68 -10.57 24.89
C LEU D 103 1.35 -9.40 23.98
N ASP D 104 1.11 -8.21 24.52
CA ASP D 104 0.98 -7.05 23.64
C ASP D 104 2.31 -6.69 23.00
N ALA D 105 3.41 -6.89 23.72
CA ALA D 105 4.72 -6.64 23.13
C ALA D 105 5.05 -7.67 22.05
N ALA D 106 4.58 -8.90 22.23
CA ALA D 106 4.81 -9.90 21.20
C ALA D 106 3.86 -9.72 20.03
N GLU D 107 2.71 -9.09 20.27
CA GLU D 107 1.80 -8.83 19.18
C GLU D 107 2.29 -7.69 18.31
N TYR D 108 2.81 -6.63 18.92
CA TYR D 108 3.23 -5.48 18.15
C TYR D 108 4.74 -5.34 18.01
N GLY D 109 5.48 -6.45 18.14
CA GLY D 109 6.88 -6.51 17.79
C GLY D 109 7.81 -5.64 18.61
N ASN D 110 7.43 -5.37 19.85
CA ASN D 110 8.23 -4.52 20.72
C ASN D 110 9.41 -5.36 21.23
N ILE D 111 10.48 -5.35 20.42
CA ILE D 111 11.64 -6.20 20.69
C ILE D 111 12.31 -6.00 22.05
N PRO D 112 12.68 -4.76 22.47
CA PRO D 112 13.53 -4.67 23.66
C PRO D 112 12.82 -4.96 24.97
N VAL D 113 11.52 -4.68 25.07
CA VAL D 113 10.83 -5.02 26.30
C VAL D 113 10.61 -6.53 26.35
N VAL D 114 10.57 -7.19 25.19
CA VAL D 114 10.55 -8.65 25.20
C VAL D 114 11.89 -9.21 25.64
N ARG D 115 13.00 -8.57 25.25
CA ARG D 115 14.31 -8.95 25.79
C ARG D 115 14.35 -8.77 27.30
N LYS D 116 13.82 -7.65 27.80
CA LYS D 116 13.78 -7.37 29.22
C LYS D 116 12.91 -8.38 29.98
N MET D 117 11.77 -8.74 29.41
CA MET D 117 10.89 -9.69 30.08
C MET D 117 11.45 -11.11 30.02
N LEU D 118 12.20 -11.42 28.96
CA LEU D 118 12.81 -12.74 28.88
C LEU D 118 14.03 -12.87 29.77
N GLU D 119 14.64 -11.76 30.16
CA GLU D 119 15.82 -11.83 31.03
C GLU D 119 15.49 -11.63 32.50
N GLU D 120 14.77 -10.56 32.85
CA GLU D 120 14.68 -10.18 34.25
C GLU D 120 13.56 -10.92 34.98
N CYS D 121 12.61 -11.49 34.24
CA CYS D 121 11.45 -12.10 34.86
C CYS D 121 11.55 -13.62 34.78
N HIS D 122 11.89 -14.26 35.89
CA HIS D 122 12.01 -15.71 35.97
C HIS D 122 10.71 -16.37 36.40
N SER D 123 9.62 -15.61 36.49
CA SER D 123 8.30 -16.17 36.76
C SER D 123 7.37 -15.96 35.56
N LEU D 124 7.95 -15.79 34.38
CA LEU D 124 7.21 -15.49 33.16
C LEU D 124 6.99 -16.79 32.39
N ASN D 125 5.76 -17.29 32.47
CA ASN D 125 5.39 -18.47 31.68
C ASN D 125 5.28 -18.10 30.21
N VAL D 126 6.26 -18.49 29.41
CA VAL D 126 6.28 -18.14 27.99
C VAL D 126 5.28 -18.93 27.17
N ASN D 127 4.61 -19.91 27.76
CA ASN D 127 3.51 -20.62 27.12
C ASN D 127 2.17 -20.00 27.43
N CYS D 128 2.15 -18.72 27.80
CA CYS D 128 0.89 -18.02 28.05
C CYS D 128 0.12 -17.85 26.75
N VAL D 129 -1.20 -17.72 26.87
CA VAL D 129 -2.05 -17.56 25.70
C VAL D 129 -2.82 -16.26 25.81
N ASP D 130 -3.21 -15.74 24.65
CA ASP D 130 -4.00 -14.51 24.58
C ASP D 130 -5.47 -14.82 24.85
N TYR D 131 -6.33 -13.84 24.51
CA TYR D 131 -7.77 -14.06 24.64
C TYR D 131 -8.25 -15.14 23.68
N MET D 132 -7.64 -15.25 22.51
CA MET D 132 -8.03 -16.31 21.60
C MET D 132 -7.46 -17.66 22.00
N GLY D 133 -6.28 -17.68 22.60
CA GLY D 133 -5.68 -18.94 22.97
C GLY D 133 -4.38 -19.23 22.26
N GLN D 134 -3.78 -18.22 21.65
CA GLN D 134 -2.56 -18.41 20.87
C GLN D 134 -1.34 -17.94 21.65
N ASN D 135 -0.22 -18.58 21.37
CA ASN D 135 1.04 -18.39 22.08
C ASN D 135 1.68 -17.09 21.62
N ALA D 136 2.71 -16.67 22.36
CA ALA D 136 3.48 -15.50 21.95
C ALA D 136 4.26 -15.77 20.67
N LEU D 137 4.66 -17.01 20.45
CA LEU D 137 5.31 -17.35 19.18
C LEU D 137 4.32 -17.26 18.03
N GLN D 138 3.08 -17.69 18.25
CA GLN D 138 2.07 -17.60 17.20
C GLN D 138 1.69 -16.16 16.90
N LEU D 139 1.59 -15.34 17.96
CA LEU D 139 1.29 -13.93 17.75
C LEU D 139 2.46 -13.21 17.09
N ALA D 140 3.67 -13.66 17.37
CA ALA D 140 4.84 -13.05 16.77
C ALA D 140 4.99 -13.45 15.31
N VAL D 141 4.62 -14.69 14.98
CA VAL D 141 4.72 -15.15 13.61
C VAL D 141 3.61 -14.54 12.75
N ALA D 142 2.42 -14.37 13.35
CA ALA D 142 1.26 -13.95 12.57
C ALA D 142 1.36 -12.50 12.10
N ASN D 143 2.23 -11.71 12.73
CA ASN D 143 2.39 -10.32 12.34
C ASN D 143 3.72 -10.05 11.66
N GLU D 144 4.50 -11.08 11.34
CA GLU D 144 5.82 -10.97 10.72
C GLU D 144 6.77 -10.12 11.55
N HIS D 145 7.15 -10.60 12.71
CA HIS D 145 8.29 -10.02 13.41
C HIS D 145 9.35 -11.09 13.48
N LEU D 146 10.43 -10.90 12.73
CA LEU D 146 11.47 -11.91 12.63
C LEU D 146 12.36 -11.94 13.86
N GLU D 147 12.68 -10.75 14.40
CA GLU D 147 13.65 -10.66 15.48
C GLU D 147 13.14 -11.30 16.76
N ILE D 148 11.88 -11.05 17.11
CA ILE D 148 11.33 -11.69 18.30
C ILE D 148 11.10 -13.18 18.05
N THR D 149 10.96 -13.60 16.80
CA THR D 149 10.83 -15.02 16.54
C THR D 149 12.15 -15.75 16.76
N GLU D 150 13.24 -15.14 16.31
CA GLU D 150 14.57 -15.67 16.64
C GLU D 150 14.81 -15.65 18.15
N LEU D 151 14.38 -14.58 18.81
CA LEU D 151 14.60 -14.44 20.25
C LEU D 151 13.80 -15.46 21.03
N LEU D 152 12.58 -15.76 20.58
CA LEU D 152 11.77 -16.77 21.26
C LEU D 152 12.30 -18.16 20.97
N LEU D 153 12.86 -18.36 19.78
CA LEU D 153 13.44 -19.67 19.46
C LEU D 153 14.75 -19.89 20.21
N LYS D 154 15.36 -18.82 20.71
CA LYS D 154 16.48 -18.99 21.63
C LYS D 154 16.06 -19.69 22.92
N LYS D 155 14.82 -19.49 23.35
CA LYS D 155 14.30 -20.18 24.52
C LYS D 155 14.04 -21.64 24.19
N GLU D 156 13.92 -22.46 25.24
CA GLU D 156 13.81 -23.90 25.08
C GLU D 156 12.55 -24.52 25.67
N ASN D 157 11.79 -23.78 26.48
CA ASN D 157 10.52 -24.29 26.98
C ASN D 157 9.38 -24.00 26.03
N LEU D 158 9.67 -23.56 24.82
CA LEU D 158 8.63 -23.11 23.89
C LEU D 158 7.83 -24.29 23.37
N SER D 159 6.56 -24.04 23.09
CA SER D 159 5.68 -25.06 22.55
C SER D 159 4.97 -24.51 21.33
N ARG D 160 4.25 -25.41 20.66
CA ARG D 160 3.47 -25.12 19.44
C ARG D 160 4.33 -24.52 18.34
N VAL D 161 5.54 -25.06 18.19
CA VAL D 161 6.46 -24.54 17.18
C VAL D 161 6.03 -24.99 15.79
N GLY D 162 5.48 -26.21 15.70
CA GLY D 162 5.07 -26.73 14.41
C GLY D 162 3.90 -25.98 13.84
N ASP D 163 2.99 -25.53 14.69
CA ASP D 163 1.91 -24.72 14.17
C ASP D 163 2.39 -23.32 13.82
N ALA D 164 3.45 -22.84 14.47
CA ALA D 164 4.05 -21.58 14.04
C ALA D 164 4.66 -21.73 12.66
N LEU D 165 5.28 -22.87 12.39
CA LEU D 165 5.81 -23.14 11.06
C LEU D 165 4.69 -23.24 10.04
N LEU D 166 3.58 -23.89 10.41
CA LEU D 166 2.44 -23.99 9.51
C LEU D 166 1.82 -22.64 9.22
N LEU D 167 1.74 -21.77 10.24
CA LEU D 167 1.18 -20.44 10.03
C LEU D 167 2.10 -19.59 9.16
N ALA D 168 3.41 -19.69 9.38
CA ALA D 168 4.36 -18.91 8.58
C ALA D 168 4.39 -19.40 7.14
N ILE D 169 4.14 -20.69 6.93
CA ILE D 169 4.01 -21.18 5.56
C ILE D 169 2.70 -20.69 4.95
N SER D 170 1.62 -20.72 5.72
CA SER D 170 0.31 -20.37 5.21
C SER D 170 0.19 -18.90 4.85
N LYS D 171 0.92 -18.03 5.53
CA LYS D 171 0.96 -16.64 5.13
C LYS D 171 2.15 -16.34 4.23
N GLY D 172 3.14 -17.22 4.19
CA GLY D 172 4.24 -17.07 3.28
C GLY D 172 5.31 -16.10 3.73
N TYR D 173 5.77 -16.22 4.98
CA TYR D 173 6.89 -15.41 5.47
C TYR D 173 8.14 -16.26 5.36
N VAL D 174 9.04 -15.84 4.48
CA VAL D 174 10.14 -16.71 4.06
C VAL D 174 11.21 -16.78 5.14
N ARG D 175 11.63 -15.64 5.66
CA ARG D 175 12.69 -15.61 6.65
C ARG D 175 12.25 -16.22 7.97
N ILE D 176 10.96 -16.12 8.30
CA ILE D 176 10.46 -16.76 9.51
C ILE D 176 10.47 -18.27 9.37
N VAL D 177 10.21 -18.76 8.16
CA VAL D 177 10.27 -20.19 7.91
C VAL D 177 11.71 -20.68 7.98
N GLU D 178 12.63 -19.95 7.37
CA GLU D 178 14.02 -20.35 7.38
C GLU D 178 14.68 -20.13 8.74
N ALA D 179 14.04 -19.36 9.63
CA ALA D 179 14.50 -19.27 11.01
C ALA D 179 13.86 -20.32 11.91
N ILE D 180 12.62 -20.71 11.63
CA ILE D 180 11.97 -21.74 12.43
C ILE D 180 12.57 -23.10 12.11
N LEU D 181 13.01 -23.30 10.88
CA LEU D 181 13.59 -24.60 10.52
C LEU D 181 14.97 -24.82 11.11
N SER D 182 15.52 -23.83 11.82
CA SER D 182 16.74 -24.03 12.58
C SER D 182 16.47 -24.49 14.01
N HIS D 183 15.21 -24.70 14.38
CA HIS D 183 14.89 -25.22 15.69
C HIS D 183 15.28 -26.70 15.76
N PRO D 184 15.67 -27.21 16.93
CA PRO D 184 16.10 -28.62 17.00
C PRO D 184 15.02 -29.66 16.75
N ALA D 185 13.74 -29.29 16.70
CA ALA D 185 12.71 -30.26 16.39
C ALA D 185 12.71 -30.59 14.89
N PHE D 186 13.24 -29.69 14.07
CA PHE D 186 13.36 -29.90 12.63
C PHE D 186 14.81 -30.06 12.21
N ALA D 187 15.63 -30.70 13.03
CA ALA D 187 17.07 -30.77 12.78
C ALA D 187 17.40 -31.70 11.62
N GLU D 188 16.94 -32.94 11.68
CA GLU D 188 17.19 -33.88 10.61
C GLU D 188 16.04 -33.99 9.62
N GLY D 189 15.04 -33.12 9.72
CA GLY D 189 13.84 -33.26 8.93
C GLY D 189 12.85 -34.23 9.52
N LYS D 190 12.91 -34.47 10.84
CA LYS D 190 12.16 -35.54 11.47
C LYS D 190 10.68 -35.22 11.64
N ARG D 191 10.23 -34.04 11.24
CA ARG D 191 8.83 -33.70 11.40
C ARG D 191 8.23 -33.01 10.18
N LEU D 192 8.95 -32.93 9.07
CA LEU D 192 8.54 -32.03 8.00
C LEU D 192 7.45 -32.65 7.14
N ALA D 193 7.77 -33.74 6.44
CA ALA D 193 6.76 -34.49 5.70
C ALA D 193 7.10 -35.96 5.90
N THR D 194 6.54 -36.56 6.95
CA THR D 194 6.94 -37.89 7.38
C THR D 194 5.71 -38.77 7.50
N SER D 195 5.57 -39.71 6.58
CA SER D 195 4.59 -40.78 6.66
C SER D 195 4.96 -41.95 7.61
N PRO D 196 6.26 -42.40 7.77
CA PRO D 196 6.51 -43.46 8.77
C PRO D 196 6.24 -43.05 10.22
N SER D 197 6.31 -41.76 10.51
CA SER D 197 5.81 -41.23 11.78
C SER D 197 4.44 -40.65 11.48
N GLN D 198 3.40 -41.46 11.67
CA GLN D 198 2.06 -41.13 11.22
C GLN D 198 1.45 -39.97 12.00
N SER D 199 1.01 -38.93 11.28
CA SER D 199 0.49 -37.74 11.93
C SER D 199 -0.98 -37.90 12.29
N GLU D 200 -1.75 -38.57 11.43
CA GLU D 200 -3.18 -38.71 11.67
C GLU D 200 -3.49 -39.89 12.59
N LEU D 201 -2.87 -41.04 12.34
CA LEU D 201 -3.11 -42.23 13.14
C LEU D 201 -2.52 -42.12 14.55
N GLN D 202 -1.23 -41.80 14.64
CA GLN D 202 -0.56 -41.67 15.92
C GLN D 202 -0.71 -40.25 16.43
N GLN D 203 -1.08 -40.12 17.70
CA GLN D 203 -1.24 -38.81 18.33
C GLN D 203 0.14 -38.20 18.60
N ASP D 204 0.76 -37.67 17.55
CA ASP D 204 2.09 -37.08 17.67
C ASP D 204 2.03 -35.77 18.44
N ASP D 205 0.92 -35.05 18.29
CA ASP D 205 0.61 -33.81 18.99
C ASP D 205 1.66 -32.73 18.77
N PHE D 206 2.29 -32.71 17.60
CA PHE D 206 3.29 -31.69 17.34
C PHE D 206 2.67 -30.46 16.71
N TYR D 207 2.07 -30.62 15.53
CA TYR D 207 1.35 -29.53 14.89
C TYR D 207 0.01 -29.38 15.62
N ALA D 208 -0.04 -28.48 16.58
CA ALA D 208 -1.27 -28.32 17.34
C ALA D 208 -1.33 -26.92 17.91
N TYR D 209 -2.56 -26.47 18.13
CA TYR D 209 -2.83 -25.25 18.87
C TYR D 209 -4.07 -25.51 19.72
N ASP D 210 -4.11 -24.85 20.88
CA ASP D 210 -5.19 -24.92 21.87
C ASP D 210 -5.43 -26.33 22.40
N GLU D 211 -4.40 -27.20 22.34
CA GLU D 211 -4.34 -28.59 22.83
C GLU D 211 -5.54 -29.45 22.43
N ASP D 212 -6.23 -29.09 21.34
CA ASP D 212 -7.48 -29.78 21.01
C ASP D 212 -7.61 -30.06 19.51
N GLY D 213 -6.71 -29.58 18.68
CA GLY D 213 -6.88 -29.78 17.24
C GLY D 213 -5.86 -28.97 16.47
N THR D 214 -5.84 -29.25 15.17
CA THR D 214 -4.86 -28.69 14.27
C THR D 214 -5.43 -27.49 13.56
N ARG D 215 -4.54 -26.63 13.05
CA ARG D 215 -5.01 -25.47 12.30
C ARG D 215 -5.47 -25.85 10.90
N PHE D 216 -5.15 -27.07 10.47
CA PHE D 216 -5.56 -27.60 9.18
C PHE D 216 -5.95 -29.05 9.41
N SER D 217 -6.00 -29.84 8.34
CA SER D 217 -6.25 -31.27 8.53
C SER D 217 -5.04 -31.95 9.13
N HIS D 218 -5.23 -33.18 9.59
CA HIS D 218 -4.11 -33.96 10.10
C HIS D 218 -3.19 -34.38 8.96
N ASP D 219 -3.75 -34.56 7.77
CA ASP D 219 -2.95 -34.97 6.63
C ASP D 219 -2.09 -33.83 6.10
N VAL D 220 -2.42 -32.59 6.46
CA VAL D 220 -1.64 -31.45 6.00
C VAL D 220 -0.28 -31.44 6.71
N THR D 221 0.78 -31.51 5.93
CA THR D 221 2.14 -31.42 6.42
C THR D 221 2.67 -30.13 5.81
N PRO D 222 3.81 -29.59 6.30
CA PRO D 222 4.38 -28.35 5.72
C PRO D 222 4.54 -28.27 4.22
N ILE D 223 5.02 -29.31 3.55
CA ILE D 223 5.25 -29.16 2.11
C ILE D 223 3.92 -29.26 1.35
N ILE D 224 2.92 -29.94 1.91
CA ILE D 224 1.60 -29.93 1.30
C ILE D 224 0.97 -28.55 1.39
N LEU D 225 1.10 -27.88 2.53
CA LEU D 225 0.61 -26.52 2.66
C LEU D 225 1.40 -25.54 1.82
N ALA D 226 2.69 -25.79 1.64
CA ALA D 226 3.49 -24.93 0.79
C ALA D 226 3.10 -25.09 -0.67
N ALA D 227 2.72 -26.30 -1.06
CA ALA D 227 2.22 -26.50 -2.42
C ALA D 227 0.82 -25.89 -2.57
N HIS D 228 0.03 -25.90 -1.51
CA HIS D 228 -1.29 -25.30 -1.56
C HIS D 228 -1.21 -23.79 -1.69
N CYS D 229 -0.29 -23.15 -0.98
CA CYS D 229 -0.15 -21.71 -1.07
C CYS D 229 0.68 -21.27 -2.25
N GLN D 230 1.37 -22.20 -2.91
CA GLN D 230 2.13 -21.98 -4.14
C GLN D 230 3.19 -20.91 -3.97
N GLU D 231 4.05 -21.11 -2.99
CA GLU D 231 5.18 -20.20 -2.78
C GLU D 231 6.46 -21.00 -2.97
N TYR D 232 7.31 -20.50 -3.88
CA TYR D 232 8.31 -21.34 -4.50
C TYR D 232 9.55 -21.48 -3.63
N GLU D 233 9.92 -20.41 -2.92
CA GLU D 233 11.11 -20.44 -2.08
C GLU D 233 10.92 -21.38 -0.90
N ILE D 234 9.71 -21.44 -0.37
CA ILE D 234 9.44 -22.32 0.76
C ILE D 234 9.43 -23.77 0.30
N VAL D 235 8.90 -24.02 -0.90
CA VAL D 235 8.89 -25.37 -1.47
C VAL D 235 10.32 -25.83 -1.73
N HIS D 236 11.18 -24.93 -2.21
CA HIS D 236 12.56 -25.29 -2.46
C HIS D 236 13.31 -25.54 -1.15
N THR D 237 13.00 -24.76 -0.12
CA THR D 237 13.66 -24.97 1.16
C THR D 237 13.23 -26.28 1.80
N LEU D 238 11.95 -26.60 1.73
CA LEU D 238 11.49 -27.86 2.29
C LEU D 238 11.93 -29.05 1.46
N LEU D 239 12.19 -28.85 0.17
CA LEU D 239 12.71 -29.94 -0.65
C LEU D 239 14.19 -30.16 -0.37
N ARG D 240 14.92 -29.09 -0.06
CA ARG D 240 16.33 -29.24 0.28
C ARG D 240 16.50 -29.91 1.63
N LYS D 241 15.47 -29.88 2.47
CA LYS D 241 15.43 -30.66 3.69
C LYS D 241 15.08 -32.12 3.45
N GLY D 242 14.88 -32.53 2.20
CA GLY D 242 14.63 -33.92 1.90
C GLY D 242 13.22 -34.38 2.23
N ALA D 243 12.28 -33.46 2.30
CA ALA D 243 10.88 -33.81 2.52
C ALA D 243 10.13 -33.77 1.20
N ARG D 244 9.29 -34.76 0.96
CA ARG D 244 8.54 -34.85 -0.28
C ARG D 244 7.11 -35.26 0.04
N ILE D 245 6.23 -35.12 -0.95
CA ILE D 245 4.85 -35.53 -0.84
C ILE D 245 4.73 -36.96 -1.34
N GLU D 246 4.29 -37.86 -0.47
CA GLU D 246 4.04 -39.25 -0.84
C GLU D 246 2.69 -39.31 -1.54
N ARG D 247 2.66 -39.99 -2.68
CA ARG D 247 1.46 -40.20 -3.47
C ARG D 247 0.46 -41.02 -2.66
N PRO D 248 -0.83 -40.68 -2.68
CA PRO D 248 -1.81 -41.49 -1.96
C PRO D 248 -2.00 -42.84 -2.61
N HIS D 249 -2.66 -43.74 -1.89
CA HIS D 249 -2.83 -45.10 -2.37
C HIS D 249 -3.91 -45.15 -3.45
N ASP D 250 -4.24 -46.38 -3.85
CA ASP D 250 -5.27 -46.59 -4.85
C ASP D 250 -6.65 -46.34 -4.26
N TYR D 251 -7.68 -46.27 -5.11
CA TYR D 251 -9.03 -46.03 -4.65
C TYR D 251 -9.58 -47.21 -3.85
N PHE D 252 -9.04 -48.41 -4.06
CA PHE D 252 -9.26 -49.54 -3.18
C PHE D 252 -7.92 -50.26 -3.05
N CYS D 253 -7.12 -49.84 -2.07
CA CYS D 253 -5.78 -50.39 -1.92
C CYS D 253 -5.77 -51.73 -1.21
N LYS D 254 -6.74 -51.96 -0.32
CA LYS D 254 -6.98 -53.16 0.48
C LYS D 254 -5.89 -53.45 1.51
N CYS D 255 -4.87 -52.60 1.65
CA CYS D 255 -3.97 -52.75 2.77
C CYS D 255 -4.63 -52.25 4.05
N ASN D 256 -4.25 -52.85 5.18
CA ASN D 256 -4.99 -52.66 6.42
C ASN D 256 -4.84 -51.25 6.98
N ASP D 257 -3.75 -50.56 6.62
CA ASP D 257 -3.60 -49.16 7.00
C ASP D 257 -4.65 -48.29 6.31
N CYS D 258 -4.80 -48.44 5.00
CA CYS D 258 -5.79 -47.66 4.26
C CYS D 258 -7.21 -48.07 4.63
N ASN D 259 -7.43 -49.36 4.89
CA ASN D 259 -8.75 -49.82 5.31
C ASN D 259 -9.11 -49.28 6.69
N GLN D 260 -8.12 -49.20 7.59
CA GLN D 260 -8.37 -48.69 8.93
C GLN D 260 -8.62 -47.18 8.89
N LYS D 261 -7.86 -46.47 8.05
CA LYS D 261 -8.07 -45.03 7.91
C LYS D 261 -9.39 -44.73 7.21
N GLN D 262 -9.86 -45.65 6.37
CA GLN D 262 -11.16 -45.50 5.75
C GLN D 262 -12.28 -45.82 6.73
N LYS D 263 -12.06 -46.78 7.62
CA LYS D 263 -13.10 -47.21 8.54
C LYS D 263 -13.27 -46.23 9.70
N HIS D 264 -12.18 -45.58 10.09
CA HIS D 264 -12.27 -44.60 11.17
C HIS D 264 -13.03 -43.34 10.76
N ASP D 265 -12.84 -42.87 9.52
CA ASP D 265 -13.53 -41.70 9.01
C ASP D 265 -13.53 -41.68 7.49
N SER D 266 -14.69 -41.43 6.89
CA SER D 266 -14.77 -41.43 5.43
C SER D 266 -14.49 -40.03 4.87
N PHE D 267 -15.14 -39.02 5.44
CA PHE D 267 -14.98 -37.65 4.98
C PHE D 267 -13.56 -37.15 5.19
N SER D 268 -12.95 -37.50 6.33
CA SER D 268 -11.57 -37.14 6.60
C SER D 268 -10.62 -37.84 5.63
N HIS D 269 -10.90 -39.08 5.27
CA HIS D 269 -10.04 -39.79 4.34
C HIS D 269 -10.14 -39.21 2.94
N SER D 270 -11.34 -38.82 2.51
CA SER D 270 -11.51 -38.23 1.20
C SER D 270 -10.88 -36.84 1.15
N ARG D 271 -10.97 -36.10 2.26
CA ARG D 271 -10.31 -34.80 2.32
C ARG D 271 -8.80 -34.93 2.31
N SER D 272 -8.27 -35.99 2.94
CA SER D 272 -6.85 -36.23 2.90
C SER D 272 -6.38 -36.56 1.50
N ARG D 273 -7.16 -37.37 0.77
CA ARG D 273 -6.81 -37.71 -0.60
C ARG D 273 -6.83 -36.49 -1.51
N ILE D 274 -7.87 -35.66 -1.39
CA ILE D 274 -7.96 -34.51 -2.28
C ILE D 274 -6.93 -33.46 -1.91
N ASN D 275 -6.54 -33.38 -0.63
CA ASN D 275 -5.52 -32.41 -0.24
C ASN D 275 -4.15 -32.85 -0.72
N ALA D 276 -3.87 -34.15 -0.65
CA ALA D 276 -2.59 -34.64 -1.14
C ALA D 276 -2.50 -34.54 -2.66
N TYR D 277 -3.62 -34.72 -3.35
CA TYR D 277 -3.58 -34.60 -4.80
C TYR D 277 -3.50 -33.15 -5.24
N LYS D 278 -4.10 -32.24 -4.47
CA LYS D 278 -3.93 -30.81 -4.74
C LYS D 278 -2.49 -30.39 -4.47
N GLY D 279 -1.86 -31.01 -3.48
CA GLY D 279 -0.44 -30.75 -3.26
C GLY D 279 0.43 -31.29 -4.37
N LEU D 280 0.06 -32.46 -4.91
CA LEU D 280 0.82 -33.03 -6.02
C LEU D 280 0.64 -32.26 -7.32
N ALA D 281 -0.52 -31.65 -7.54
CA ALA D 281 -0.79 -30.99 -8.80
C ALA D 281 -0.42 -29.52 -8.82
N SER D 282 0.24 -29.02 -7.79
CA SER D 282 0.62 -27.62 -7.76
C SER D 282 1.77 -27.38 -8.73
N PRO D 283 1.84 -26.22 -9.38
CA PRO D 283 2.95 -25.95 -10.30
C PRO D 283 4.29 -25.82 -9.58
N ALA D 284 4.25 -25.46 -8.29
CA ALA D 284 5.48 -25.37 -7.52
C ALA D 284 6.12 -26.73 -7.33
N TYR D 285 5.33 -27.71 -6.89
CA TYR D 285 5.88 -29.03 -6.62
C TYR D 285 6.24 -29.74 -7.91
N LEU D 286 5.45 -29.54 -8.97
CA LEU D 286 5.79 -30.12 -10.27
C LEU D 286 7.04 -29.50 -10.84
N SER D 287 7.24 -28.21 -10.62
CA SER D 287 8.39 -27.55 -11.21
C SER D 287 9.65 -27.82 -10.43
N LEU D 288 9.54 -28.08 -9.13
CA LEU D 288 10.73 -28.20 -8.32
C LEU D 288 11.04 -29.62 -7.86
N SER D 289 10.16 -30.59 -8.08
CA SER D 289 10.34 -31.89 -7.48
C SER D 289 10.78 -32.98 -8.44
N SER D 290 10.48 -32.87 -9.72
CA SER D 290 10.78 -33.95 -10.65
C SER D 290 11.94 -33.56 -11.57
N GLU D 291 12.30 -34.50 -12.44
CA GLU D 291 13.34 -34.25 -13.43
C GLU D 291 12.77 -34.05 -14.83
N ASP D 292 11.64 -34.66 -15.14
CA ASP D 292 10.91 -34.40 -16.38
C ASP D 292 9.51 -33.94 -16.01
N PRO D 293 9.31 -32.63 -15.84
CA PRO D 293 8.03 -32.15 -15.30
C PRO D 293 6.87 -32.30 -16.26
N VAL D 294 7.14 -32.33 -17.57
CA VAL D 294 6.07 -32.51 -18.53
C VAL D 294 5.49 -33.92 -18.44
N MET D 295 6.35 -34.92 -18.26
CA MET D 295 5.89 -36.31 -18.18
C MET D 295 5.12 -36.56 -16.89
N THR D 296 5.64 -36.03 -15.78
CA THR D 296 4.97 -36.16 -14.48
C THR D 296 3.65 -35.42 -14.49
N ALA D 297 3.59 -34.25 -15.13
CA ALA D 297 2.35 -33.49 -15.20
C ALA D 297 1.30 -34.20 -16.03
N LEU D 298 1.71 -34.83 -17.13
CA LEU D 298 0.75 -35.53 -17.97
C LEU D 298 0.24 -36.81 -17.30
N GLU D 299 1.13 -37.56 -16.65
CA GLU D 299 0.72 -38.75 -15.91
C GLU D 299 -0.22 -38.39 -14.78
N LEU D 300 0.07 -37.31 -14.06
CA LEU D 300 -0.81 -36.86 -13.00
C LEU D 300 -2.14 -36.38 -13.52
N SER D 301 -2.16 -35.75 -14.70
CA SER D 301 -3.43 -35.28 -15.26
C SER D 301 -4.32 -36.45 -15.65
N ASN D 302 -3.73 -37.48 -16.27
CA ASN D 302 -4.52 -38.66 -16.62
C ASN D 302 -5.00 -39.40 -15.39
N GLU D 303 -4.14 -39.51 -14.37
CA GLU D 303 -4.53 -40.19 -13.14
C GLU D 303 -5.61 -39.43 -12.39
N LEU D 304 -5.56 -38.10 -12.45
CA LEU D 304 -6.59 -37.31 -11.80
C LEU D 304 -7.89 -37.34 -12.59
N ALA D 305 -7.83 -37.51 -13.91
CA ALA D 305 -9.07 -37.68 -14.66
C ALA D 305 -9.73 -39.02 -14.35
N VAL D 306 -8.92 -40.07 -14.18
CA VAL D 306 -9.47 -41.38 -13.81
C VAL D 306 -10.08 -41.34 -12.41
N LEU D 307 -9.39 -40.69 -11.46
CA LEU D 307 -9.97 -40.58 -10.13
C LEU D 307 -11.13 -39.58 -10.09
N ALA D 308 -11.23 -38.73 -11.12
CA ALA D 308 -12.39 -37.85 -11.23
C ALA D 308 -13.62 -38.64 -11.65
N ASN D 309 -13.50 -39.44 -12.73
CA ASN D 309 -14.70 -40.10 -13.23
C ASN D 309 -15.06 -41.33 -12.39
N ILE D 310 -14.10 -41.86 -11.62
CA ILE D 310 -14.43 -43.00 -10.77
C ILE D 310 -15.09 -42.53 -9.47
N GLU D 311 -14.46 -41.61 -8.76
CA GLU D 311 -14.94 -41.19 -7.44
C GLU D 311 -16.09 -40.21 -7.61
N LYS D 312 -17.09 -40.33 -6.73
CA LYS D 312 -18.27 -39.47 -6.84
C LYS D 312 -18.15 -38.25 -5.94
N GLU D 313 -17.57 -38.41 -4.76
CA GLU D 313 -17.33 -37.27 -3.90
C GLU D 313 -16.18 -36.43 -4.46
N PHE D 314 -16.38 -35.11 -4.46
CA PHE D 314 -15.46 -34.13 -5.05
C PHE D 314 -15.18 -34.45 -6.52
N LYS D 315 -16.26 -34.74 -7.26
CA LYS D 315 -16.12 -35.25 -8.61
C LYS D 315 -15.63 -34.18 -9.58
N ASN D 316 -15.85 -32.92 -9.25
CA ASN D 316 -15.42 -31.84 -10.13
C ASN D 316 -14.04 -31.30 -9.80
N ASP D 317 -13.65 -31.34 -8.53
CA ASP D 317 -12.36 -30.76 -8.14
C ASP D 317 -11.20 -31.61 -8.65
N TYR D 318 -11.39 -32.93 -8.68
CA TYR D 318 -10.43 -33.84 -9.28
C TYR D 318 -10.26 -33.61 -10.77
N LYS D 319 -11.24 -33.00 -11.44
CA LYS D 319 -11.06 -32.54 -12.80
C LYS D 319 -10.39 -31.17 -12.88
N LYS D 320 -10.62 -30.32 -11.88
CA LYS D 320 -9.97 -29.01 -11.85
C LYS D 320 -8.48 -29.14 -11.64
N LEU D 321 -8.04 -30.16 -10.89
CA LEU D 321 -6.61 -30.38 -10.72
C LEU D 321 -5.97 -30.86 -12.01
N SER D 322 -6.67 -31.71 -12.76
CA SER D 322 -6.14 -32.16 -14.04
C SER D 322 -6.13 -31.01 -15.05
N MET D 323 -7.10 -30.11 -14.94
CA MET D 323 -7.10 -28.90 -15.76
C MET D 323 -5.94 -27.99 -15.37
N GLN D 324 -5.57 -27.98 -14.09
CA GLN D 324 -4.39 -27.23 -13.67
C GLN D 324 -3.11 -27.85 -14.21
N CYS D 325 -3.05 -29.18 -14.30
CA CYS D 325 -1.87 -29.83 -14.89
C CYS D 325 -1.76 -29.53 -16.38
N LYS D 326 -2.90 -29.56 -17.08
CA LYS D 326 -2.90 -29.19 -18.50
C LYS D 326 -2.54 -27.72 -18.68
N ASP D 327 -3.00 -26.86 -17.77
CA ASP D 327 -2.61 -25.46 -17.78
C ASP D 327 -1.11 -25.29 -17.56
N PHE D 328 -0.53 -26.13 -16.70
CA PHE D 328 0.91 -26.05 -16.44
C PHE D 328 1.72 -26.46 -17.67
N VAL D 329 1.32 -27.53 -18.35
CA VAL D 329 2.10 -27.95 -19.51
C VAL D 329 1.87 -27.00 -20.69
N VAL D 330 0.70 -26.36 -20.75
CA VAL D 330 0.47 -25.35 -21.78
C VAL D 330 1.28 -24.09 -21.50
N GLY D 331 1.43 -23.73 -20.22
CA GLY D 331 2.28 -22.61 -19.87
C GLY D 331 3.75 -22.87 -20.15
N LEU D 332 4.19 -24.12 -19.96
CA LEU D 332 5.53 -24.48 -20.39
C LEU D 332 5.69 -24.40 -21.89
N LEU D 333 4.66 -24.80 -22.66
CA LEU D 333 4.72 -24.64 -24.11
C LEU D 333 4.77 -23.17 -24.52
N ASP D 334 4.04 -22.31 -23.79
CA ASP D 334 3.94 -20.92 -24.19
C ASP D 334 5.19 -20.15 -23.84
N LEU D 335 5.94 -20.60 -22.82
CA LEU D 335 7.14 -19.86 -22.47
C LEU D 335 8.35 -20.20 -23.33
N CYS D 336 8.21 -21.04 -24.35
CA CYS D 336 9.35 -21.37 -25.20
C CYS D 336 9.65 -20.21 -26.15
N ARG D 337 10.93 -19.94 -26.35
CA ARG D 337 11.33 -18.96 -27.34
C ARG D 337 11.80 -19.61 -28.63
N ASN D 338 12.78 -20.49 -28.53
CA ASN D 338 13.35 -21.14 -29.70
C ASN D 338 12.45 -22.25 -30.18
N THR D 339 12.58 -22.58 -31.47
CA THR D 339 11.88 -23.74 -32.02
C THR D 339 12.46 -25.03 -31.47
N GLU D 340 13.74 -25.01 -31.07
CA GLU D 340 14.34 -26.15 -30.38
C GLU D 340 13.64 -26.42 -29.06
N GLU D 341 13.23 -25.38 -28.35
CA GLU D 341 12.52 -25.57 -27.08
C GLU D 341 11.14 -26.14 -27.30
N VAL D 342 10.46 -25.70 -28.36
CA VAL D 342 9.14 -26.23 -28.69
C VAL D 342 9.23 -27.69 -29.09
N GLU D 343 10.26 -28.03 -29.86
CA GLU D 343 10.46 -29.41 -30.28
C GLU D 343 10.89 -30.29 -29.12
N ALA D 344 11.61 -29.70 -28.15
CA ALA D 344 12.02 -30.45 -26.97
C ALA D 344 10.84 -30.74 -26.06
N ILE D 345 9.87 -29.82 -25.99
CA ILE D 345 8.67 -30.14 -25.23
C ILE D 345 7.81 -31.15 -25.97
N LEU D 346 7.57 -30.93 -27.26
CA LEU D 346 6.60 -31.75 -27.99
C LEU D 346 7.14 -33.15 -28.26
N ASN D 347 8.46 -33.31 -28.29
CA ASN D 347 9.04 -34.64 -28.39
C ASN D 347 9.24 -35.25 -27.01
N GLY D 348 10.03 -34.58 -26.16
CA GLY D 348 10.41 -35.12 -24.88
C GLY D 348 11.72 -35.87 -24.88
N ASP D 349 12.27 -36.18 -26.06
CA ASP D 349 13.54 -36.88 -26.16
C ASP D 349 14.25 -36.50 -27.45
N ARG D 853 21.47 -35.12 -20.93
CA ARG D 853 22.19 -34.56 -22.07
C ARG D 853 21.61 -33.22 -22.48
N GLN D 854 21.24 -33.09 -23.75
CA GLN D 854 20.69 -31.83 -24.26
C GLN D 854 19.30 -31.57 -23.72
N TYR D 855 18.48 -32.62 -23.63
CA TYR D 855 17.13 -32.48 -23.12
C TYR D 855 17.12 -32.09 -21.65
N GLN D 856 18.08 -32.59 -20.87
CA GLN D 856 18.19 -32.22 -19.47
C GLN D 856 18.54 -30.74 -19.32
N LYS D 857 19.43 -30.24 -20.18
CA LYS D 857 19.82 -28.84 -20.12
C LYS D 857 18.67 -27.92 -20.54
N ILE D 858 17.93 -28.31 -21.58
CA ILE D 858 16.86 -27.44 -22.06
C ILE D 858 15.67 -27.47 -21.11
N MET D 859 15.49 -28.59 -20.38
CA MET D 859 14.43 -28.61 -19.40
C MET D 859 14.82 -27.83 -18.16
N LYS D 860 16.10 -27.87 -17.77
CA LYS D 860 16.56 -27.05 -16.67
C LYS D 860 16.54 -25.57 -17.00
N ARG D 861 16.60 -25.22 -18.29
CA ARG D 861 16.42 -23.82 -18.65
C ARG D 861 14.95 -23.42 -18.60
N LEU D 862 14.07 -24.27 -19.15
CA LEU D 862 12.66 -23.92 -19.22
C LEU D 862 12.00 -23.90 -17.84
N ILE D 863 12.47 -24.75 -16.93
CA ILE D 863 11.89 -24.77 -15.58
C ILE D 863 12.22 -23.48 -14.85
N LYS D 864 13.44 -22.98 -15.04
CA LYS D 864 13.85 -21.71 -14.45
C LYS D 864 13.08 -20.54 -15.06
N ARG D 865 12.87 -20.59 -16.38
CA ARG D 865 12.09 -19.55 -17.04
C ARG D 865 10.65 -19.52 -16.54
N TYR D 866 10.05 -20.70 -16.36
CA TYR D 866 8.67 -20.75 -15.89
C TYR D 866 8.57 -20.31 -14.43
N VAL D 867 9.58 -20.63 -13.62
CA VAL D 867 9.57 -20.22 -12.22
C VAL D 867 9.64 -18.70 -12.11
N LEU D 868 10.52 -18.08 -12.89
CA LEU D 868 10.62 -16.62 -12.84
C LEU D 868 9.37 -15.94 -13.41
N GLN D 869 8.76 -16.53 -14.44
CA GLN D 869 7.54 -15.97 -14.99
C GLN D 869 6.38 -16.07 -14.01
N ALA D 870 6.27 -17.20 -13.31
CA ALA D 870 5.20 -17.33 -12.33
C ALA D 870 5.46 -16.48 -11.10
N GLN D 871 6.73 -16.20 -10.80
CA GLN D 871 7.03 -15.29 -9.70
C GLN D 871 6.63 -13.86 -10.05
N ILE D 872 6.86 -13.45 -11.30
CA ILE D 872 6.39 -12.12 -11.72
C ILE D 872 4.87 -12.06 -11.72
N ASP D 873 4.21 -13.09 -12.22
CA ASP D 873 2.75 -13.06 -12.27
C ASP D 873 2.11 -13.24 -10.89
N LYS D 874 2.85 -13.76 -9.90
CA LYS D 874 2.39 -13.68 -8.53
C LYS D 874 2.63 -12.29 -7.96
N GLU D 875 3.68 -11.61 -8.42
CA GLU D 875 3.93 -10.23 -8.01
C GLU D 875 3.08 -9.23 -8.78
N SER D 876 2.23 -9.69 -9.69
CA SER D 876 1.34 -8.79 -10.44
C SER D 876 -0.13 -9.01 -10.07
N ASP D 877 -0.40 -9.58 -8.90
CA ASP D 877 -1.76 -9.71 -8.41
C ASP D 877 -2.12 -8.48 -7.58
N GLU D 878 -3.42 -8.26 -7.41
CA GLU D 878 -3.89 -7.13 -6.63
C GLU D 878 -3.57 -7.31 -5.15
N VAL D 879 -3.67 -6.25 -4.41
CA VAL D 879 -3.16 -6.18 -3.05
C VAL D 879 -4.29 -6.40 -2.06
N ASN D 880 -4.07 -7.32 -1.13
CA ASN D 880 -4.99 -7.60 -0.04
C ASN D 880 -4.55 -6.84 1.21
N GLU D 881 -5.38 -6.96 2.25
CA GLU D 881 -5.19 -6.13 3.45
C GLU D 881 -4.02 -6.61 4.29
N GLY D 882 -3.70 -7.90 4.20
CA GLY D 882 -2.70 -8.48 5.08
C GLY D 882 -1.29 -7.97 4.83
N GLU D 883 -1.02 -7.58 3.59
CA GLU D 883 0.30 -7.02 3.29
C GLU D 883 0.47 -5.64 3.92
N LEU D 884 -0.57 -4.83 3.90
CA LEU D 884 -0.50 -3.54 4.59
C LEU D 884 -0.46 -3.72 6.09
N LYS D 885 -1.11 -4.76 6.61
CA LYS D 885 -0.97 -5.08 8.02
C LYS D 885 0.47 -5.43 8.37
N GLU D 886 1.14 -6.19 7.51
CA GLU D 886 2.54 -6.51 7.71
C GLU D 886 3.41 -5.26 7.68
N ILE D 887 3.11 -4.34 6.77
CA ILE D 887 3.92 -3.12 6.65
C ILE D 887 3.74 -2.22 7.87
N LYS D 888 2.51 -2.10 8.35
CA LYS D 888 2.27 -1.28 9.53
C LYS D 888 2.89 -1.90 10.78
N GLN D 889 2.86 -3.22 10.89
CA GLN D 889 3.53 -3.85 12.02
C GLN D 889 5.04 -3.72 11.96
N ASP D 890 5.65 -3.80 10.77
CA ASP D 890 7.08 -3.60 10.67
C ASP D 890 7.47 -2.16 10.97
N ILE D 891 6.59 -1.20 10.63
CA ILE D 891 6.84 0.19 10.94
C ILE D 891 6.80 0.42 12.45
N SER D 892 5.82 -0.20 13.12
CA SER D 892 5.74 -0.04 14.57
C SER D 892 6.91 -0.73 15.28
N SER D 893 7.38 -1.85 14.73
CA SER D 893 8.56 -2.52 15.29
C SER D 893 9.80 -1.64 15.15
N LEU D 894 9.95 -1.01 13.99
CA LEU D 894 11.05 -0.07 13.78
C LEU D 894 10.99 1.10 14.74
N ARG D 895 9.78 1.60 15.00
CA ARG D 895 9.59 2.72 15.92
C ARG D 895 10.03 2.35 17.33
N TYR D 896 9.61 1.17 17.80
CA TYR D 896 9.96 0.73 19.14
C TYR D 896 11.45 0.52 19.28
N GLU D 897 12.08 -0.12 18.28
CA GLU D 897 13.50 -0.39 18.34
C GLU D 897 14.33 0.90 18.36
N LEU D 898 13.99 1.86 17.48
CA LEU D 898 14.78 3.08 17.41
C LEU D 898 14.60 3.95 18.64
N LEU D 899 13.36 4.07 19.14
CA LEU D 899 13.10 4.90 20.31
C LEU D 899 13.80 4.36 21.55
N GLU D 900 13.67 3.05 21.81
CA GLU D 900 14.34 2.51 22.98
C GLU D 900 15.85 2.52 22.79
N GLU D 901 16.34 2.34 21.56
CA GLU D 901 17.78 2.29 21.35
C GLU D 901 18.42 3.64 21.63
N LYS D 902 17.78 4.72 21.18
CA LYS D 902 18.34 6.04 21.47
C LYS D 902 18.15 6.43 22.94
N SER D 903 17.09 5.92 23.58
CA SER D 903 16.90 6.20 25.01
C SER D 903 17.96 5.50 25.86
N GLN D 904 18.19 4.21 25.59
CA GLN D 904 19.24 3.47 26.30
C GLN D 904 20.62 4.02 25.95
N ASN D 905 20.76 4.54 24.73
CA ASN D 905 21.98 5.22 24.31
C ASN D 905 22.28 6.43 25.18
N THR D 906 21.30 7.34 25.33
CA THR D 906 21.57 8.56 26.08
C THR D 906 21.72 8.26 27.57
N GLU D 907 21.08 7.20 28.07
CA GLU D 907 21.27 6.87 29.48
C GLU D 907 22.66 6.28 29.73
N ASP D 908 23.08 5.33 28.88
CA ASP D 908 24.39 4.70 29.02
C ASP D 908 25.52 5.69 28.81
N LEU D 909 25.29 6.71 27.98
CA LEU D 909 26.32 7.71 27.75
C LEU D 909 26.34 8.77 28.83
N ALA D 910 25.16 9.26 29.24
CA ALA D 910 25.08 10.31 30.24
C ALA D 910 25.53 9.82 31.61
N GLU D 911 25.44 8.51 31.85
CA GLU D 911 26.07 7.94 33.06
C GLU D 911 27.57 8.16 33.04
N LEU D 912 28.21 7.88 31.91
CA LEU D 912 29.67 7.96 31.84
C LEU D 912 30.16 9.39 31.81
N ILE D 913 29.35 10.33 31.33
CA ILE D 913 29.72 11.74 31.48
C ILE D 913 29.35 12.28 32.86
N ARG D 914 28.36 11.68 33.54
CA ARG D 914 28.07 12.05 34.92
C ARG D 914 29.20 11.65 35.85
N GLU D 915 29.85 10.51 35.58
CA GLU D 915 31.02 10.10 36.35
C GLU D 915 32.14 11.13 36.23
N LEU D 916 32.29 11.72 35.04
CA LEU D 916 33.22 12.82 34.85
C LEU D 916 32.81 14.04 35.67
N GLY D 917 31.57 14.51 35.47
CA GLY D 917 31.07 15.73 36.08
C GLY D 917 31.05 15.70 37.60
N GLU D 918 30.95 14.50 38.17
CA GLU D 918 31.16 14.30 39.59
C GLU D 918 32.65 14.19 39.94
N LYS D 919 33.45 13.63 39.02
CA LYS D 919 34.85 13.37 39.34
C LYS D 919 35.71 14.62 39.23
N LEU D 920 35.49 15.44 38.22
CA LEU D 920 36.35 16.59 38.01
C LEU D 920 35.95 17.75 38.91
UNK UNX E . 17.41 -7.43 -45.12
UNK UNX F . -21.16 38.86 -20.91
UNK UNX G . -42.12 -2.46 24.93
UNK UNX H . -3.38 -48.88 0.75
#